data_4GPX
# 
_entry.id   4GPX 
# 
_audit_conform.dict_name       mmcif_pdbx.dic 
_audit_conform.dict_version    5.388 
_audit_conform.dict_location   http://mmcif.pdb.org/dictionaries/ascii/mmcif_pdbx.dic 
# 
loop_
_database_2.database_id 
_database_2.database_code 
_database_2.pdbx_database_accession 
_database_2.pdbx_DOI 
PDB   4GPX         pdb_00004gpx 10.2210/pdb4gpx/pdb 
NDB   NA2006       ?            ?                   
RCSB  RCSB074490   ?            ?                   
WWPDB D_1000074490 ?            ?                   
# 
loop_
_pdbx_audit_revision_history.ordinal 
_pdbx_audit_revision_history.data_content_type 
_pdbx_audit_revision_history.major_revision 
_pdbx_audit_revision_history.minor_revision 
_pdbx_audit_revision_history.revision_date 
1 'Structure model' 1 0 2013-04-03 
2 'Structure model' 1 1 2013-07-17 
3 'Structure model' 1 2 2024-03-20 
# 
_pdbx_audit_revision_details.ordinal             1 
_pdbx_audit_revision_details.revision_ordinal    1 
_pdbx_audit_revision_details.data_content_type   'Structure model' 
_pdbx_audit_revision_details.provider            repository 
_pdbx_audit_revision_details.type                'Initial release' 
_pdbx_audit_revision_details.description         ? 
_pdbx_audit_revision_details.details             ? 
# 
loop_
_pdbx_audit_revision_group.ordinal 
_pdbx_audit_revision_group.revision_ordinal 
_pdbx_audit_revision_group.data_content_type 
_pdbx_audit_revision_group.group 
1 2 'Structure model' 'Database references'  
2 3 'Structure model' 'Data collection'      
3 3 'Structure model' 'Database references'  
4 3 'Structure model' 'Derived calculations' 
# 
loop_
_pdbx_audit_revision_category.ordinal 
_pdbx_audit_revision_category.revision_ordinal 
_pdbx_audit_revision_category.data_content_type 
_pdbx_audit_revision_category.category 
1 3 'Structure model' chem_comp_atom 
2 3 'Structure model' chem_comp_bond 
3 3 'Structure model' database_2     
4 3 'Structure model' struct_site    
# 
loop_
_pdbx_audit_revision_item.ordinal 
_pdbx_audit_revision_item.revision_ordinal 
_pdbx_audit_revision_item.data_content_type 
_pdbx_audit_revision_item.item 
1 3 'Structure model' '_database_2.pdbx_DOI'                
2 3 'Structure model' '_database_2.pdbx_database_accession' 
3 3 'Structure model' '_struct_site.pdbx_auth_asym_id'      
4 3 'Structure model' '_struct_site.pdbx_auth_comp_id'      
5 3 'Structure model' '_struct_site.pdbx_auth_seq_id'       
# 
_pdbx_database_status.status_code                     REL 
_pdbx_database_status.entry_id                        4GPX 
_pdbx_database_status.recvd_initial_deposition_date   2012-08-22 
_pdbx_database_status.deposit_site                    RCSB 
_pdbx_database_status.process_site                    PDBJ 
_pdbx_database_status.methods_development_category    ? 
_pdbx_database_status.status_code_sf                  REL 
_pdbx_database_status.status_code_mr                  ? 
_pdbx_database_status.SG_entry                        ? 
_pdbx_database_status.status_code_cs                  ? 
_pdbx_database_status.pdb_format_compatible           Y 
_pdbx_database_status.status_code_nmr_data            ? 
# 
loop_
_pdbx_database_related.db_name 
_pdbx_database_related.db_id 
_pdbx_database_related.details 
_pdbx_database_related.content_type 
PDB 4F8U . unspecified 
PDB 4F8V . unspecified 
PDB 4GPW . unspecified 
PDB 4GPY . unspecified 
# 
loop_
_audit_author.name 
_audit_author.pdbx_ordinal 
'Kondo, J.'     1 
'Koganei, M.'   2 
'Maianti, J.P.' 3 
'Ly, V.L.'      4 
'Hanessian, S.' 5 
# 
_citation.id                        primary 
_citation.title                     
;Crystal structures of a bioactive 6'-hydroxy variant of sisomicin bound to the bacterial and protozoal ribosomal decoding sites
;
_citation.journal_abbrev            Chemmedchem 
_citation.journal_volume            8 
_citation.page_first                733 
_citation.page_last                 739 
_citation.year                      2013 
_citation.journal_id_ASTM           ? 
_citation.country                   DE 
_citation.journal_id_ISSN           1860-7179 
_citation.journal_id_CSD            ? 
_citation.book_publisher            ? 
_citation.pdbx_database_id_PubMed   23436717 
_citation.pdbx_database_id_DOI      10.1002/cmdc.201200579 
# 
loop_
_citation_author.citation_id 
_citation_author.name 
_citation_author.ordinal 
_citation_author.identifier_ORCID 
primary 'Kondo, J.'     1 ? 
primary 'Koganei, M.'   2 ? 
primary 'Maianti, J.P.' 3 ? 
primary 'Ly, V.L.'      4 ? 
primary 'Hanessian, S.' 5 ? 
# 
loop_
_entity.id 
_entity.type 
_entity.src_method 
_entity.pdbx_description 
_entity.formula_weight 
_entity.pdbx_number_of_molecules 
_entity.pdbx_ec 
_entity.pdbx_mutation 
_entity.pdbx_fragment 
_entity.details 
1 polymer     syn 
;RNA (5'-R(*UP*UP*GP*CP*GP*UP*CP*GP*CP*GP*CP*CP*GP*GP*CP*GP*AP*AP*GP*UP*CP*GP*C)-3')
;
7386.424 2  ? ? ? ? 
2 non-polymer syn 
;(1S,2S,3R,4S,6R)-4,6-diamino-3-{[(2S,3R)-3-amino-6-(hydroxymethyl)-3,4-dihydro-2H-pyran-2-yl]oxy}-2-hydroxycyclohexyl 3-deoxy-4-C-methyl-3-(methylamino)-beta-L-arabinopyranoside
;
448.511  2  ? ? ? ? 
3 water       nat water 18.015   11 ? ? ? ? 
# 
_entity_poly.entity_id                      1 
_entity_poly.type                           polyribonucleotide 
_entity_poly.nstd_linkage                   no 
_entity_poly.nstd_monomer                   no 
_entity_poly.pdbx_seq_one_letter_code       UUGCGUCGCGCCGGCGAAGUCGC 
_entity_poly.pdbx_seq_one_letter_code_can   UUGCGUCGCGCCGGCGAAGUCGC 
_entity_poly.pdbx_strand_id                 A,B 
_entity_poly.pdbx_target_identifier         ? 
# 
loop_
_pdbx_entity_nonpoly.entity_id 
_pdbx_entity_nonpoly.name 
_pdbx_entity_nonpoly.comp_id 
2 
;(1S,2S,3R,4S,6R)-4,6-diamino-3-{[(2S,3R)-3-amino-6-(hydroxymethyl)-3,4-dihydro-2H-pyran-2-yl]oxy}-2-hydroxycyclohexyl 3-deoxy-4-C-methyl-3-(methylamino)-beta-L-arabinopyranoside
;
6HS 
3 water HOH 
# 
loop_
_entity_poly_seq.entity_id 
_entity_poly_seq.num 
_entity_poly_seq.mon_id 
_entity_poly_seq.hetero 
1 1  U n 
1 2  U n 
1 3  G n 
1 4  C n 
1 5  G n 
1 6  U n 
1 7  C n 
1 8  G n 
1 9  C n 
1 10 G n 
1 11 C n 
1 12 C n 
1 13 G n 
1 14 G n 
1 15 C n 
1 16 G n 
1 17 A n 
1 18 A n 
1 19 G n 
1 20 U n 
1 21 C n 
1 22 G n 
1 23 C n 
# 
loop_
_chem_comp.id 
_chem_comp.type 
_chem_comp.mon_nstd_flag 
_chem_comp.name 
_chem_comp.pdbx_synonyms 
_chem_comp.formula 
_chem_comp.formula_weight 
6HS non-polymer   . 
;(1S,2S,3R,4S,6R)-4,6-diamino-3-{[(2S,3R)-3-amino-6-(hydroxymethyl)-3,4-dihydro-2H-pyran-2-yl]oxy}-2-hydroxycyclohexyl 3-deoxy-4-C-methyl-3-(methylamino)-beta-L-arabinopyranoside
;
"6'-hydroxysisomicin" 'C19 H36 N4 O8'   448.511 
A   'RNA linking' y "ADENOSINE-5'-MONOPHOSPHATE" ?                     'C10 H14 N5 O7 P' 347.221 
C   'RNA linking' y "CYTIDINE-5'-MONOPHOSPHATE" ?                     'C9 H14 N3 O8 P'  323.197 
G   'RNA linking' y "GUANOSINE-5'-MONOPHOSPHATE" ?                     'C10 H14 N5 O8 P' 363.221 
HOH non-polymer   . WATER ?                     'H2 O'            18.015  
U   'RNA linking' y "URIDINE-5'-MONOPHOSPHATE" ?                     'C9 H13 N2 O9 P'  324.181 
# 
loop_
_pdbx_poly_seq_scheme.asym_id 
_pdbx_poly_seq_scheme.entity_id 
_pdbx_poly_seq_scheme.seq_id 
_pdbx_poly_seq_scheme.mon_id 
_pdbx_poly_seq_scheme.ndb_seq_num 
_pdbx_poly_seq_scheme.pdb_seq_num 
_pdbx_poly_seq_scheme.auth_seq_num 
_pdbx_poly_seq_scheme.pdb_mon_id 
_pdbx_poly_seq_scheme.auth_mon_id 
_pdbx_poly_seq_scheme.pdb_strand_id 
_pdbx_poly_seq_scheme.pdb_ins_code 
_pdbx_poly_seq_scheme.hetero 
A 1 1  U 1  1  ?  ? ? A . n 
A 1 2  U 2  2  ?  ? ? A . n 
A 1 3  G 3  3  3  G G A . n 
A 1 4  C 4  4  4  C C A . n 
A 1 5  G 5  5  5  G G A . n 
A 1 6  U 6  6  6  U U A . n 
A 1 7  C 7  7  7  C C A . n 
A 1 8  G 8  8  8  G G A . n 
A 1 9  C 9  9  9  C C A . n 
A 1 10 G 10 10 10 G G A . n 
A 1 11 C 11 11 11 C C A . n 
A 1 12 C 12 12 12 C C A . n 
A 1 13 G 13 13 13 G G A . n 
A 1 14 G 14 14 14 G G A . n 
A 1 15 C 15 15 15 C C A . n 
A 1 16 G 16 16 16 G G A . n 
A 1 17 A 17 17 17 A A A . n 
A 1 18 A 18 18 18 A A A . n 
A 1 19 G 19 19 19 G G A . n 
A 1 20 U 20 20 20 U U A . n 
A 1 21 C 21 21 21 C C A . n 
A 1 22 G 22 22 22 G G A . n 
A 1 23 C 23 23 23 C C A . n 
B 1 1  U 1  24 ?  ? ? B . n 
B 1 2  U 2  25 ?  ? ? B . n 
B 1 3  G 3  26 26 G G B . n 
B 1 4  C 4  27 27 C C B . n 
B 1 5  G 5  28 28 G G B . n 
B 1 6  U 6  29 29 U U B . n 
B 1 7  C 7  30 30 C C B . n 
B 1 8  G 8  31 31 G G B . n 
B 1 9  C 9  32 32 C C B . n 
B 1 10 G 10 33 33 G G B . n 
B 1 11 C 11 34 34 C C B . n 
B 1 12 C 12 35 35 C C B . n 
B 1 13 G 13 36 36 G G B . n 
B 1 14 G 14 37 37 G G B . n 
B 1 15 C 15 38 38 C C B . n 
B 1 16 G 16 39 39 G G B . n 
B 1 17 A 17 40 40 A A B . n 
B 1 18 A 18 41 41 A A B . n 
B 1 19 G 19 42 42 G G B . n 
B 1 20 U 20 43 43 U U B . n 
B 1 21 C 21 44 44 C C B . n 
B 1 22 G 22 45 45 G G B . n 
B 1 23 C 23 46 46 C C B . n 
# 
loop_
_pdbx_nonpoly_scheme.asym_id 
_pdbx_nonpoly_scheme.entity_id 
_pdbx_nonpoly_scheme.mon_id 
_pdbx_nonpoly_scheme.ndb_seq_num 
_pdbx_nonpoly_scheme.pdb_seq_num 
_pdbx_nonpoly_scheme.auth_seq_num 
_pdbx_nonpoly_scheme.pdb_mon_id 
_pdbx_nonpoly_scheme.auth_mon_id 
_pdbx_nonpoly_scheme.pdb_strand_id 
_pdbx_nonpoly_scheme.pdb_ins_code 
C 2 6HS 1 101 51  6HS 6HS A . 
D 2 6HS 1 101 50  6HS 6HS B . 
E 3 HOH 1 201 102 HOH HOH A . 
E 3 HOH 2 202 103 HOH HOH A . 
E 3 HOH 3 203 104 HOH HOH A . 
E 3 HOH 4 204 106 HOH HOH A . 
F 3 HOH 1 201 108 HOH HOH B . 
F 3 HOH 2 202 101 HOH HOH B . 
F 3 HOH 3 203 105 HOH HOH B . 
F 3 HOH 4 204 107 HOH HOH B . 
F 3 HOH 5 205 109 HOH HOH B . 
F 3 HOH 6 206 110 HOH HOH B . 
F 3 HOH 7 207 111 HOH HOH B . 
# 
loop_
_software.name 
_software.classification 
_software.version 
_software.citation_id 
_software.pdbx_ordinal 
ADSC         'data collection' Quantum ? 1 
PHENIX       'model building'  .       ? 2 
CNS          refinement        1.3     ? 3 
CrystalClear 'data reduction'  .       ? 4 
CrystalClear 'data scaling'    .       ? 5 
PHENIX       phasing           .       ? 6 
# 
_cell.entry_id           4GPX 
_cell.length_a           47.200 
_cell.length_b           51.623 
_cell.length_c           58.903 
_cell.angle_alpha        90.00 
_cell.angle_beta         90.00 
_cell.angle_gamma        90.00 
_cell.Z_PDB              8 
_cell.pdbx_unique_axis   ? 
_cell.length_a_esd       ? 
_cell.length_b_esd       ? 
_cell.length_c_esd       ? 
_cell.angle_alpha_esd    ? 
_cell.angle_beta_esd     ? 
_cell.angle_gamma_esd    ? 
# 
_symmetry.entry_id                         4GPX 
_symmetry.space_group_name_H-M             'P 21 21 21' 
_symmetry.pdbx_full_space_group_name_H-M   ? 
_symmetry.cell_setting                     ? 
_symmetry.Int_Tables_number                19 
_symmetry.space_group_name_Hall            ? 
# 
_exptl.entry_id          4GPX 
_exptl.method            'X-RAY DIFFRACTION' 
_exptl.crystals_number   1 
# 
_exptl_crystal.id                    1 
_exptl_crystal.density_meas          ? 
_exptl_crystal.density_Matthews      2.43 
_exptl_crystal.density_percent_sol   49.36 
_exptl_crystal.description           ? 
_exptl_crystal.F_000                 ? 
_exptl_crystal.preparation           ? 
# 
_exptl_crystal_grow.crystal_id      1 
_exptl_crystal_grow.method          'VAPOR DIFFUSION, HANGING DROP' 
_exptl_crystal_grow.temp            293 
_exptl_crystal_grow.temp_details    ? 
_exptl_crystal_grow.pH              7.0 
_exptl_crystal_grow.pdbx_details    'Na Cacodylate, Spermine, NaCl, MPD, pH 7.0, VAPOR DIFFUSION, HANGING DROP, temperature 293K' 
_exptl_crystal_grow.pdbx_pH_range   ? 
# 
_diffrn.id                     1 
_diffrn.ambient_temp           100 
_diffrn.ambient_temp_details   ? 
_diffrn.crystal_id             1 
# 
_diffrn_detector.diffrn_id              1 
_diffrn_detector.detector               CCD 
_diffrn_detector.type                   'ADSC QUANTUM 210' 
_diffrn_detector.pdbx_collection_date   2012-06-16 
_diffrn_detector.details                ? 
# 
_diffrn_radiation.diffrn_id                        1 
_diffrn_radiation.wavelength_id                    1 
_diffrn_radiation.pdbx_monochromatic_or_laue_m_l   M 
_diffrn_radiation.monochromator                    ? 
_diffrn_radiation.pdbx_diffrn_protocol             'SINGLE WAVELENGTH' 
_diffrn_radiation.pdbx_scattering_type             x-ray 
# 
_diffrn_radiation_wavelength.id           1 
_diffrn_radiation_wavelength.wavelength   1.0 
_diffrn_radiation_wavelength.wt           1.0 
# 
_diffrn_source.diffrn_id                   1 
_diffrn_source.source                      SYNCHROTRON 
_diffrn_source.type                        'PHOTON FACTORY BEAMLINE AR-NW12A' 
_diffrn_source.pdbx_synchrotron_site       'Photon Factory' 
_diffrn_source.pdbx_synchrotron_beamline   AR-NW12A 
_diffrn_source.pdbx_wavelength             ? 
_diffrn_source.pdbx_wavelength_list        1.0 
# 
_reflns.entry_id                     4GPX 
_reflns.observed_criterion_sigma_I   ? 
_reflns.observed_criterion_sigma_F   ? 
_reflns.d_resolution_low             36.8 
_reflns.d_resolution_high            2.6 
_reflns.number_obs                   4696 
_reflns.number_all                   ? 
_reflns.percent_possible_obs         ? 
_reflns.pdbx_Rmerge_I_obs            ? 
_reflns.pdbx_Rsym_value              ? 
_reflns.pdbx_netI_over_sigmaI        ? 
_reflns.B_iso_Wilson_estimate        ? 
_reflns.pdbx_redundancy              ? 
_reflns.R_free_details               ? 
_reflns.limit_h_max                  ? 
_reflns.limit_h_min                  ? 
_reflns.limit_k_max                  ? 
_reflns.limit_k_min                  ? 
_reflns.limit_l_max                  ? 
_reflns.limit_l_min                  ? 
_reflns.observed_criterion_F_max     ? 
_reflns.observed_criterion_F_min     ? 
_reflns.pdbx_chi_squared             ? 
_reflns.pdbx_scaling_rejects         ? 
_reflns.pdbx_ordinal                 1 
_reflns.pdbx_diffrn_id               1 
# 
_refine.entry_id                                 4GPX 
_refine.ls_number_reflns_obs                     4695 
_refine.ls_number_reflns_all                     ? 
_refine.pdbx_ls_sigma_I                          ? 
_refine.pdbx_ls_sigma_F                          ? 
_refine.pdbx_data_cutoff_high_absF               ? 
_refine.pdbx_data_cutoff_low_absF                ? 
_refine.pdbx_data_cutoff_high_rms_absF           ? 
_refine.ls_d_res_low                             36.8 
_refine.ls_d_res_high                            2.6 
_refine.ls_percent_reflns_obs                    99.1000 
_refine.ls_R_factor_obs                          ? 
_refine.ls_R_factor_all                          ? 
_refine.ls_R_factor_R_work                       0.223 
_refine.ls_R_factor_R_free                       0.252 
_refine.ls_R_factor_R_free_error                 ? 
_refine.ls_R_factor_R_free_error_details         ? 
_refine.ls_percent_reflns_R_free                 10.4000 
_refine.ls_number_reflns_R_free                  492 
_refine.ls_number_parameters                     ? 
_refine.ls_number_restraints                     ? 
_refine.correlation_coeff_Fo_to_Fc               ? 
_refine.correlation_coeff_Fo_to_Fc_free          ? 
_refine.B_iso_mean                               67.4001 
_refine.solvent_model_param_bsol                 37.9883 
_refine.solvent_model_param_ksol                 ? 
_refine.pdbx_isotropic_thermal_model             ? 
_refine.aniso_B[1][1]                            27.4180 
_refine.aniso_B[2][2]                            3.8960 
_refine.aniso_B[3][3]                            -31.3140 
_refine.aniso_B[1][2]                            0.0000 
_refine.aniso_B[1][3]                            0.0000 
_refine.aniso_B[2][3]                            0.0000 
_refine.pdbx_solvent_vdw_probe_radii             ? 
_refine.pdbx_solvent_ion_probe_radii             ? 
_refine.pdbx_solvent_shrinkage_radii             ? 
_refine.pdbx_ls_cross_valid_method               ? 
_refine.details                                  ? 
_refine.pdbx_starting_model                      ? 
_refine.pdbx_method_to_determine_struct          'MOLECULAR REPLACEMENT' 
_refine.pdbx_stereochemistry_target_values       ? 
_refine.pdbx_stereochem_target_val_spec_case     ? 
_refine.pdbx_R_Free_selection_details            ? 
_refine.pdbx_overall_ESU_R                       ? 
_refine.pdbx_overall_ESU_R_Free                  ? 
_refine.overall_SU_ML                            ? 
_refine.B_iso_max                                104.200 
_refine.B_iso_min                                34.750 
_refine.pdbx_overall_phase_error                 ? 
_refine.occupancy_max                            1.000 
_refine.occupancy_min                            1.000 
_refine.ls_redundancy_reflns_obs                 ? 
_refine.solvent_model_details                    ? 
_refine.overall_SU_B                             ? 
_refine.overall_SU_R_Cruickshank_DPI             ? 
_refine.overall_SU_R_free                        ? 
_refine.ls_wR_factor_R_free                      ? 
_refine.ls_wR_factor_R_work                      ? 
_refine.overall_FOM_free_R_set                   ? 
_refine.overall_FOM_work_R_set                   ? 
_refine.pdbx_diffrn_id                           1 
_refine.pdbx_refine_id                           'X-RAY DIFFRACTION' 
_refine.pdbx_TLS_residual_ADP_flag               ? 
_refine.pdbx_overall_SU_R_free_Cruickshank_DPI   ? 
_refine.pdbx_overall_SU_R_Blow_DPI               ? 
_refine.pdbx_overall_SU_R_free_Blow_DPI          ? 
# 
_refine_hist.pdbx_refine_id                   'X-RAY DIFFRACTION' 
_refine_hist.cycle_id                         LAST 
_refine_hist.pdbx_number_atoms_protein        0 
_refine_hist.pdbx_number_atoms_nucleic_acid   902 
_refine_hist.pdbx_number_atoms_ligand         62 
_refine_hist.number_atoms_solvent             11 
_refine_hist.number_atoms_total               975 
_refine_hist.d_res_high                       2.6 
_refine_hist.d_res_low                        36.8 
# 
loop_
_refine_ls_restr.pdbx_refine_id 
_refine_ls_restr.type 
_refine_ls_restr.number 
_refine_ls_restr.dev_ideal 
_refine_ls_restr.dev_ideal_target 
_refine_ls_restr.weight 
_refine_ls_restr.pdbx_restraint_function 
'X-RAY DIFFRACTION' c_bond_d     ? 0.005 ?     ? ? 
'X-RAY DIFFRACTION' c_angle_d    ? 0.894 ?     ? ? 
'X-RAY DIFFRACTION' c_mcbond_it  ? 0.000 1.500 ? ? 
'X-RAY DIFFRACTION' c_scbond_it  ? 1.495 2.000 ? ? 
'X-RAY DIFFRACTION' c_mcangle_it ? 0.000 2.000 ? ? 
'X-RAY DIFFRACTION' c_scangle_it ? 2.239 2.500 ? ? 
# 
loop_
_refine_ls_shell.d_res_high 
_refine_ls_shell.d_res_low 
_refine_ls_shell.pdbx_total_number_of_bins_used 
_refine_ls_shell.percent_reflns_obs 
_refine_ls_shell.number_reflns_R_work 
_refine_ls_shell.R_factor_all 
_refine_ls_shell.R_factor_R_work 
_refine_ls_shell.R_factor_R_free 
_refine_ls_shell.percent_reflns_R_free 
_refine_ls_shell.number_reflns_R_free 
_refine_ls_shell.R_factor_R_free_error 
_refine_ls_shell.number_reflns_all 
_refine_ls_shell.number_reflns_obs 
_refine_ls_shell.pdbx_refine_id 
_refine_ls_shell.redundancy_reflns_obs 
2.6000 2.6900   10 100.0000 409 . 0.4543 0.4270 . 59 . 468 . 'X-RAY DIFFRACTION' . 
2.6900 2.8000   10 100.0000 410 . 0.4790 0.4502 . 48 . 458 . 'X-RAY DIFFRACTION' . 
2.8000 2.9300   10 100.0000 417 . 0.4001 0.5160 . 45 . 462 . 'X-RAY DIFFRACTION' . 
2.9300 3.0800   10 100.0000 406 . 0.3388 0.3820 . 44 . 450 . 'X-RAY DIFFRACTION' . 
3.0800 3.2800   10 99.8000  433 . 0.2546 0.3231 . 42 . 475 . 'X-RAY DIFFRACTION' . 
3.2800 3.5300   10 100.0000 412 . 0.2508 0.3485 . 50 . 462 . 'X-RAY DIFFRACTION' . 
3.5300 3.8800   10 100.0000 425 . 0.2066 0.2366 . 49 . 474 . 'X-RAY DIFFRACTION' . 
3.8800 4.4500   10 100.0000 426 . 0.1847 0.1661 . 51 . 477 . 'X-RAY DIFFRACTION' . 
4.4500 5.6000   10 100.0000 429 . 0.1719 0.2257 . 56 . 485 . 'X-RAY DIFFRACTION' . 
5.6000 100.0000 10 92.2000  436 . 0.1622 0.1842 . 48 . 484 . 'X-RAY DIFFRACTION' . 
# 
loop_
_pdbx_xplor_file.pdbx_refine_id 
_pdbx_xplor_file.serial_no 
_pdbx_xplor_file.param_file 
_pdbx_xplor_file.topol_file 
'X-RAY DIFFRACTION' 1 dna-rna_rep.param ? 
'X-RAY DIFFRACTION' 2 water_rep.param   ? 
'X-RAY DIFFRACTION' 3 ion.param         ? 
'X-RAY DIFFRACTION' 4 115_xplor.param   ? 
# 
_struct.entry_id                  4GPX 
_struct.title                     
;Crystal structure of the protozoal cytoplasmic ribosomal decoding site in complex with 6'-hydroxysisomicin (P212121 form)
;
_struct.pdbx_model_details        ? 
_struct.pdbx_CASP_flag            ? 
_struct.pdbx_model_type_details   ? 
# 
_struct_keywords.entry_id        4GPX 
_struct_keywords.pdbx_keywords   RNA/ANTIBIOTIC 
_struct_keywords.text            'ribosome, aminoglycoside, RNA-ANTIBIOTIC complex, antiprotozoal activity, antibacterial activity' 
# 
loop_
_struct_asym.id 
_struct_asym.pdbx_blank_PDB_chainid_flag 
_struct_asym.pdbx_modified 
_struct_asym.entity_id 
_struct_asym.details 
A N N 1 ? 
B N N 1 ? 
C N N 2 ? 
D N N 2 ? 
E N N 3 ? 
F N N 3 ? 
# 
_struct_ref.id                         1 
_struct_ref.db_name                    PDB 
_struct_ref.db_code                    4GPX 
_struct_ref.pdbx_db_accession          4GPX 
_struct_ref.entity_id                  1 
_struct_ref.pdbx_align_begin           ? 
_struct_ref.pdbx_seq_one_letter_code   ? 
_struct_ref.pdbx_db_isoform            ? 
# 
loop_
_struct_ref_seq.align_id 
_struct_ref_seq.ref_id 
_struct_ref_seq.pdbx_PDB_id_code 
_struct_ref_seq.pdbx_strand_id 
_struct_ref_seq.seq_align_beg 
_struct_ref_seq.pdbx_seq_align_beg_ins_code 
_struct_ref_seq.seq_align_end 
_struct_ref_seq.pdbx_seq_align_end_ins_code 
_struct_ref_seq.pdbx_db_accession 
_struct_ref_seq.db_align_beg 
_struct_ref_seq.pdbx_db_align_beg_ins_code 
_struct_ref_seq.db_align_end 
_struct_ref_seq.pdbx_db_align_end_ins_code 
_struct_ref_seq.pdbx_auth_seq_align_beg 
_struct_ref_seq.pdbx_auth_seq_align_end 
1 1 4GPX A 1 ? 23 ? 4GPX 1  ? 23 ? 1  23 
2 1 4GPX B 1 ? 23 ? 4GPX 24 ? 46 ? 24 46 
# 
_pdbx_struct_assembly.id                   1 
_pdbx_struct_assembly.details              author_and_software_defined_assembly 
_pdbx_struct_assembly.method_details       PISA 
_pdbx_struct_assembly.oligomeric_details   dimeric 
_pdbx_struct_assembly.oligomeric_count     2 
# 
loop_
_pdbx_struct_assembly_prop.biol_id 
_pdbx_struct_assembly_prop.type 
_pdbx_struct_assembly_prop.value 
_pdbx_struct_assembly_prop.details 
1 'ABSA (A^2)' 2570 ? 
1 MORE         -15  ? 
1 'SSA (A^2)'  7960 ? 
# 
_pdbx_struct_assembly_gen.assembly_id       1 
_pdbx_struct_assembly_gen.oper_expression   1 
_pdbx_struct_assembly_gen.asym_id_list      A,B,C,D,E,F 
# 
_pdbx_struct_oper_list.id                   1 
_pdbx_struct_oper_list.type                 'identity operation' 
_pdbx_struct_oper_list.name                 1_555 
_pdbx_struct_oper_list.symmetry_operation   x,y,z 
_pdbx_struct_oper_list.matrix[1][1]         1.0000000000 
_pdbx_struct_oper_list.matrix[1][2]         0.0000000000 
_pdbx_struct_oper_list.matrix[1][3]         0.0000000000 
_pdbx_struct_oper_list.vector[1]            0.0000000000 
_pdbx_struct_oper_list.matrix[2][1]         0.0000000000 
_pdbx_struct_oper_list.matrix[2][2]         1.0000000000 
_pdbx_struct_oper_list.matrix[2][3]         0.0000000000 
_pdbx_struct_oper_list.vector[2]            0.0000000000 
_pdbx_struct_oper_list.matrix[3][1]         0.0000000000 
_pdbx_struct_oper_list.matrix[3][2]         0.0000000000 
_pdbx_struct_oper_list.matrix[3][3]         1.0000000000 
_pdbx_struct_oper_list.vector[3]            0.0000000000 
# 
_struct_biol.id        1 
_struct_biol.details   ? 
# 
loop_
_struct_conn.id 
_struct_conn.conn_type_id 
_struct_conn.pdbx_leaving_atom_flag 
_struct_conn.pdbx_PDB_id 
_struct_conn.ptnr1_label_asym_id 
_struct_conn.ptnr1_label_comp_id 
_struct_conn.ptnr1_label_seq_id 
_struct_conn.ptnr1_label_atom_id 
_struct_conn.pdbx_ptnr1_label_alt_id 
_struct_conn.pdbx_ptnr1_PDB_ins_code 
_struct_conn.pdbx_ptnr1_standard_comp_id 
_struct_conn.ptnr1_symmetry 
_struct_conn.ptnr2_label_asym_id 
_struct_conn.ptnr2_label_comp_id 
_struct_conn.ptnr2_label_seq_id 
_struct_conn.ptnr2_label_atom_id 
_struct_conn.pdbx_ptnr2_label_alt_id 
_struct_conn.pdbx_ptnr2_PDB_ins_code 
_struct_conn.ptnr1_auth_asym_id 
_struct_conn.ptnr1_auth_comp_id 
_struct_conn.ptnr1_auth_seq_id 
_struct_conn.ptnr2_auth_asym_id 
_struct_conn.ptnr2_auth_comp_id 
_struct_conn.ptnr2_auth_seq_id 
_struct_conn.ptnr2_symmetry 
_struct_conn.pdbx_ptnr3_label_atom_id 
_struct_conn.pdbx_ptnr3_label_seq_id 
_struct_conn.pdbx_ptnr3_label_comp_id 
_struct_conn.pdbx_ptnr3_label_asym_id 
_struct_conn.pdbx_ptnr3_label_alt_id 
_struct_conn.pdbx_ptnr3_PDB_ins_code 
_struct_conn.details 
_struct_conn.pdbx_dist_value 
_struct_conn.pdbx_value_order 
_struct_conn.pdbx_role 
hydrog1  hydrog ? ? A G 3  N1 ? ? ? 1_555 B C 23 N3 ? ? A G 3  B C 46 1_555 ? ? ? ? ? ? WATSON-CRICK  ? ? ? 
hydrog2  hydrog ? ? A G 3  N2 ? ? ? 1_555 B C 23 O2 ? ? A G 3  B C 46 1_555 ? ? ? ? ? ? WATSON-CRICK  ? ? ? 
hydrog3  hydrog ? ? A G 3  O6 ? ? ? 1_555 B C 23 N4 ? ? A G 3  B C 46 1_555 ? ? ? ? ? ? WATSON-CRICK  ? ? ? 
hydrog4  hydrog ? ? A C 4  N3 ? ? ? 1_555 B G 22 N1 ? ? A C 4  B G 45 1_555 ? ? ? ? ? ? WATSON-CRICK  ? ? ? 
hydrog5  hydrog ? ? A C 4  N4 ? ? ? 1_555 B G 22 O6 ? ? A C 4  B G 45 1_555 ? ? ? ? ? ? WATSON-CRICK  ? ? ? 
hydrog6  hydrog ? ? A C 4  O2 ? ? ? 1_555 B G 22 N2 ? ? A C 4  B G 45 1_555 ? ? ? ? ? ? WATSON-CRICK  ? ? ? 
hydrog7  hydrog ? ? A G 5  N1 ? ? ? 1_555 B C 21 N3 ? ? A G 5  B C 44 1_555 ? ? ? ? ? ? WATSON-CRICK  ? ? ? 
hydrog8  hydrog ? ? A G 5  N2 ? ? ? 1_555 B C 21 O2 ? ? A G 5  B C 44 1_555 ? ? ? ? ? ? WATSON-CRICK  ? ? ? 
hydrog9  hydrog ? ? A G 5  O6 ? ? ? 1_555 B C 21 N4 ? ? A G 5  B C 44 1_555 ? ? ? ? ? ? WATSON-CRICK  ? ? ? 
hydrog10 hydrog ? ? A U 6  O4 ? ? ? 1_555 B U 20 N3 ? ? A U 6  B U 43 1_555 ? ? ? ? ? ? 'U-U MISPAIR' ? ? ? 
hydrog11 hydrog ? ? A C 7  N3 ? ? ? 1_555 B G 19 N1 ? ? A C 7  B G 42 1_555 ? ? ? ? ? ? WATSON-CRICK  ? ? ? 
hydrog12 hydrog ? ? A C 7  N4 ? ? ? 1_555 B G 19 O6 ? ? A C 7  B G 42 1_555 ? ? ? ? ? ? WATSON-CRICK  ? ? ? 
hydrog13 hydrog ? ? A C 7  O2 ? ? ? 1_555 B G 19 N2 ? ? A C 7  B G 42 1_555 ? ? ? ? ? ? WATSON-CRICK  ? ? ? 
hydrog14 hydrog ? ? A C 9  N3 ? ? ? 1_555 B G 16 N1 ? ? A C 9  B G 39 1_555 ? ? ? ? ? ? WATSON-CRICK  ? ? ? 
hydrog15 hydrog ? ? A C 9  N4 ? ? ? 1_555 B G 16 O6 ? ? A C 9  B G 39 1_555 ? ? ? ? ? ? WATSON-CRICK  ? ? ? 
hydrog16 hydrog ? ? A C 9  O2 ? ? ? 1_555 B G 16 N2 ? ? A C 9  B G 39 1_555 ? ? ? ? ? ? WATSON-CRICK  ? ? ? 
hydrog17 hydrog ? ? A G 10 N1 ? ? ? 1_555 B C 15 N3 ? ? A G 10 B C 38 1_555 ? ? ? ? ? ? WATSON-CRICK  ? ? ? 
hydrog18 hydrog ? ? A G 10 N2 ? ? ? 1_555 B C 15 O2 ? ? A G 10 B C 38 1_555 ? ? ? ? ? ? WATSON-CRICK  ? ? ? 
hydrog19 hydrog ? ? A G 10 O6 ? ? ? 1_555 B C 15 N4 ? ? A G 10 B C 38 1_555 ? ? ? ? ? ? WATSON-CRICK  ? ? ? 
hydrog20 hydrog ? ? A C 11 N3 ? ? ? 1_555 B G 14 N1 ? ? A C 11 B G 37 1_555 ? ? ? ? ? ? WATSON-CRICK  ? ? ? 
hydrog21 hydrog ? ? A C 11 N4 ? ? ? 1_555 B G 14 O6 ? ? A C 11 B G 37 1_555 ? ? ? ? ? ? WATSON-CRICK  ? ? ? 
hydrog22 hydrog ? ? A C 11 O2 ? ? ? 1_555 B G 14 N2 ? ? A C 11 B G 37 1_555 ? ? ? ? ? ? WATSON-CRICK  ? ? ? 
hydrog23 hydrog ? ? A C 12 N3 ? ? ? 1_555 B G 13 N1 ? ? A C 12 B G 36 1_555 ? ? ? ? ? ? WATSON-CRICK  ? ? ? 
hydrog24 hydrog ? ? A C 12 N4 ? ? ? 1_555 B G 13 O6 ? ? A C 12 B G 36 1_555 ? ? ? ? ? ? WATSON-CRICK  ? ? ? 
hydrog25 hydrog ? ? A C 12 O2 ? ? ? 1_555 B G 13 N2 ? ? A C 12 B G 36 1_555 ? ? ? ? ? ? WATSON-CRICK  ? ? ? 
hydrog26 hydrog ? ? A G 13 N1 ? ? ? 1_555 B C 12 N3 ? ? A G 13 B C 35 1_555 ? ? ? ? ? ? WATSON-CRICK  ? ? ? 
hydrog27 hydrog ? ? A G 13 N2 ? ? ? 1_555 B C 12 O2 ? ? A G 13 B C 35 1_555 ? ? ? ? ? ? WATSON-CRICK  ? ? ? 
hydrog28 hydrog ? ? A G 13 O6 ? ? ? 1_555 B C 12 N4 ? ? A G 13 B C 35 1_555 ? ? ? ? ? ? WATSON-CRICK  ? ? ? 
hydrog29 hydrog ? ? A G 14 N1 ? ? ? 1_555 B C 11 N3 ? ? A G 14 B C 34 1_555 ? ? ? ? ? ? WATSON-CRICK  ? ? ? 
hydrog30 hydrog ? ? A G 14 N2 ? ? ? 1_555 B C 11 O2 ? ? A G 14 B C 34 1_555 ? ? ? ? ? ? WATSON-CRICK  ? ? ? 
hydrog31 hydrog ? ? A G 14 O6 ? ? ? 1_555 B C 11 N4 ? ? A G 14 B C 34 1_555 ? ? ? ? ? ? WATSON-CRICK  ? ? ? 
hydrog32 hydrog ? ? A C 15 N3 ? ? ? 1_555 B G 10 N1 ? ? A C 15 B G 33 1_555 ? ? ? ? ? ? WATSON-CRICK  ? ? ? 
hydrog33 hydrog ? ? A C 15 N4 ? ? ? 1_555 B G 10 O6 ? ? A C 15 B G 33 1_555 ? ? ? ? ? ? WATSON-CRICK  ? ? ? 
hydrog34 hydrog ? ? A C 15 O2 ? ? ? 1_555 B G 10 N2 ? ? A C 15 B G 33 1_555 ? ? ? ? ? ? WATSON-CRICK  ? ? ? 
hydrog35 hydrog ? ? A G 16 N1 ? ? ? 1_555 B C 9  N3 ? ? A G 16 B C 32 1_555 ? ? ? ? ? ? WATSON-CRICK  ? ? ? 
hydrog36 hydrog ? ? A G 16 N2 ? ? ? 1_555 B C 9  O2 ? ? A G 16 B C 32 1_555 ? ? ? ? ? ? WATSON-CRICK  ? ? ? 
hydrog37 hydrog ? ? A G 16 O6 ? ? ? 1_555 B C 9  N4 ? ? A G 16 B C 32 1_555 ? ? ? ? ? ? WATSON-CRICK  ? ? ? 
hydrog38 hydrog ? ? A G 19 N1 ? ? ? 1_555 B C 7  N3 ? ? A G 19 B C 30 1_555 ? ? ? ? ? ? WATSON-CRICK  ? ? ? 
hydrog39 hydrog ? ? A G 19 N2 ? ? ? 1_555 B C 7  O2 ? ? A G 19 B C 30 1_555 ? ? ? ? ? ? WATSON-CRICK  ? ? ? 
hydrog40 hydrog ? ? A G 19 O6 ? ? ? 1_555 B C 7  N4 ? ? A G 19 B C 30 1_555 ? ? ? ? ? ? WATSON-CRICK  ? ? ? 
hydrog41 hydrog ? ? A U 20 N3 ? ? ? 1_555 B U 6  O4 ? ? A U 20 B U 29 1_555 ? ? ? ? ? ? 'U-U MISPAIR' ? ? ? 
hydrog42 hydrog ? ? A C 21 N3 ? ? ? 1_555 B G 5  N1 ? ? A C 21 B G 28 1_555 ? ? ? ? ? ? WATSON-CRICK  ? ? ? 
hydrog43 hydrog ? ? A C 21 N4 ? ? ? 1_555 B G 5  O6 ? ? A C 21 B G 28 1_555 ? ? ? ? ? ? WATSON-CRICK  ? ? ? 
hydrog44 hydrog ? ? A C 21 O2 ? ? ? 1_555 B G 5  N2 ? ? A C 21 B G 28 1_555 ? ? ? ? ? ? WATSON-CRICK  ? ? ? 
hydrog45 hydrog ? ? A G 22 N1 ? ? ? 1_555 B C 4  N3 ? ? A G 22 B C 27 1_555 ? ? ? ? ? ? WATSON-CRICK  ? ? ? 
hydrog46 hydrog ? ? A G 22 N2 ? ? ? 1_555 B C 4  O2 ? ? A G 22 B C 27 1_555 ? ? ? ? ? ? WATSON-CRICK  ? ? ? 
hydrog47 hydrog ? ? A G 22 O6 ? ? ? 1_555 B C 4  N4 ? ? A G 22 B C 27 1_555 ? ? ? ? ? ? WATSON-CRICK  ? ? ? 
hydrog48 hydrog ? ? A C 23 N3 ? ? ? 1_555 B G 3  N1 ? ? A C 23 B G 26 1_555 ? ? ? ? ? ? WATSON-CRICK  ? ? ? 
hydrog49 hydrog ? ? A C 23 N4 ? ? ? 1_555 B G 3  O6 ? ? A C 23 B G 26 1_555 ? ? ? ? ? ? WATSON-CRICK  ? ? ? 
hydrog50 hydrog ? ? A C 23 O2 ? ? ? 1_555 B G 3  N2 ? ? A C 23 B G 26 1_555 ? ? ? ? ? ? WATSON-CRICK  ? ? ? 
# 
_struct_conn_type.id          hydrog 
_struct_conn_type.criteria    ? 
_struct_conn_type.reference   ? 
# 
loop_
_struct_site.id 
_struct_site.pdbx_evidence_code 
_struct_site.pdbx_auth_asym_id 
_struct_site.pdbx_auth_comp_id 
_struct_site.pdbx_auth_seq_id 
_struct_site.pdbx_auth_ins_code 
_struct_site.pdbx_num_residues 
_struct_site.details 
AC1 Software A 6HS 101 ? 10 'BINDING SITE FOR RESIDUE 6HS A 101' 
AC2 Software B 6HS 101 ? 12 'BINDING SITE FOR RESIDUE 6HS B 101' 
1   ?        ? ?   ?   ? ?  ?                                    
# 
loop_
_struct_site_gen.id 
_struct_site_gen.site_id 
_struct_site_gen.pdbx_num_res 
_struct_site_gen.label_comp_id 
_struct_site_gen.label_asym_id 
_struct_site_gen.label_seq_id 
_struct_site_gen.pdbx_auth_ins_code 
_struct_site_gen.auth_comp_id 
_struct_site_gen.auth_asym_id 
_struct_site_gen.auth_seq_id 
_struct_site_gen.label_atom_id 
_struct_site_gen.label_alt_id 
_struct_site_gen.symmetry 
_struct_site_gen.details 
1  AC1 10 C   A 4  ? C   A 4   . ? 1_555 ? 
2  AC1 10 G   A 5  ? G   A 5   . ? 1_555 ? 
3  AC1 10 U   A 6  ? U   A 6   . ? 1_555 ? 
4  AC1 10 C   A 7  ? C   A 7   . ? 1_555 ? 
5  AC1 10 G   A 8  ? G   A 8   . ? 1_555 ? 
6  AC1 10 G   B 16 ? G   B 39  . ? 1_555 ? 
7  AC1 10 A   B 17 ? A   B 40  . ? 1_555 ? 
8  AC1 10 A   B 18 ? A   B 41  . ? 1_555 ? 
9  AC1 10 G   B 19 ? G   B 42  . ? 1_555 ? 
10 AC1 10 U   B 20 ? U   B 43  . ? 1_555 ? 
11 AC2 12 G   A 16 ? G   A 16  . ? 1_555 ? 
12 AC2 12 A   A 17 ? A   A 17  . ? 1_555 ? 
13 AC2 12 A   A 18 ? A   A 18  . ? 1_555 ? 
14 AC2 12 G   A 19 ? G   A 19  . ? 1_555 ? 
15 AC2 12 U   A 20 ? U   A 20  . ? 1_555 ? 
16 AC2 12 HOH E .  ? HOH A 202 . ? 1_555 ? 
17 AC2 12 C   B 4  ? C   B 27  . ? 1_555 ? 
18 AC2 12 G   B 5  ? G   B 28  . ? 1_555 ? 
19 AC2 12 U   B 6  ? U   B 29  . ? 1_555 ? 
20 AC2 12 C   B 7  ? C   B 30  . ? 1_555 ? 
21 AC2 12 G   B 8  ? G   B 31  . ? 1_555 ? 
22 AC2 12 C   B 9  ? C   B 32  . ? 1_555 ? 
# 
_pdbx_validate_planes.id              1 
_pdbx_validate_planes.PDB_model_num   1 
_pdbx_validate_planes.auth_comp_id    G 
_pdbx_validate_planes.auth_asym_id    A 
_pdbx_validate_planes.auth_seq_id     16 
_pdbx_validate_planes.PDB_ins_code    ? 
_pdbx_validate_planes.label_alt_id    ? 
_pdbx_validate_planes.rmsd            0.058 
_pdbx_validate_planes.type            'SIDE CHAIN' 
# 
_struct_site_keywords.site_id   1 
_struct_site_keywords.text      'MAJOR GROOVE BINDER' 
# 
loop_
_pdbx_unobs_or_zero_occ_residues.id 
_pdbx_unobs_or_zero_occ_residues.PDB_model_num 
_pdbx_unobs_or_zero_occ_residues.polymer_flag 
_pdbx_unobs_or_zero_occ_residues.occupancy_flag 
_pdbx_unobs_or_zero_occ_residues.auth_asym_id 
_pdbx_unobs_or_zero_occ_residues.auth_comp_id 
_pdbx_unobs_or_zero_occ_residues.auth_seq_id 
_pdbx_unobs_or_zero_occ_residues.PDB_ins_code 
_pdbx_unobs_or_zero_occ_residues.label_asym_id 
_pdbx_unobs_or_zero_occ_residues.label_comp_id 
_pdbx_unobs_or_zero_occ_residues.label_seq_id 
1 1 Y 1 A U 1  ? A U 1 
2 1 Y 1 A U 2  ? A U 2 
3 1 Y 1 B U 24 ? B U 1 
4 1 Y 1 B U 25 ? B U 2 
# 
loop_
_chem_comp_atom.comp_id 
_chem_comp_atom.atom_id 
_chem_comp_atom.type_symbol 
_chem_comp_atom.pdbx_aromatic_flag 
_chem_comp_atom.pdbx_stereo_config 
_chem_comp_atom.pdbx_ordinal 
6HS C11    C N S 1   
6HS C12    C N R 2   
6HS C13    C N R 3   
6HS C21    C N R 4   
6HS C22    C N N 5   
6HS C23    C N R 6   
6HS C31    C N N 7   
6HS C32    C N S 8   
6HS C33    C N R 9   
6HS C41    C N N 10  
6HS C42    C N R 11  
6HS C43    C N R 12  
6HS C51    C N N 13  
6HS C52    C N S 14  
6HS C53    C N N 15  
6HS C61    C N N 16  
6HS C62    C N S 17  
6HS C83    C N N 18  
6HS C93    C N N 19  
6HS N12    N N N 20  
6HS N21    N N N 21  
6HS N32    N N N 22  
6HS N33    N N N 23  
6HS O61    O N N 24  
6HS O11    O N N 25  
6HS O23    O N N 26  
6HS O43    O N N 27  
6HS O51    O N N 28  
6HS O52    O N N 29  
6HS O53    O N N 30  
6HS O62    O N N 31  
6HS H1     H N N 32  
6HS H2     H N N 33  
6HS H3     H N N 34  
6HS H4     H N N 35  
6HS H5     H N N 36  
6HS H6     H N N 37  
6HS H7     H N N 38  
6HS H8     H N N 39  
6HS H9     H N N 40  
6HS H10    H N N 41  
6HS H11    H N N 42  
6HS H12    H N N 43  
6HS H13    H N N 44  
6HS H14    H N N 45  
6HS H15    H N N 46  
6HS H16    H N N 47  
6HS H17    H N N 48  
6HS H18    H N N 49  
6HS H19    H N N 50  
6HS H20    H N N 51  
6HS H21    H N N 52  
6HS H22    H N N 53  
6HS H23    H N N 54  
6HS H24    H N N 55  
6HS H25    H N N 56  
6HS H26    H N N 57  
6HS H27    H N N 58  
6HS H29    H N N 59  
6HS H30    H N N 60  
6HS H32    H N N 61  
6HS H33    H N N 62  
6HS H35    H N N 63  
6HS H37    H N N 64  
6HS H38    H N N 65  
6HS H39    H N N 66  
6HS H40    H N N 67  
A   OP3    O N N 68  
A   P      P N N 69  
A   OP1    O N N 70  
A   OP2    O N N 71  
A   "O5'"  O N N 72  
A   "C5'"  C N N 73  
A   "C4'"  C N R 74  
A   "O4'"  O N N 75  
A   "C3'"  C N S 76  
A   "O3'"  O N N 77  
A   "C2'"  C N R 78  
A   "O2'"  O N N 79  
A   "C1'"  C N R 80  
A   N9     N Y N 81  
A   C8     C Y N 82  
A   N7     N Y N 83  
A   C5     C Y N 84  
A   C6     C Y N 85  
A   N6     N N N 86  
A   N1     N Y N 87  
A   C2     C Y N 88  
A   N3     N Y N 89  
A   C4     C Y N 90  
A   HOP3   H N N 91  
A   HOP2   H N N 92  
A   "H5'"  H N N 93  
A   "H5''" H N N 94  
A   "H4'"  H N N 95  
A   "H3'"  H N N 96  
A   "HO3'" H N N 97  
A   "H2'"  H N N 98  
A   "HO2'" H N N 99  
A   "H1'"  H N N 100 
A   H8     H N N 101 
A   H61    H N N 102 
A   H62    H N N 103 
A   H2     H N N 104 
C   OP3    O N N 105 
C   P      P N N 106 
C   OP1    O N N 107 
C   OP2    O N N 108 
C   "O5'"  O N N 109 
C   "C5'"  C N N 110 
C   "C4'"  C N R 111 
C   "O4'"  O N N 112 
C   "C3'"  C N S 113 
C   "O3'"  O N N 114 
C   "C2'"  C N R 115 
C   "O2'"  O N N 116 
C   "C1'"  C N R 117 
C   N1     N N N 118 
C   C2     C N N 119 
C   O2     O N N 120 
C   N3     N N N 121 
C   C4     C N N 122 
C   N4     N N N 123 
C   C5     C N N 124 
C   C6     C N N 125 
C   HOP3   H N N 126 
C   HOP2   H N N 127 
C   "H5'"  H N N 128 
C   "H5''" H N N 129 
C   "H4'"  H N N 130 
C   "H3'"  H N N 131 
C   "HO3'" H N N 132 
C   "H2'"  H N N 133 
C   "HO2'" H N N 134 
C   "H1'"  H N N 135 
C   H41    H N N 136 
C   H42    H N N 137 
C   H5     H N N 138 
C   H6     H N N 139 
G   OP3    O N N 140 
G   P      P N N 141 
G   OP1    O N N 142 
G   OP2    O N N 143 
G   "O5'"  O N N 144 
G   "C5'"  C N N 145 
G   "C4'"  C N R 146 
G   "O4'"  O N N 147 
G   "C3'"  C N S 148 
G   "O3'"  O N N 149 
G   "C2'"  C N R 150 
G   "O2'"  O N N 151 
G   "C1'"  C N R 152 
G   N9     N Y N 153 
G   C8     C Y N 154 
G   N7     N Y N 155 
G   C5     C Y N 156 
G   C6     C N N 157 
G   O6     O N N 158 
G   N1     N N N 159 
G   C2     C N N 160 
G   N2     N N N 161 
G   N3     N N N 162 
G   C4     C Y N 163 
G   HOP3   H N N 164 
G   HOP2   H N N 165 
G   "H5'"  H N N 166 
G   "H5''" H N N 167 
G   "H4'"  H N N 168 
G   "H3'"  H N N 169 
G   "HO3'" H N N 170 
G   "H2'"  H N N 171 
G   "HO2'" H N N 172 
G   "H1'"  H N N 173 
G   H8     H N N 174 
G   H1     H N N 175 
G   H21    H N N 176 
G   H22    H N N 177 
HOH O      O N N 178 
HOH H1     H N N 179 
HOH H2     H N N 180 
U   OP3    O N N 181 
U   P      P N N 182 
U   OP1    O N N 183 
U   OP2    O N N 184 
U   "O5'"  O N N 185 
U   "C5'"  C N N 186 
U   "C4'"  C N R 187 
U   "O4'"  O N N 188 
U   "C3'"  C N S 189 
U   "O3'"  O N N 190 
U   "C2'"  C N R 191 
U   "O2'"  O N N 192 
U   "C1'"  C N R 193 
U   N1     N N N 194 
U   C2     C N N 195 
U   O2     O N N 196 
U   N3     N N N 197 
U   C4     C N N 198 
U   O4     O N N 199 
U   C5     C N N 200 
U   C6     C N N 201 
U   HOP3   H N N 202 
U   HOP2   H N N 203 
U   "H5'"  H N N 204 
U   "H5''" H N N 205 
U   "H4'"  H N N 206 
U   "H3'"  H N N 207 
U   "HO3'" H N N 208 
U   "H2'"  H N N 209 
U   "HO2'" H N N 210 
U   "H1'"  H N N 211 
U   H3     H N N 212 
U   H5     H N N 213 
U   H6     H N N 214 
# 
loop_
_chem_comp_bond.comp_id 
_chem_comp_bond.atom_id_1 
_chem_comp_bond.atom_id_2 
_chem_comp_bond.value_order 
_chem_comp_bond.pdbx_aromatic_flag 
_chem_comp_bond.pdbx_stereo_config 
_chem_comp_bond.pdbx_ordinal 
6HS N21   C21    sing N N 1   
6HS C21   C31    sing N N 2   
6HS C21   C11    sing N N 3   
6HS C31   C41    sing N N 4   
6HS C83   C43    sing N N 5   
6HS C11   O51    sing N N 6   
6HS C11   O11    sing N N 7   
6HS C41   C51    doub N N 8   
6HS O51   C51    sing N N 9   
6HS C53   C43    sing N N 10  
6HS C53   O53    sing N N 11  
6HS C51   C61    sing N N 12  
6HS O52   C52    sing N N 13  
6HS O43   C43    sing N N 14  
6HS C43   C33    sing N N 15  
6HS C61   O61    sing N N 16  
6HS O11   C42    sing N N 17  
6HS O53   C13    sing N N 18  
6HS C52   C42    sing N N 19  
6HS C52   C62    sing N N 20  
6HS C42   C32    sing N N 21  
6HS C33   N33    sing N N 22  
6HS C33   C23    sing N N 23  
6HS C13   O62    sing N N 24  
6HS C13   C23    sing N N 25  
6HS N33   C93    sing N N 26  
6HS O62   C62    sing N N 27  
6HS C62   C12    sing N N 28  
6HS C23   O23    sing N N 29  
6HS C32   N32    sing N N 30  
6HS C32   C22    sing N N 31  
6HS C12   C22    sing N N 32  
6HS C12   N12    sing N N 33  
6HS C11   H1     sing N N 34  
6HS C12   H2     sing N N 35  
6HS C13   H3     sing N N 36  
6HS C21   H4     sing N N 37  
6HS C22   H5     sing N N 38  
6HS C22   H6     sing N N 39  
6HS C23   H7     sing N N 40  
6HS C31   H8     sing N N 41  
6HS C31   H9     sing N N 42  
6HS C32   H10    sing N N 43  
6HS C33   H11    sing N N 44  
6HS C41   H12    sing N N 45  
6HS C42   H13    sing N N 46  
6HS C52   H14    sing N N 47  
6HS C53   H15    sing N N 48  
6HS C53   H16    sing N N 49  
6HS C61   H17    sing N N 50  
6HS C61   H18    sing N N 51  
6HS C62   H19    sing N N 52  
6HS C83   H20    sing N N 53  
6HS C83   H21    sing N N 54  
6HS C83   H22    sing N N 55  
6HS C93   H23    sing N N 56  
6HS C93   H24    sing N N 57  
6HS C93   H25    sing N N 58  
6HS N12   H26    sing N N 59  
6HS N12   H27    sing N N 60  
6HS N21   H29    sing N N 61  
6HS N21   H30    sing N N 62  
6HS N32   H32    sing N N 63  
6HS N32   H33    sing N N 64  
6HS N33   H35    sing N N 65  
6HS O61   H37    sing N N 66  
6HS O23   H38    sing N N 67  
6HS O43   H39    sing N N 68  
6HS O52   H40    sing N N 69  
A   OP3   P      sing N N 70  
A   OP3   HOP3   sing N N 71  
A   P     OP1    doub N N 72  
A   P     OP2    sing N N 73  
A   P     "O5'"  sing N N 74  
A   OP2   HOP2   sing N N 75  
A   "O5'" "C5'"  sing N N 76  
A   "C5'" "C4'"  sing N N 77  
A   "C5'" "H5'"  sing N N 78  
A   "C5'" "H5''" sing N N 79  
A   "C4'" "O4'"  sing N N 80  
A   "C4'" "C3'"  sing N N 81  
A   "C4'" "H4'"  sing N N 82  
A   "O4'" "C1'"  sing N N 83  
A   "C3'" "O3'"  sing N N 84  
A   "C3'" "C2'"  sing N N 85  
A   "C3'" "H3'"  sing N N 86  
A   "O3'" "HO3'" sing N N 87  
A   "C2'" "O2'"  sing N N 88  
A   "C2'" "C1'"  sing N N 89  
A   "C2'" "H2'"  sing N N 90  
A   "O2'" "HO2'" sing N N 91  
A   "C1'" N9     sing N N 92  
A   "C1'" "H1'"  sing N N 93  
A   N9    C8     sing Y N 94  
A   N9    C4     sing Y N 95  
A   C8    N7     doub Y N 96  
A   C8    H8     sing N N 97  
A   N7    C5     sing Y N 98  
A   C5    C6     sing Y N 99  
A   C5    C4     doub Y N 100 
A   C6    N6     sing N N 101 
A   C6    N1     doub Y N 102 
A   N6    H61    sing N N 103 
A   N6    H62    sing N N 104 
A   N1    C2     sing Y N 105 
A   C2    N3     doub Y N 106 
A   C2    H2     sing N N 107 
A   N3    C4     sing Y N 108 
C   OP3   P      sing N N 109 
C   OP3   HOP3   sing N N 110 
C   P     OP1    doub N N 111 
C   P     OP2    sing N N 112 
C   P     "O5'"  sing N N 113 
C   OP2   HOP2   sing N N 114 
C   "O5'" "C5'"  sing N N 115 
C   "C5'" "C4'"  sing N N 116 
C   "C5'" "H5'"  sing N N 117 
C   "C5'" "H5''" sing N N 118 
C   "C4'" "O4'"  sing N N 119 
C   "C4'" "C3'"  sing N N 120 
C   "C4'" "H4'"  sing N N 121 
C   "O4'" "C1'"  sing N N 122 
C   "C3'" "O3'"  sing N N 123 
C   "C3'" "C2'"  sing N N 124 
C   "C3'" "H3'"  sing N N 125 
C   "O3'" "HO3'" sing N N 126 
C   "C2'" "O2'"  sing N N 127 
C   "C2'" "C1'"  sing N N 128 
C   "C2'" "H2'"  sing N N 129 
C   "O2'" "HO2'" sing N N 130 
C   "C1'" N1     sing N N 131 
C   "C1'" "H1'"  sing N N 132 
C   N1    C2     sing N N 133 
C   N1    C6     sing N N 134 
C   C2    O2     doub N N 135 
C   C2    N3     sing N N 136 
C   N3    C4     doub N N 137 
C   C4    N4     sing N N 138 
C   C4    C5     sing N N 139 
C   N4    H41    sing N N 140 
C   N4    H42    sing N N 141 
C   C5    C6     doub N N 142 
C   C5    H5     sing N N 143 
C   C6    H6     sing N N 144 
G   OP3   P      sing N N 145 
G   OP3   HOP3   sing N N 146 
G   P     OP1    doub N N 147 
G   P     OP2    sing N N 148 
G   P     "O5'"  sing N N 149 
G   OP2   HOP2   sing N N 150 
G   "O5'" "C5'"  sing N N 151 
G   "C5'" "C4'"  sing N N 152 
G   "C5'" "H5'"  sing N N 153 
G   "C5'" "H5''" sing N N 154 
G   "C4'" "O4'"  sing N N 155 
G   "C4'" "C3'"  sing N N 156 
G   "C4'" "H4'"  sing N N 157 
G   "O4'" "C1'"  sing N N 158 
G   "C3'" "O3'"  sing N N 159 
G   "C3'" "C2'"  sing N N 160 
G   "C3'" "H3'"  sing N N 161 
G   "O3'" "HO3'" sing N N 162 
G   "C2'" "O2'"  sing N N 163 
G   "C2'" "C1'"  sing N N 164 
G   "C2'" "H2'"  sing N N 165 
G   "O2'" "HO2'" sing N N 166 
G   "C1'" N9     sing N N 167 
G   "C1'" "H1'"  sing N N 168 
G   N9    C8     sing Y N 169 
G   N9    C4     sing Y N 170 
G   C8    N7     doub Y N 171 
G   C8    H8     sing N N 172 
G   N7    C5     sing Y N 173 
G   C5    C6     sing N N 174 
G   C5    C4     doub Y N 175 
G   C6    O6     doub N N 176 
G   C6    N1     sing N N 177 
G   N1    C2     sing N N 178 
G   N1    H1     sing N N 179 
G   C2    N2     sing N N 180 
G   C2    N3     doub N N 181 
G   N2    H21    sing N N 182 
G   N2    H22    sing N N 183 
G   N3    C4     sing N N 184 
HOH O     H1     sing N N 185 
HOH O     H2     sing N N 186 
U   OP3   P      sing N N 187 
U   OP3   HOP3   sing N N 188 
U   P     OP1    doub N N 189 
U   P     OP2    sing N N 190 
U   P     "O5'"  sing N N 191 
U   OP2   HOP2   sing N N 192 
U   "O5'" "C5'"  sing N N 193 
U   "C5'" "C4'"  sing N N 194 
U   "C5'" "H5'"  sing N N 195 
U   "C5'" "H5''" sing N N 196 
U   "C4'" "O4'"  sing N N 197 
U   "C4'" "C3'"  sing N N 198 
U   "C4'" "H4'"  sing N N 199 
U   "O4'" "C1'"  sing N N 200 
U   "C3'" "O3'"  sing N N 201 
U   "C3'" "C2'"  sing N N 202 
U   "C3'" "H3'"  sing N N 203 
U   "O3'" "HO3'" sing N N 204 
U   "C2'" "O2'"  sing N N 205 
U   "C2'" "C1'"  sing N N 206 
U   "C2'" "H2'"  sing N N 207 
U   "O2'" "HO2'" sing N N 208 
U   "C1'" N1     sing N N 209 
U   "C1'" "H1'"  sing N N 210 
U   N1    C2     sing N N 211 
U   N1    C6     sing N N 212 
U   C2    O2     doub N N 213 
U   C2    N3     sing N N 214 
U   N3    C4     sing N N 215 
U   N3    H3     sing N N 216 
U   C4    O4     doub N N 217 
U   C4    C5     sing N N 218 
U   C5    C6     doub N N 219 
U   C5    H5     sing N N 220 
U   C6    H6     sing N N 221 
# 
loop_
_ndb_struct_conf_na.entry_id 
_ndb_struct_conf_na.feature 
4GPX 'a-form double helix'  
4GPX 'mismatched base pair' 
4GPX 'internal loop'        
# 
loop_
_ndb_struct_na_base_pair.model_number 
_ndb_struct_na_base_pair.i_label_asym_id 
_ndb_struct_na_base_pair.i_label_comp_id 
_ndb_struct_na_base_pair.i_label_seq_id 
_ndb_struct_na_base_pair.i_symmetry 
_ndb_struct_na_base_pair.j_label_asym_id 
_ndb_struct_na_base_pair.j_label_comp_id 
_ndb_struct_na_base_pair.j_label_seq_id 
_ndb_struct_na_base_pair.j_symmetry 
_ndb_struct_na_base_pair.shear 
_ndb_struct_na_base_pair.stretch 
_ndb_struct_na_base_pair.stagger 
_ndb_struct_na_base_pair.buckle 
_ndb_struct_na_base_pair.propeller 
_ndb_struct_na_base_pair.opening 
_ndb_struct_na_base_pair.pair_number 
_ndb_struct_na_base_pair.pair_name 
_ndb_struct_na_base_pair.i_auth_asym_id 
_ndb_struct_na_base_pair.i_auth_seq_id 
_ndb_struct_na_base_pair.i_PDB_ins_code 
_ndb_struct_na_base_pair.j_auth_asym_id 
_ndb_struct_na_base_pair.j_auth_seq_id 
_ndb_struct_na_base_pair.j_PDB_ins_code 
_ndb_struct_na_base_pair.hbond_type_28 
_ndb_struct_na_base_pair.hbond_type_12 
1 A G 3  1_555 B C 23 1_555 0.201  -0.041 0.268  -0.265  -2.539  0.278   1  A_G3:C46_B  A 3  ? B 46 ? 19 1 
1 A C 4  1_555 B G 22 1_555 -0.277 0.020  -0.059 3.975   -7.850  3.547   2  A_C4:G45_B  A 4  ? B 45 ? 19 1 
1 A G 5  1_555 B C 21 1_555 -0.294 0.031  0.091  1.391   -1.124  7.078   3  A_G5:C44_B  A 5  ? B 44 ? 19 1 
1 A U 6  1_555 B U 20 1_555 -2.092 -1.107 -0.294 13.312  -8.623  -10.670 4  A_U6:U43_B  A 6  ? B 43 ? ?  ? 
1 A C 7  1_555 B G 19 1_555 0.337  0.055  -0.338 8.055   -2.167  4.325   5  A_C7:G42_B  A 7  ? B 42 ? 19 1 
1 A C 9  1_555 B G 16 1_555 0.237  0.091  -0.283 6.995   -12.452 3.716   6  A_C9:G39_B  A 9  ? B 39 ? 19 1 
1 A G 10 1_555 B C 15 1_555 -0.339 -0.044 -0.098 -6.429  -23.290 4.200   7  A_G10:C38_B A 10 ? B 38 ? 19 1 
1 A C 11 1_555 B G 14 1_555 0.356  -0.159 -0.229 1.463   -16.916 0.643   8  A_C11:G37_B A 11 ? B 37 ? 19 1 
1 A C 12 1_555 B G 13 1_555 0.472  -0.174 0.577  -1.305  -8.788  5.094   9  A_C12:G36_B A 12 ? B 36 ? 19 1 
1 A G 13 1_555 B C 12 1_555 -0.344 0.020  0.161  -0.763  -10.785 1.281   10 A_G13:C35_B A 13 ? B 35 ? 19 1 
1 A G 14 1_555 B C 11 1_555 -0.168 -0.108 0.038  -1.901  -13.157 3.729   11 A_G14:C34_B A 14 ? B 34 ? 19 1 
1 A C 15 1_555 B G 10 1_555 0.443  -0.117 -0.047 2.786   -14.283 1.689   12 A_C15:G33_B A 15 ? B 33 ? 19 1 
1 A G 16 1_555 B C 9  1_555 0.121  -0.155 -0.106 -5.137  -16.784 -0.134  13 A_G16:C32_B A 16 ? B 32 ? 19 1 
1 A G 19 1_555 B C 7  1_555 -0.053 -0.295 -0.554 -10.398 -8.024  0.229   14 A_G19:C30_B A 19 ? B 30 ? 19 1 
1 A U 20 1_555 B U 6  1_555 2.023  -1.133 -0.262 -11.396 -6.770  -5.707  15 A_U20:U29_B A 20 ? B 29 ? ?  ? 
1 A C 21 1_555 B G 5  1_555 0.350  -0.074 -0.468 7.786   -4.022  4.133   16 A_C21:G28_B A 21 ? B 28 ? 19 1 
1 A G 22 1_555 B C 4  1_555 0.148  -0.080 -0.121 -6.250  -7.084  -3.846  17 A_G22:C27_B A 22 ? B 27 ? 19 1 
1 A C 23 1_555 B G 3  1_555 0.543  0.039  0.029  4.764   1.170   6.104   18 A_C23:G26_B A 23 ? B 26 ? 19 1 
# 
loop_
_ndb_struct_na_base_pair_step.model_number 
_ndb_struct_na_base_pair_step.i_label_asym_id_1 
_ndb_struct_na_base_pair_step.i_label_comp_id_1 
_ndb_struct_na_base_pair_step.i_label_seq_id_1 
_ndb_struct_na_base_pair_step.i_symmetry_1 
_ndb_struct_na_base_pair_step.j_label_asym_id_1 
_ndb_struct_na_base_pair_step.j_label_comp_id_1 
_ndb_struct_na_base_pair_step.j_label_seq_id_1 
_ndb_struct_na_base_pair_step.j_symmetry_1 
_ndb_struct_na_base_pair_step.i_label_asym_id_2 
_ndb_struct_na_base_pair_step.i_label_comp_id_2 
_ndb_struct_na_base_pair_step.i_label_seq_id_2 
_ndb_struct_na_base_pair_step.i_symmetry_2 
_ndb_struct_na_base_pair_step.j_label_asym_id_2 
_ndb_struct_na_base_pair_step.j_label_comp_id_2 
_ndb_struct_na_base_pair_step.j_label_seq_id_2 
_ndb_struct_na_base_pair_step.j_symmetry_2 
_ndb_struct_na_base_pair_step.shift 
_ndb_struct_na_base_pair_step.slide 
_ndb_struct_na_base_pair_step.rise 
_ndb_struct_na_base_pair_step.tilt 
_ndb_struct_na_base_pair_step.roll 
_ndb_struct_na_base_pair_step.twist 
_ndb_struct_na_base_pair_step.x_displacement 
_ndb_struct_na_base_pair_step.y_displacement 
_ndb_struct_na_base_pair_step.helical_rise 
_ndb_struct_na_base_pair_step.inclination 
_ndb_struct_na_base_pair_step.tip 
_ndb_struct_na_base_pair_step.helical_twist 
_ndb_struct_na_base_pair_step.step_number 
_ndb_struct_na_base_pair_step.step_name 
_ndb_struct_na_base_pair_step.i_auth_asym_id_1 
_ndb_struct_na_base_pair_step.i_auth_seq_id_1 
_ndb_struct_na_base_pair_step.i_PDB_ins_code_1 
_ndb_struct_na_base_pair_step.j_auth_asym_id_1 
_ndb_struct_na_base_pair_step.j_auth_seq_id_1 
_ndb_struct_na_base_pair_step.j_PDB_ins_code_1 
_ndb_struct_na_base_pair_step.i_auth_asym_id_2 
_ndb_struct_na_base_pair_step.i_auth_seq_id_2 
_ndb_struct_na_base_pair_step.i_PDB_ins_code_2 
_ndb_struct_na_base_pair_step.j_auth_asym_id_2 
_ndb_struct_na_base_pair_step.j_auth_seq_id_2 
_ndb_struct_na_base_pair_step.j_PDB_ins_code_2 
1 A G 3  1_555 B C 23 1_555 A C 4  1_555 B G 22 1_555 -0.413 -2.111 3.124 0.002  1.925  30.953 -4.294 0.772  2.991 3.603  -0.003  
31.011 1  AA_G3C4:G45C46_BB   A 3  ? B 46 ? A 4  ? B 45 ? 
1 A C 4  1_555 B G 22 1_555 A G 5  1_555 B C 21 1_555 0.077  -1.855 3.218 -2.790 6.588  30.020 -4.673 -0.647 2.741 12.495 5.292   
30.842 2  AA_C4G5:C44G45_BB   A 4  ? B 45 ? A 5  ? B 44 ? 
1 A G 5  1_555 B C 21 1_555 A U 6  1_555 B U 20 1_555 -1.045 -1.997 2.919 -1.468 -1.045 26.195 -4.140 1.940  3.048 -2.301 3.234   
26.255 3  AA_G5U6:U43C44_BB   A 5  ? B 44 ? A 6  ? B 43 ? 
1 A U 6  1_555 B U 20 1_555 A C 7  1_555 B G 19 1_555 1.242  -2.038 3.591 -0.096 1.050  41.320 -3.010 -1.771 3.538 1.488  0.135   
41.333 4  AA_U6C7:G42U43_BB   A 6  ? B 43 ? A 7  ? B 42 ? 
1 A C 9  1_555 B G 16 1_555 A G 10 1_555 B C 15 1_555 0.082  -1.499 3.445 -0.932 16.628 31.438 -4.770 -0.264 2.377 28.336 1.588   
35.479 5  AA_C9G10:C38G39_BB  A 9  ? B 39 ? A 10 ? B 38 ? 
1 A G 10 1_555 B C 15 1_555 A C 11 1_555 B G 14 1_555 -0.491 -0.896 3.012 0.456  4.356  35.368 -2.036 0.862  2.879 7.136  -0.747  
35.629 6  AA_G10C11:G37C38_BB A 10 ? B 38 ? A 11 ? B 37 ? 
1 A C 11 1_555 B G 14 1_555 A C 12 1_555 B G 13 1_555 0.536  -1.391 3.332 -4.096 6.445  33.508 -3.335 -1.530 2.938 11.002 6.992   
34.343 7  AA_C11C12:G36G37_BB A 11 ? B 37 ? A 12 ? B 36 ? 
1 A C 12 1_555 B G 13 1_555 A G 13 1_555 B C 12 1_555 -0.400 -1.930 2.999 2.340  7.195  26.654 -5.490 1.309  2.364 15.222 -4.949  
27.688 8  AA_C12G13:C35G36_BB A 12 ? B 36 ? A 13 ? B 35 ? 
1 A G 13 1_555 B C 12 1_555 A G 14 1_555 B C 11 1_555 0.090  -1.259 3.148 -0.785 8.917  33.972 -3.310 -0.256 2.737 14.942 1.316   
35.097 9  AA_G13G14:C34C35_BB A 13 ? B 35 ? A 14 ? B 34 ? 
1 A G 14 1_555 B C 11 1_555 A C 15 1_555 B G 10 1_555 -0.320 -1.115 3.140 0.958  1.767  36.734 -1.995 0.631  3.076 2.802  -1.518  
36.787 10 AA_G14C15:G33C34_BB A 14 ? B 34 ? A 15 ? B 33 ? 
1 A C 15 1_555 B G 10 1_555 A G 16 1_555 B C 9  1_555 0.543  -1.716 3.216 2.228  15.406 30.704 -5.012 -0.615 2.167 27.026 -3.909  
34.340 11 AA_C15G16:C32G33_BB A 15 ? B 33 ? A 16 ? B 32 ? 
1 A G 19 1_555 B C 7  1_555 A U 20 1_555 B U 6  1_555 -0.774 -1.811 3.421 -0.730 2.459  38.495 -3.054 1.079  3.317 3.725  1.106   
38.578 12 AA_G19U20:U29C30_BB A 19 ? B 30 ? A 20 ? B 29 ? 
1 A U 20 1_555 B U 6  1_555 A C 21 1_555 B G 5  1_555 0.565  -1.785 2.777 4.820  0.646  25.878 -4.068 -0.132 2.789 1.427  -10.642 
26.323 13 AA_U20C21:G28U29_BB A 20 ? B 29 ? A 21 ? B 28 ? 
1 A C 21 1_555 B G 5  1_555 A G 22 1_555 B C 4  1_555 0.073  -2.061 3.699 -1.019 6.752  27.504 -5.861 -0.397 3.110 13.930 2.101   
28.323 14 AA_C21G22:C27G28_BB A 21 ? B 28 ? A 22 ? B 27 ? 
1 A G 22 1_555 B C 4  1_555 A C 23 1_555 B G 3  1_555 0.417  -1.847 3.043 -0.580 1.186  34.817 -3.250 -0.778 2.973 1.980  0.969   
34.842 15 AA_G22C23:G26C27_BB A 22 ? B 27 ? A 23 ? B 26 ? 
# 
_atom_sites.entry_id                    4GPX 
_atom_sites.fract_transf_matrix[1][1]   -0.00348092 
_atom_sites.fract_transf_matrix[1][2]   0.00448505 
_atom_sites.fract_transf_matrix[1][3]   0.02041113 
_atom_sites.fract_transf_matrix[2][1]   -0.01122039 
_atom_sites.fract_transf_matrix[2][2]   0.01491301 
_atom_sites.fract_transf_matrix[2][3]   -0.00519045 
_atom_sites.fract_transf_matrix[3][1]   -0.01355494 
_atom_sites.fract_transf_matrix[3][2]   -0.01022144 
_atom_sites.fract_transf_matrix[3][3]   -0.00006565 
_atom_sites.fract_transf_vector[1]      -0.021173 
_atom_sites.fract_transf_vector[2]      0.162728 
_atom_sites.fract_transf_vector[3]      -0.134717 
# 
loop_
_atom_type.symbol 
C 
N 
O 
P 
# 
loop_
_atom_site.group_PDB 
_atom_site.id 
_atom_site.type_symbol 
_atom_site.label_atom_id 
_atom_site.label_alt_id 
_atom_site.label_comp_id 
_atom_site.label_asym_id 
_atom_site.label_entity_id 
_atom_site.label_seq_id 
_atom_site.pdbx_PDB_ins_code 
_atom_site.Cartn_x 
_atom_site.Cartn_y 
_atom_site.Cartn_z 
_atom_site.occupancy 
_atom_site.B_iso_or_equiv 
_atom_site.pdbx_formal_charge 
_atom_site.auth_seq_id 
_atom_site.auth_comp_id 
_atom_site.auth_asym_id 
_atom_site.auth_atom_id 
_atom_site.pdbx_PDB_model_num 
ATOM   1   P P     . G   A 1 3  ? -26.140 -7.404  -2.393  1.00 104.20 ? 3   G   A P     1 
ATOM   2   O OP1   . G   A 1 3  ? -26.214 -5.880  -2.438  1.00 103.85 ? 3   G   A OP1   1 
ATOM   3   O OP2   . G   A 1 3  ? -24.916 -7.947  -3.125  1.00 102.85 ? 3   G   A OP2   1 
ATOM   4   O "O5'" . G   A 1 3  ? -25.923 -7.807  -0.824  1.00 101.08 ? 3   G   A "O5'" 1 
ATOM   5   C "C5'" . G   A 1 3  ? -26.813 -7.334  0.207   1.00 95.94  ? 3   G   A "C5'" 1 
ATOM   6   C "C4'" . G   A 1 3  ? -26.710 -8.218  1.429   1.00 93.48  ? 3   G   A "C4'" 1 
ATOM   7   O "O4'" . G   A 1 3  ? -27.252 -9.529  1.108   1.00 92.67  ? 3   G   A "O4'" 1 
ATOM   8   C "C3'" . G   A 1 3  ? -25.296 -8.491  1.933   1.00 92.05  ? 3   G   A "C3'" 1 
ATOM   9   O "O3'" . G   A 1 3  ? -24.831 -7.462  2.813   1.00 90.26  ? 3   G   A "O3'" 1 
ATOM   10  C "C2'" . G   A 1 3  ? -25.451 -9.833  2.648   1.00 91.93  ? 3   G   A "C2'" 1 
ATOM   11  O "O2'" . G   A 1 3  ? -25.892 -9.736  3.986   1.00 90.74  ? 3   G   A "O2'" 1 
ATOM   12  C "C1'" . G   A 1 3  ? -26.500 -10.535 1.775   1.00 92.29  ? 3   G   A "C1'" 1 
ATOM   13  N N9    . G   A 1 3  ? -25.895 -11.408 0.770   1.00 91.99  ? 3   G   A N9    1 
ATOM   14  C C8    . G   A 1 3  ? -25.977 -11.295 -0.602  1.00 90.98  ? 3   G   A C8    1 
ATOM   15  N N7    . G   A 1 3  ? -25.280 -12.203 -1.233  1.00 89.90  ? 3   G   A N7    1 
ATOM   16  C C5    . G   A 1 3  ? -24.712 -12.967 -0.221  1.00 90.05  ? 3   G   A C5    1 
ATOM   17  C C6    . G   A 1 3  ? -23.842 -14.090 -0.290  1.00 89.41  ? 3   G   A C6    1 
ATOM   18  O O6    . G   A 1 3  ? -23.361 -14.637 -1.294  1.00 88.93  ? 3   G   A O6    1 
ATOM   19  N N1    . G   A 1 3  ? -23.530 -14.569 0.981   1.00 88.62  ? 3   G   A N1    1 
ATOM   20  C C2    . G   A 1 3  ? -23.980 -14.030 2.165   1.00 87.90  ? 3   G   A C2    1 
ATOM   21  N N2    . G   A 1 3  ? -23.567 -14.628 3.287   1.00 86.94  ? 3   G   A N2    1 
ATOM   22  N N3    . G   A 1 3  ? -24.775 -12.981 2.241   1.00 89.15  ? 3   G   A N3    1 
ATOM   23  C C4    . G   A 1 3  ? -25.100 -12.502 1.020   1.00 90.74  ? 3   G   A C4    1 
ATOM   24  P P     . C   A 1 4  ? -23.270 -7.044  2.818   1.00 89.90  ? 4   C   A P     1 
ATOM   25  O OP1   . C   A 1 4  ? -23.157 -5.734  3.514   1.00 88.86  ? 4   C   A OP1   1 
ATOM   26  O OP2   . C   A 1 4  ? -22.729 -7.189  1.443   1.00 88.64  ? 4   C   A OP2   1 
ATOM   27  O "O5'" . C   A 1 4  ? -22.568 -8.135  3.746   1.00 87.86  ? 4   C   A "O5'" 1 
ATOM   28  C "C5'" . C   A 1 4  ? -22.826 -8.189  5.144   1.00 84.27  ? 4   C   A "C5'" 1 
ATOM   29  C "C4'" . C   A 1 4  ? -22.126 -9.378  5.756   1.00 84.28  ? 4   C   A "C4'" 1 
ATOM   30  O "O4'" . C   A 1 4  ? -22.714 -10.615 5.255   1.00 83.45  ? 4   C   A "O4'" 1 
ATOM   31  C "C3'" . C   A 1 4  ? -20.658 -9.510  5.393   1.00 84.39  ? 4   C   A "C3'" 1 
ATOM   32  O "O3'" . C   A 1 4  ? -19.821 -8.675  6.177   1.00 85.63  ? 4   C   A "O3'" 1 
ATOM   33  C "C2'" . C   A 1 4  ? -20.403 -10.986 5.658   1.00 83.80  ? 4   C   A "C2'" 1 
ATOM   34  O "O2'" . C   A 1 4  ? -20.227 -11.276 7.024   1.00 82.86  ? 4   C   A "O2'" 1 
ATOM   35  C "C1'" . C   A 1 4  ? -21.699 -11.608 5.130   1.00 83.88  ? 4   C   A "C1'" 1 
ATOM   36  N N1    . C   A 1 4  ? -21.540 -11.971 3.705   1.00 83.53  ? 4   C   A N1    1 
ATOM   37  C C2    . C   A 1 4  ? -20.797 -13.119 3.381   1.00 83.15  ? 4   C   A C2    1 
ATOM   38  O O2    . C   A 1 4  ? -20.367 -13.838 4.301   1.00 82.28  ? 4   C   A O2    1 
ATOM   39  N N3    . C   A 1 4  ? -20.566 -13.412 2.077   1.00 82.65  ? 4   C   A N3    1 
ATOM   40  C C4    . C   A 1 4  ? -21.048 -12.619 1.117   1.00 81.94  ? 4   C   A C4    1 
ATOM   41  N N4    . C   A 1 4  ? -20.759 -12.925 -0.147  1.00 80.61  ? 4   C   A N4    1 
ATOM   42  C C5    . C   A 1 4  ? -21.844 -11.472 1.415   1.00 82.36  ? 4   C   A C5    1 
ATOM   43  C C6    . C   A 1 4  ? -22.068 -11.192 2.710   1.00 83.35  ? 4   C   A C6    1 
ATOM   44  P P     . G   A 1 5  ? -18.440 -8.129  5.555   1.00 88.58  ? 5   G   A P     1 
ATOM   45  O OP1   . G   A 1 5  ? -17.911 -7.022  6.398   1.00 89.67  ? 5   G   A OP1   1 
ATOM   46  O OP2   . G   A 1 5  ? -18.693 -7.895  4.109   1.00 88.73  ? 5   G   A OP2   1 
ATOM   47  O "O5'" . G   A 1 5  ? -17.430 -9.349  5.704   1.00 85.45  ? 5   G   A "O5'" 1 
ATOM   48  C "C5'" . G   A 1 5  ? -17.068 -9.832  6.987   1.00 80.69  ? 5   G   A "C5'" 1 
ATOM   49  C "C4'" . G   A 1 5  ? -16.300 -11.111 6.845   1.00 78.53  ? 5   G   A "C4'" 1 
ATOM   50  O "O4'" . G   A 1 5  ? -17.129 -12.079 6.149   1.00 77.61  ? 5   G   A "O4'" 1 
ATOM   51  C "C3'" . G   A 1 5  ? -15.074 -11.001 5.964   1.00 77.53  ? 5   G   A "C3'" 1 
ATOM   52  O "O3'" . G   A 1 5  ? -13.962 -10.501 6.683   1.00 76.92  ? 5   G   A "O3'" 1 
ATOM   53  C "C2'" . G   A 1 5  ? -14.874 -12.442 5.532   1.00 78.09  ? 5   G   A "C2'" 1 
ATOM   54  O "O2'" . G   A 1 5  ? -14.305 -13.239 6.547   1.00 80.48  ? 5   G   A "O2'" 1 
ATOM   55  C "C1'" . G   A 1 5  ? -16.318 -12.873 5.293   1.00 77.89  ? 5   G   A "C1'" 1 
ATOM   56  N N9    . G   A 1 5  ? -16.734 -12.648 3.909   1.00 77.22  ? 5   G   A N9    1 
ATOM   57  C C8    . G   A 1 5  ? -17.641 -11.720 3.450   1.00 78.10  ? 5   G   A C8    1 
ATOM   58  N N7    . G   A 1 5  ? -17.795 -11.750 2.153   1.00 77.33  ? 5   G   A N7    1 
ATOM   59  C C5    . G   A 1 5  ? -16.941 -12.762 1.730   1.00 75.22  ? 5   G   A C5    1 
ATOM   60  C C6    . G   A 1 5  ? -16.678 -13.250 0.433   1.00 72.72  ? 5   G   A C6    1 
ATOM   61  O O6    . G   A 1 5  ? -17.157 -12.876 -0.637  1.00 71.60  ? 5   G   A O6    1 
ATOM   62  N N1    . G   A 1 5  ? -15.748 -14.283 0.454   1.00 72.76  ? 5   G   A N1    1 
ATOM   63  C C2    . G   A 1 5  ? -15.142 -14.780 1.582   1.00 74.26  ? 5   G   A C2    1 
ATOM   64  N N2    . G   A 1 5  ? -14.265 -15.783 1.405   1.00 73.11  ? 5   G   A N2    1 
ATOM   65  N N3    . G   A 1 5  ? -15.379 -14.327 2.801   1.00 75.71  ? 5   G   A N3    1 
ATOM   66  C C4    . G   A 1 5  ? -16.281 -13.326 2.802   1.00 75.68  ? 5   G   A C4    1 
ATOM   67  P P     . U   A 1 6  ? -12.746 -9.819  5.883   1.00 76.45  ? 6   U   A P     1 
ATOM   68  O OP1   . U   A 1 6  ? -11.855 -9.134  6.860   1.00 74.61  ? 6   U   A OP1   1 
ATOM   69  O OP2   . U   A 1 6  ? -13.348 -9.038  4.764   1.00 75.04  ? 6   U   A OP2   1 
ATOM   70  O "O5'" . U   A 1 6  ? -11.948 -11.069 5.295   1.00 73.09  ? 6   U   A "O5'" 1 
ATOM   71  C "C5'" . U   A 1 6  ? -11.418 -12.055 6.164   1.00 70.84  ? 6   U   A "C5'" 1 
ATOM   72  C "C4'" . U   A 1 6  ? -10.681 -13.100 5.377   1.00 70.47  ? 6   U   A "C4'" 1 
ATOM   73  O "O4'" . U   A 1 6  ? -11.614 -13.867 4.574   1.00 72.13  ? 6   U   A "O4'" 1 
ATOM   74  C "C3'" . U   A 1 6  ? -9.714  -12.570 4.342   1.00 72.00  ? 6   U   A "C3'" 1 
ATOM   75  O "O3'" . U   A 1 6  ? -8.494  -12.121 4.903   1.00 72.03  ? 6   U   A "O3'" 1 
ATOM   76  C "C2'" . U   A 1 6  ? -9.526  -13.787 3.447   1.00 72.51  ? 6   U   A "C2'" 1 
ATOM   77  O "O2'" . U   A 1 6  ? -8.628  -14.737 3.985   1.00 72.57  ? 6   U   A "O2'" 1 
ATOM   78  C "C1'" . U   A 1 6  ? -10.953 -14.343 3.404   1.00 72.26  ? 6   U   A "C1'" 1 
ATOM   79  N N1    . U   A 1 6  ? -11.672 -13.848 2.220   1.00 71.24  ? 6   U   A N1    1 
ATOM   80  C C2    . U   A 1 6  ? -11.465 -14.501 1.009   1.00 70.85  ? 6   U   A C2    1 
ATOM   81  O O2    . U   A 1 6  ? -10.779 -15.511 0.896   1.00 69.65  ? 6   U   A O2    1 
ATOM   82  N N3    . U   A 1 6  ? -12.102 -13.931 -0.066  1.00 70.61  ? 6   U   A N3    1 
ATOM   83  C C4    . U   A 1 6  ? -12.917 -12.816 -0.056  1.00 70.54  ? 6   U   A C4    1 
ATOM   84  O O4    . U   A 1 6  ? -13.351 -12.376 -1.123  1.00 71.27  ? 6   U   A O4    1 
ATOM   85  C C5    . U   A 1 6  ? -13.114 -12.229 1.236   1.00 70.43  ? 6   U   A C5    1 
ATOM   86  C C6    . U   A 1 6  ? -12.502 -12.751 2.302   1.00 70.77  ? 6   U   A C6    1 
ATOM   87  P P     . C   A 1 7  ? -7.622  -11.034 4.110   1.00 71.92  ? 7   C   A P     1 
ATOM   88  O OP1   . C   A 1 7  ? -6.333  -10.864 4.823   1.00 73.19  ? 7   C   A OP1   1 
ATOM   89  O OP2   . C   A 1 7  ? -8.477  -9.847  3.836   1.00 69.04  ? 7   C   A OP2   1 
ATOM   90  O "O5'" . C   A 1 7  ? -7.315  -11.741 2.721   1.00 71.06  ? 7   C   A "O5'" 1 
ATOM   91  C "C5'" . C   A 1 7  ? -6.406  -12.827 2.641   1.00 68.15  ? 7   C   A "C5'" 1 
ATOM   92  C "C4'" . C   A 1 7  ? -6.272  -13.270 1.211   1.00 66.36  ? 7   C   A "C4'" 1 
ATOM   93  O "O4'" . C   A 1 7  ? -7.587  -13.644 0.717   1.00 64.60  ? 7   C   A "O4'" 1 
ATOM   94  C "C3'" . C   A 1 7  ? -5.836  -12.193 0.235   1.00 66.44  ? 7   C   A "C3'" 1 
ATOM   95  O "O3'" . C   A 1 7  ? -4.433  -11.999 0.215   1.00 68.03  ? 7   C   A "O3'" 1 
ATOM   96  C "C2'" . C   A 1 7  ? -6.328  -12.765 -1.082  1.00 65.58  ? 7   C   A "C2'" 1 
ATOM   97  O "O2'" . C   A 1 7  ? -5.522  -13.826 -1.532  1.00 64.64  ? 7   C   A "O2'" 1 
ATOM   98  C "C1'" . C   A 1 7  ? -7.692  -13.306 -0.663  1.00 65.75  ? 7   C   A "C1'" 1 
ATOM   99  N N1    . C   A 1 7  ? -8.751  -12.287 -0.835  1.00 65.85  ? 7   C   A N1    1 
ATOM   100 C C2    . C   A 1 7  ? -9.243  -12.044 -2.121  1.00 66.22  ? 7   C   A C2    1 
ATOM   101 O O2    . C   A 1 7  ? -8.782  -12.696 -3.074  1.00 66.40  ? 7   C   A O2    1 
ATOM   102 N N3    . C   A 1 7  ? -10.205 -11.103 -2.296  1.00 66.93  ? 7   C   A N3    1 
ATOM   103 C C4    . C   A 1 7  ? -10.672 -10.418 -1.246  1.00 66.00  ? 7   C   A C4    1 
ATOM   104 N N4    . C   A 1 7  ? -11.618 -9.490  -1.471  1.00 65.12  ? 7   C   A N4    1 
ATOM   105 C C5    . C   A 1 7  ? -10.194 -10.649 0.075   1.00 64.35  ? 7   C   A C5    1 
ATOM   106 C C6    . C   A 1 7  ? -9.242  -11.583 0.234   1.00 66.36  ? 7   C   A C6    1 
ATOM   107 P P     . G   A 1 8  ? -3.838  -10.621 -0.357  1.00 69.05  ? 8   G   A P     1 
ATOM   108 O OP1   . G   A 1 8  ? -2.356  -10.659 -0.272  1.00 69.22  ? 8   G   A OP1   1 
ATOM   109 O OP2   . G   A 1 8  ? -4.590  -9.553  0.354   1.00 67.56  ? 8   G   A OP2   1 
ATOM   110 O "O5'" . G   A 1 8  ? -4.244  -10.618 -1.902  1.00 66.42  ? 8   G   A "O5'" 1 
ATOM   111 C "C5'" . G   A 1 8  ? -3.642  -11.535 -2.811  1.00 65.74  ? 8   G   A "C5'" 1 
ATOM   112 C "C4'" . G   A 1 8  ? -4.010  -11.197 -4.238  1.00 65.00  ? 8   G   A "C4'" 1 
ATOM   113 O "O4'" . G   A 1 8  ? -5.429  -11.425 -4.473  1.00 64.17  ? 8   G   A "O4'" 1 
ATOM   114 C "C3'" . G   A 1 8  ? -3.790  -9.755  -4.658  1.00 64.96  ? 8   G   A "C3'" 1 
ATOM   115 O "O3'" . G   A 1 8  ? -2.435  -9.534  -5.030  1.00 65.33  ? 8   G   A "O3'" 1 
ATOM   116 C "C2'" . G   A 1 8  ? -4.719  -9.650  -5.859  1.00 65.33  ? 8   G   A "C2'" 1 
ATOM   117 O "O2'" . G   A 1 8  ? -4.168  -10.291 -6.989  1.00 65.68  ? 8   G   A "O2'" 1 
ATOM   118 C "C1'" . G   A 1 8  ? -5.930  -10.441 -5.366  1.00 63.27  ? 8   G   A "C1'" 1 
ATOM   119 N N9    . G   A 1 8  ? -6.883  -9.605  -4.637  1.00 63.86  ? 8   G   A N9    1 
ATOM   120 C C8    . G   A 1 8  ? -7.085  -9.573  -3.274  1.00 62.48  ? 8   G   A C8    1 
ATOM   121 N N7    . G   A 1 8  ? -8.007  -8.722  -2.908  1.00 58.01  ? 8   G   A N7    1 
ATOM   122 C C5    . G   A 1 8  ? -8.442  -8.154  -4.098  1.00 60.74  ? 8   G   A C5    1 
ATOM   123 C C6    . G   A 1 8  ? -9.438  -7.150  -4.339  1.00 61.22  ? 8   G   A C6    1 
ATOM   124 O O6    . G   A 1 8  ? -10.158 -6.553  -3.515  1.00 58.71  ? 8   G   A O6    1 
ATOM   125 N N1    . G   A 1 8  ? -9.556  -6.864  -5.699  1.00 60.33  ? 8   G   A N1    1 
ATOM   126 C C2    . G   A 1 8  ? -8.820  -7.459  -6.698  1.00 61.84  ? 8   G   A C2    1 
ATOM   127 N N2    . G   A 1 8  ? -9.083  -7.049  -7.953  1.00 61.74  ? 8   G   A N2    1 
ATOM   128 N N3    . G   A 1 8  ? -7.894  -8.389  -6.488  1.00 62.86  ? 8   G   A N3    1 
ATOM   129 C C4    . G   A 1 8  ? -7.759  -8.685  -5.176  1.00 62.19  ? 8   G   A C4    1 
ATOM   130 P P     . C   A 1 9  ? -1.811  -8.051  -4.947  1.00 65.85  ? 9   C   A P     1 
ATOM   131 O OP1   . C   A 1 9  ? -0.368  -8.163  -5.270  1.00 68.87  ? 9   C   A OP1   1 
ATOM   132 O OP2   . C   A 1 9  ? -2.221  -7.413  -3.677  1.00 66.10  ? 9   C   A OP2   1 
ATOM   133 O "O5'" . C   A 1 9  ? -2.507  -7.271  -6.144  1.00 64.83  ? 9   C   A "O5'" 1 
ATOM   134 C "C5'" . C   A 1 9  ? -2.287  -7.664  -7.487  1.00 63.77  ? 9   C   A "C5'" 1 
ATOM   135 C "C4'" . C   A 1 9  ? -3.091  -6.794  -8.406  1.00 63.55  ? 9   C   A "C4'" 1 
ATOM   136 O "O4'" . C   A 1 9  ? -4.497  -7.012  -8.132  1.00 64.86  ? 9   C   A "O4'" 1 
ATOM   137 C "C3'" . C   A 1 9  ? -2.910  -5.309  -8.171  1.00 63.24  ? 9   C   A "C3'" 1 
ATOM   138 O "O3'" . C   A 1 9  ? -1.764  -4.832  -8.844  1.00 63.70  ? 9   C   A "O3'" 1 
ATOM   139 C "C2'" . C   A 1 9  ? -4.203  -4.745  -8.732  1.00 63.33  ? 9   C   A "C2'" 1 
ATOM   140 O "O2'" . C   A 1 9  ? -4.245  -4.707  -10.142 1.00 63.50  ? 9   C   A "O2'" 1 
ATOM   141 C "C1'" . C   A 1 9  ? -5.206  -5.786  -8.243  1.00 63.54  ? 9   C   A "C1'" 1 
ATOM   142 N N1    . C   A 1 9  ? -5.768  -5.465  -6.922  1.00 62.39  ? 9   C   A N1    1 
ATOM   143 C C2    . C   A 1 9  ? -6.807  -4.516  -6.824  1.00 60.79  ? 9   C   A C2    1 
ATOM   144 O O2    . C   A 1 9  ? -7.230  -3.968  -7.854  1.00 61.18  ? 9   C   A O2    1 
ATOM   145 N N3    . C   A 1 9  ? -7.319  -4.226  -5.611  1.00 59.72  ? 9   C   A N3    1 
ATOM   146 C C4    . C   A 1 9  ? -6.840  -4.830  -4.523  1.00 59.21  ? 9   C   A C4    1 
ATOM   147 N N4    . C   A 1 9  ? -7.375  -4.512  -3.351  1.00 57.38  ? 9   C   A N4    1 
ATOM   148 C C5    . C   A 1 9  ? -5.788  -5.794  -4.592  1.00 60.46  ? 9   C   A C5    1 
ATOM   149 C C6    . C   A 1 9  ? -5.288  -6.078  -5.799  1.00 61.26  ? 9   C   A C6    1 
ATOM   150 P P     . G   A 1 10 ? -0.893  -3.656  -8.188  1.00 66.60  ? 10  G   A P     1 
ATOM   151 O OP1   . G   A 1 10 ? 0.304   -3.494  -9.049  1.00 66.93  ? 10  G   A OP1   1 
ATOM   152 O OP2   . G   A 1 10 ? -0.728  -3.898  -6.722  1.00 61.95  ? 10  G   A OP2   1 
ATOM   153 O "O5'" . G   A 1 10 ? -1.786  -2.359  -8.420  1.00 64.19  ? 10  G   A "O5'" 1 
ATOM   154 C "C5'" . G   A 1 10 ? -2.065  -1.916  -9.735  1.00 61.06  ? 10  G   A "C5'" 1 
ATOM   155 C "C4'" . G   A 1 10 ? -3.095  -0.822  -9.709  1.00 59.28  ? 10  G   A "C4'" 1 
ATOM   156 O "O4'" . G   A 1 10 ? -4.347  -1.343  -9.201  1.00 57.60  ? 10  G   A "O4'" 1 
ATOM   157 C "C3'" . G   A 1 10 ? -2.801  0.339   -8.784  1.00 59.02  ? 10  G   A "C3'" 1 
ATOM   158 O "O3'" . G   A 1 10 ? -1.909  1.264   -9.382  1.00 60.27  ? 10  G   A "O3'" 1 
ATOM   159 C "C2'" . G   A 1 10 ? -4.185  0.939   -8.638  1.00 59.08  ? 10  G   A "C2'" 1 
ATOM   160 O "O2'" . G   A 1 10 ? -4.585  1.605   -9.815  1.00 60.30  ? 10  G   A "O2'" 1 
ATOM   161 C "C1'" . G   A 1 10 ? -5.021  -0.325  -8.484  1.00 58.71  ? 10  G   A "C1'" 1 
ATOM   162 N N9    . G   A 1 10 ? -5.127  -0.732  -7.088  1.00 57.69  ? 10  G   A N9    1 
ATOM   163 C C8    . G   A 1 10 ? -4.467  -1.763  -6.468  1.00 57.43  ? 10  G   A C8    1 
ATOM   164 N N7    . G   A 1 10 ? -4.795  -1.898  -5.211  1.00 57.42  ? 10  G   A N7    1 
ATOM   165 C C5    . G   A 1 10 ? -5.726  -0.893  -4.987  1.00 56.30  ? 10  G   A C5    1 
ATOM   166 C C6    . G   A 1 10 ? -6.455  -0.548  -3.807  1.00 54.57  ? 10  G   A C6    1 
ATOM   167 O O6    . G   A 1 10 ? -6.431  -1.094  -2.697  1.00 53.99  ? 10  G   A O6    1 
ATOM   168 N N1    . G   A 1 10 ? -7.279  0.555   -4.018  1.00 52.22  ? 10  G   A N1    1 
ATOM   169 C C2    . G   A 1 10 ? -7.399  1.235   -5.209  1.00 55.17  ? 10  G   A C2    1 
ATOM   170 N N2    . G   A 1 10 ? -8.234  2.284   -5.216  1.00 52.28  ? 10  G   A N2    1 
ATOM   171 N N3    . G   A 1 10 ? -6.743  0.912   -6.318  1.00 56.96  ? 10  G   A N3    1 
ATOM   172 C C4    . G   A 1 10 ? -5.929  -0.154  -6.134  1.00 57.13  ? 10  G   A C4    1 
ATOM   173 P P     . C   A 1 11 ? -0.729  1.904   -8.502  1.00 61.58  ? 11  C   A P     1 
ATOM   174 O OP1   . C   A 1 11 ? 0.302   2.375   -9.449  1.00 60.90  ? 11  C   A OP1   1 
ATOM   175 O OP2   . C   A 1 11 ? -0.367  0.955   -7.407  1.00 60.88  ? 11  C   A OP2   1 
ATOM   176 O "O5'" . C   A 1 11 ? -1.381  3.191   -7.837  1.00 59.68  ? 11  C   A "O5'" 1 
ATOM   177 C "C5'" . C   A 1 11 ? -1.907  4.228   -8.643  1.00 54.80  ? 11  C   A "C5'" 1 
ATOM   178 C "C4'" . C   A 1 11 ? -2.858  5.077   -7.844  1.00 52.29  ? 11  C   A "C4'" 1 
ATOM   179 O "O4'" . C   A 1 11 ? -4.018  4.288   -7.460  1.00 51.49  ? 11  C   A "O4'" 1 
ATOM   180 C "C3'" . C   A 1 11 ? -2.342  5.605   -6.519  1.00 50.57  ? 11  C   A "C3'" 1 
ATOM   181 O "O3'" . C   A 1 11 ? -1.518  6.739   -6.733  1.00 48.92  ? 11  C   A "O3'" 1 
ATOM   182 C "C2'" . C   A 1 11 ? -3.658  5.954   -5.843  1.00 50.22  ? 11  C   A "C2'" 1 
ATOM   183 O "O2'" . C   A 1 11 ? -4.264  7.067   -6.463  1.00 49.37  ? 11  C   A "O2'" 1 
ATOM   184 C "C1'" . C   A 1 11 ? -4.492  4.722   -6.195  1.00 49.75  ? 11  C   A "C1'" 1 
ATOM   185 N N1    . C   A 1 11 ? -4.298  3.627   -5.228  1.00 49.41  ? 11  C   A N1    1 
ATOM   186 C C2    . C   A 1 11 ? -5.073  3.604   -4.064  1.00 47.47  ? 11  C   A C2    1 
ATOM   187 O O2    . C   A 1 11 ? -5.917  4.486   -3.884  1.00 46.96  ? 11  C   A O2    1 
ATOM   188 N N3    . C   A 1 11 ? -4.877  2.620   -3.163  1.00 46.83  ? 11  C   A N3    1 
ATOM   189 C C4    . C   A 1 11 ? -3.961  1.675   -3.392  1.00 44.38  ? 11  C   A C4    1 
ATOM   190 N N4    . C   A 1 11 ? -3.816  0.720   -2.482  1.00 41.66  ? 11  C   A N4    1 
ATOM   191 C C5    . C   A 1 11 ? -3.164  1.668   -4.566  1.00 45.34  ? 11  C   A C5    1 
ATOM   192 C C6    . C   A 1 11 ? -3.364  2.651   -5.452  1.00 48.57  ? 11  C   A C6    1 
ATOM   193 P P     . C   A 1 12 ? -0.366  7.120   -5.672  1.00 51.41  ? 12  C   A P     1 
ATOM   194 O OP1   . C   A 1 12 ? 0.320   8.299   -6.272  1.00 54.91  ? 12  C   A OP1   1 
ATOM   195 O OP2   . C   A 1 12 ? 0.436   5.936   -5.245  1.00 49.56  ? 12  C   A OP2   1 
ATOM   196 O "O5'" . C   A 1 12 ? -1.143  7.626   -4.376  1.00 53.70  ? 12  C   A "O5'" 1 
ATOM   197 C "C5'" . C   A 1 12 ? -1.969  8.788   -4.418  1.00 55.38  ? 12  C   A "C5'" 1 
ATOM   198 C "C4'" . C   A 1 12 ? -2.755  8.925   -3.130  1.00 55.18  ? 12  C   A "C4'" 1 
ATOM   199 O "O4'" . C   A 1 12 ? -3.686  7.810   -2.979  1.00 55.97  ? 12  C   A "O4'" 1 
ATOM   200 C "C3'" . C   A 1 12 ? -1.930  8.876   -1.861  1.00 55.18  ? 12  C   A "C3'" 1 
ATOM   201 O "O3'" . C   A 1 12 ? -1.333  10.141  -1.594  1.00 55.06  ? 12  C   A "O3'" 1 
ATOM   202 C "C2'" . C   A 1 12 ? -3.002  8.511   -0.845  1.00 56.20  ? 12  C   A "C2'" 1 
ATOM   203 O "O2'" . C   A 1 12 ? -3.873  9.595   -0.620  1.00 53.05  ? 12  C   A "O2'" 1 
ATOM   204 C "C1'" . C   A 1 12 ? -3.770  7.436   -1.613  1.00 55.91  ? 12  C   A "C1'" 1 
ATOM   205 N N1    . C   A 1 12 ? -3.177  6.089   -1.453  1.00 56.74  ? 12  C   A N1    1 
ATOM   206 C C2    . C   A 1 12 ? -3.425  5.379   -0.273  1.00 56.76  ? 12  C   A C2    1 
ATOM   207 O O2    . C   A 1 12 ? -4.156  5.888   0.586   1.00 59.59  ? 12  C   A O2    1 
ATOM   208 N N3    . C   A 1 12 ? -2.865  4.155   -0.101  1.00 56.88  ? 12  C   A N3    1 
ATOM   209 C C4    . C   A 1 12 ? -2.092  3.635   -1.062  1.00 57.46  ? 12  C   A C4    1 
ATOM   210 N N4    . C   A 1 12 ? -1.563  2.422   -0.861  1.00 54.56  ? 12  C   A N4    1 
ATOM   211 C C5    . C   A 1 12 ? -1.829  4.334   -2.278  1.00 57.02  ? 12  C   A C5    1 
ATOM   212 C C6    . C   A 1 12 ? -2.390  5.545   -2.431  1.00 57.27  ? 12  C   A C6    1 
ATOM   213 P P     . G   A 1 13 ? -0.007  10.223  -0.687  1.00 55.25  ? 13  G   A P     1 
ATOM   214 O OP1   . G   A 1 13 ? 0.462   11.630  -0.741  1.00 53.18  ? 13  G   A OP1   1 
ATOM   215 O OP2   . G   A 1 13 ? 0.913   9.112   -1.045  1.00 52.30  ? 13  G   A OP2   1 
ATOM   216 O "O5'" . G   A 1 13 ? -0.520  9.957   0.796   1.00 54.74  ? 13  G   A "O5'" 1 
ATOM   217 C "C5'" . G   A 1 13 ? -1.502  10.797  1.374   1.00 54.53  ? 13  G   A "C5'" 1 
ATOM   218 C "C4'" . G   A 1 13 ? -1.983  10.214  2.674   1.00 55.72  ? 13  G   A "C4'" 1 
ATOM   219 O "O4'" . G   A 1 13 ? -2.686  8.966   2.424   1.00 54.23  ? 13  G   A "O4'" 1 
ATOM   220 C "C3'" . G   A 1 13 ? -0.903  9.824   3.672   1.00 55.64  ? 13  G   A "C3'" 1 
ATOM   221 O "O3'" . G   A 1 13 ? -0.419  10.954  4.388   1.00 57.79  ? 13  G   A "O3'" 1 
ATOM   222 C "C2'" . G   A 1 13 ? -1.675  8.870   4.567   1.00 55.55  ? 13  G   A "C2'" 1 
ATOM   223 O "O2'" . G   A 1 13 ? -2.540  9.555   5.446   1.00 55.19  ? 13  G   A "O2'" 1 
ATOM   224 C "C1'" . G   A 1 13 ? -2.499  8.098   3.531   1.00 54.85  ? 13  G   A "C1'" 1 
ATOM   225 N N9    . G   A 1 13 ? -1.803  6.904   3.058   1.00 52.51  ? 13  G   A N9    1 
ATOM   226 C C8    . G   A 1 13 ? -1.141  6.746   1.868   1.00 50.55  ? 13  G   A C8    1 
ATOM   227 N N7    . G   A 1 13 ? -0.633  5.557   1.717   1.00 48.85  ? 13  G   A N7    1 
ATOM   228 C C5    . G   A 1 13 ? -0.989  4.885   2.874   1.00 49.61  ? 13  G   A C5    1 
ATOM   229 C C6    . G   A 1 13 ? -0.738  3.548   3.273   1.00 49.32  ? 13  G   A C6    1 
ATOM   230 O O6    . G   A 1 13 ? -0.186  2.644   2.634   1.00 49.29  ? 13  G   A O6    1 
ATOM   231 N N1    . G   A 1 13 ? -1.224  3.296   4.551   1.00 48.06  ? 13  G   A N1    1 
ATOM   232 C C2    . G   A 1 13 ? -1.896  4.197   5.330   1.00 49.11  ? 13  G   A C2    1 
ATOM   233 N N2    . G   A 1 13 ? -2.277  3.757   6.523   1.00 47.41  ? 13  G   A N2    1 
ATOM   234 N N3    . G   A 1 13 ? -2.174  5.441   4.959   1.00 50.35  ? 13  G   A N3    1 
ATOM   235 C C4    . G   A 1 13 ? -1.689  5.713   3.725   1.00 50.54  ? 13  G   A C4    1 
ATOM   236 P P     . G   A 1 14 ? 1.058   10.929  5.029   1.00 57.54  ? 14  G   A P     1 
ATOM   237 O OP1   . G   A 1 14 ? 1.300   12.246  5.654   1.00 58.96  ? 14  G   A OP1   1 
ATOM   238 O OP2   . G   A 1 14 ? 2.026   10.417  4.021   1.00 58.61  ? 14  G   A OP2   1 
ATOM   239 O "O5'" . G   A 1 14 ? 0.909   9.869   6.201   1.00 58.00  ? 14  G   A "O5'" 1 
ATOM   240 C "C5'" . G   A 1 14 ? 0.056   10.132  7.306   1.00 54.71  ? 14  G   A "C5'" 1 
ATOM   241 C "C4'" . G   A 1 14 ? 0.084   8.974   8.261   1.00 53.64  ? 14  G   A "C4'" 1 
ATOM   242 O "O4'" . G   A 1 14 ? -0.532  7.825   7.632   1.00 52.97  ? 14  G   A "O4'" 1 
ATOM   243 C "C3'" . G   A 1 14 ? 1.468   8.489   8.652   1.00 52.47  ? 14  G   A "C3'" 1 
ATOM   244 O "O3'" . G   A 1 14 ? 1.987   9.255   9.732   1.00 53.27  ? 14  G   A "O3'" 1 
ATOM   245 C "C2'" . G   A 1 14 ? 1.181   7.060   9.077   1.00 53.67  ? 14  G   A "C2'" 1 
ATOM   246 O "O2'" . G   A 1 14 ? 0.605   7.003   10.364  1.00 55.23  ? 14  G   A "O2'" 1 
ATOM   247 C "C1'" . G   A 1 14 ? 0.145   6.648   8.034   1.00 53.97  ? 14  G   A "C1'" 1 
ATOM   248 N N9    . G   A 1 14 ? 0.745   6.037   6.850   1.00 55.55  ? 14  G   A N9    1 
ATOM   249 C C8    . G   A 1 14 ? 1.009   6.629   5.638   1.00 53.94  ? 14  G   A C8    1 
ATOM   250 N N7    . G   A 1 14 ? 1.527   5.804   4.767   1.00 53.97  ? 14  G   A N7    1 
ATOM   251 C C5    . G   A 1 14 ? 1.609   4.596   5.447   1.00 52.98  ? 14  G   A C5    1 
ATOM   252 C C6    . G   A 1 14 ? 2.071   3.324   5.015   1.00 52.11  ? 14  G   A C6    1 
ATOM   253 O O6    . G   A 1 14 ? 2.480   2.988   3.894   1.00 50.22  ? 14  G   A O6    1 
ATOM   254 N N1    . G   A 1 14 ? 2.004   2.385   6.042   1.00 51.62  ? 14  G   A N1    1 
ATOM   255 C C2    . G   A 1 14 ? 1.529   2.629   7.312   1.00 54.59  ? 14  G   A C2    1 
ATOM   256 N N2    . G   A 1 14 ? 1.555   1.605   8.181   1.00 53.65  ? 14  G   A N2    1 
ATOM   257 N N3    . G   A 1 14 ? 1.065   3.798   7.709   1.00 55.75  ? 14  G   A N3    1 
ATOM   258 C C4    . G   A 1 14 ? 1.141   4.729   6.737   1.00 55.17  ? 14  G   A C4    1 
ATOM   259 P P     . C   A 1 15 ? 3.564   9.222   10.055  1.00 54.31  ? 15  C   A P     1 
ATOM   260 O OP1   . C   A 1 15 ? 3.804   10.093  11.226  1.00 55.39  ? 15  C   A OP1   1 
ATOM   261 O OP2   . C   A 1 15 ? 4.323   9.464   8.808   1.00 52.72  ? 15  C   A OP2   1 
ATOM   262 O "O5'" . C   A 1 15 ? 3.817   7.724   10.521  1.00 53.80  ? 15  C   A "O5'" 1 
ATOM   263 C "C5'" . C   A 1 15 ? 3.417   7.293   11.811  1.00 51.20  ? 15  C   A "C5'" 1 
ATOM   264 C "C4'" . C   A 1 15 ? 3.889   5.879   12.062  1.00 52.08  ? 15  C   A "C4'" 1 
ATOM   265 O "O4'" . C   A 1 15 ? 3.169   4.949   11.203  1.00 52.54  ? 15  C   A "O4'" 1 
ATOM   266 C "C3'" . C   A 1 15 ? 5.348   5.593   11.757  1.00 51.46  ? 15  C   A "C3'" 1 
ATOM   267 O "O3'" . C   A 1 15 ? 6.199   6.011   12.810  1.00 51.32  ? 15  C   A "O3'" 1 
ATOM   268 C "C2'" . C   A 1 15 ? 5.313   4.082   11.622  1.00 52.28  ? 15  C   A "C2'" 1 
ATOM   269 O "O2'" . C   A 1 15 ? 5.101   3.460   12.869  1.00 52.75  ? 15  C   A "O2'" 1 
ATOM   270 C "C1'" . C   A 1 15 ? 4.046   3.909   10.787  1.00 52.77  ? 15  C   A "C1'" 1 
ATOM   271 N N1    . C   A 1 15 ? 4.339   4.074   9.347   1.00 52.00  ? 15  C   A N1    1 
ATOM   272 C C2    . C   A 1 15 ? 4.682   2.941   8.598   1.00 51.90  ? 15  C   A C2    1 
ATOM   273 O O2    . C   A 1 15 ? 4.708   1.829   9.162   1.00 50.93  ? 15  C   A O2    1 
ATOM   274 N N3    . C   A 1 15 ? 4.985   3.086   7.280   1.00 50.33  ? 15  C   A N3    1 
ATOM   275 C C4    . C   A 1 15 ? 4.963   4.294   6.716   1.00 49.20  ? 15  C   A C4    1 
ATOM   276 N N4    . C   A 1 15 ? 5.293   4.387   5.430   1.00 47.02  ? 15  C   A N4    1 
ATOM   277 C C5    . C   A 1 15 ? 4.605   5.461   7.450   1.00 51.16  ? 15  C   A C5    1 
ATOM   278 C C6    . C   A 1 15 ? 4.300   5.307   8.749   1.00 51.40  ? 15  C   A C6    1 
ATOM   279 P P     . G   A 1 16 ? 7.740   6.345   12.507  1.00 53.13  ? 16  G   A P     1 
ATOM   280 O OP1   . G   A 1 16 ? 8.378   6.705   13.794  1.00 51.29  ? 16  G   A OP1   1 
ATOM   281 O OP2   . G   A 1 16 ? 7.839   7.283   11.339  1.00 48.45  ? 16  G   A OP2   1 
ATOM   282 O "O5'" . G   A 1 16 ? 8.332   4.954   12.025  1.00 52.02  ? 16  G   A "O5'" 1 
ATOM   283 C "C5'" . G   A 1 16 ? 8.488   3.877   12.916  1.00 52.14  ? 16  G   A "C5'" 1 
ATOM   284 C "C4'" . G   A 1 16 ? 9.079   2.709   12.179  1.00 55.41  ? 16  G   A "C4'" 1 
ATOM   285 O "O4'" . G   A 1 16 ? 8.142   2.257   11.157  1.00 56.02  ? 16  G   A "O4'" 1 
ATOM   286 C "C3'" . G   A 1 16 ? 10.346  2.994   11.390  1.00 55.82  ? 16  G   A "C3'" 1 
ATOM   287 O "O3'" . G   A 1 16 ? 11.476  2.972   12.265  1.00 58.85  ? 16  G   A "O3'" 1 
ATOM   288 C "C2'" . G   A 1 16 ? 10.346  1.804   10.436  1.00 55.09  ? 16  G   A "C2'" 1 
ATOM   289 O "O2'" . G   A 1 16 ? 10.702  0.614   11.105  1.00 54.69  ? 16  G   A "O2'" 1 
ATOM   290 C "C1'" . G   A 1 16 ? 8.862   1.705   10.062  1.00 54.71  ? 16  G   A "C1'" 1 
ATOM   291 N N9    . G   A 1 16 ? 8.534   2.446   8.841   1.00 53.46  ? 16  G   A N9    1 
ATOM   292 C C8    . G   A 1 16 ? 8.069   3.739   8.751   1.00 53.33  ? 16  G   A C8    1 
ATOM   293 N N7    . G   A 1 16 ? 7.983   4.168   7.521   1.00 51.46  ? 16  G   A N7    1 
ATOM   294 C C5    . G   A 1 16 ? 8.394   3.092   6.749   1.00 48.98  ? 16  G   A C5    1 
ATOM   295 C C6    . G   A 1 16 ? 8.569   2.982   5.334   1.00 49.54  ? 16  G   A C6    1 
ATOM   296 O O6    . G   A 1 16 ? 8.400   3.860   4.450   1.00 46.13  ? 16  G   A O6    1 
ATOM   297 N N1    . G   A 1 16 ? 9.010   1.706   4.979   1.00 48.00  ? 16  G   A N1    1 
ATOM   298 C C2    . G   A 1 16 ? 9.265   0.684   5.862   1.00 47.62  ? 16  G   A C2    1 
ATOM   299 N N2    . G   A 1 16 ? 9.696   -0.460  5.333   1.00 43.87  ? 16  G   A N2    1 
ATOM   300 N N3    . G   A 1 16 ? 9.117   0.782   7.173   1.00 49.81  ? 16  G   A N3    1 
ATOM   301 C C4    . G   A 1 16 ? 8.694   2.007   7.545   1.00 49.99  ? 16  G   A C4    1 
ATOM   302 P P     . A   A 1 17 ? 12.712  3.995   12.054  1.00 61.58  ? 17  A   A P     1 
ATOM   303 O OP1   . A   A 1 17 ? 13.515  3.897   13.301  1.00 61.98  ? 17  A   A OP1   1 
ATOM   304 O OP2   . A   A 1 17 ? 12.256  5.337   11.586  1.00 55.96  ? 17  A   A OP2   1 
ATOM   305 O "O5'" . A   A 1 17 ? 13.629  3.287   10.949  1.00 63.57  ? 17  A   A "O5'" 1 
ATOM   306 C "C5'" . A   A 1 17 ? 13.668  3.758   9.606   1.00 63.28  ? 17  A   A "C5'" 1 
ATOM   307 C "C4'" . A   A 1 17 ? 15.094  4.052   9.162   1.00 63.42  ? 17  A   A "C4'" 1 
ATOM   308 O "O4'" . A   A 1 17 ? 15.806  4.707   10.248  1.00 63.16  ? 17  A   A "O4'" 1 
ATOM   309 C "C3'" . A   A 1 17 ? 16.026  2.909   8.774   1.00 61.57  ? 17  A   A "C3'" 1 
ATOM   310 O "O3'" . A   A 1 17 ? 15.816  2.503   7.420   1.00 60.97  ? 17  A   A "O3'" 1 
ATOM   311 C "C2'" . A   A 1 17 ? 17.381  3.597   8.871   1.00 61.96  ? 17  A   A "C2'" 1 
ATOM   312 O "O2'" . A   A 1 17 ? 17.599  4.447   7.766   1.00 60.25  ? 17  A   A "O2'" 1 
ATOM   313 C "C1'" . A   A 1 17 ? 17.197  4.471   10.112  1.00 62.90  ? 17  A   A "C1'" 1 
ATOM   314 N N9    . A   A 1 17 ? 17.687  3.850   11.340  1.00 65.19  ? 17  A   A N9    1 
ATOM   315 C C8    . A   A 1 17 ? 16.959  3.415   12.423  1.00 64.80  ? 17  A   A C8    1 
ATOM   316 N N7    . A   A 1 17 ? 17.691  2.895   13.375  1.00 66.16  ? 17  A   A N7    1 
ATOM   317 C C5    . A   A 1 17 ? 18.990  2.991   12.891  1.00 66.77  ? 17  A   A C5    1 
ATOM   318 C C6    . A   A 1 17 ? 20.236  2.613   13.431  1.00 67.02  ? 17  A   A C6    1 
ATOM   319 N N6    . A   A 1 17 ? 20.378  2.037   14.626  1.00 66.27  ? 17  A   A N6    1 
ATOM   320 N N1    . A   A 1 17 ? 21.344  2.851   12.690  1.00 67.20  ? 17  A   A N1    1 
ATOM   321 C C2    . A   A 1 17 ? 21.198  3.432   11.490  1.00 67.01  ? 17  A   A C2    1 
ATOM   322 N N3    . A   A 1 17 ? 20.083  3.834   10.876  1.00 67.14  ? 17  A   A N3    1 
ATOM   323 C C4    . A   A 1 17 ? 19.002  3.580   11.640  1.00 65.76  ? 17  A   A C4    1 
ATOM   324 P P     . A   A 1 18 ? 16.183  0.995   6.961   1.00 61.80  ? 18  A   A P     1 
ATOM   325 O OP1   . A   A 1 18 ? 15.889  0.859   5.515   1.00 63.38  ? 18  A   A OP1   1 
ATOM   326 O OP2   . A   A 1 18 ? 15.551  0.049   7.913   1.00 60.36  ? 18  A   A OP2   1 
ATOM   327 O "O5'" . A   A 1 18 ? 17.769  0.903   7.136   1.00 63.44  ? 18  A   A "O5'" 1 
ATOM   328 C "C5'" . A   A 1 18 ? 18.672  1.626   6.288   1.00 62.34  ? 18  A   A "C5'" 1 
ATOM   329 C "C4'" . A   A 1 18 ? 20.107  1.418   6.749   1.00 63.09  ? 18  A   A "C4'" 1 
ATOM   330 O "O4'" . A   A 1 18 ? 20.273  1.933   8.104   1.00 64.25  ? 18  A   A "O4'" 1 
ATOM   331 C "C3'" . A   A 1 18 ? 20.560  -0.030  6.854   1.00 63.22  ? 18  A   A "C3'" 1 
ATOM   332 O "O3'" . A   A 1 18 ? 20.999  -0.515  5.588   1.00 63.42  ? 18  A   A "O3'" 1 
ATOM   333 C "C2'" . A   A 1 18 ? 21.719  0.077   7.838   1.00 63.33  ? 18  A   A "C2'" 1 
ATOM   334 O "O2'" . A   A 1 18 ? 22.882  0.588   7.218   1.00 63.94  ? 18  A   A "O2'" 1 
ATOM   335 C "C1'" . A   A 1 18 ? 21.191  1.120   8.826   1.00 63.38  ? 18  A   A "C1'" 1 
ATOM   336 N N9    . A   A 1 18 ? 20.496  0.552   9.989   1.00 65.06  ? 18  A   A N9    1 
ATOM   337 C C8    . A   A 1 18 ? 19.137  0.409   10.158  1.00 66.39  ? 18  A   A C8    1 
ATOM   338 N N7    . A   A 1 18 ? 18.798  -0.144  11.298  1.00 65.17  ? 18  A   A N7    1 
ATOM   339 C C5    . A   A 1 18 ? 20.010  -0.388  11.921  1.00 63.86  ? 18  A   A C5    1 
ATOM   340 C C6    . A   A 1 18 ? 20.331  -0.981  13.155  1.00 63.85  ? 18  A   A C6    1 
ATOM   341 N N6    . A   A 1 18 ? 19.421  -1.468  14.000  1.00 61.09  ? 18  A   A N6    1 
ATOM   342 N N1    . A   A 1 18 ? 21.635  -1.069  13.491  1.00 64.99  ? 18  A   A N1    1 
ATOM   343 C C2    . A   A 1 18 ? 22.548  -0.600  12.629  1.00 66.60  ? 18  A   A C2    1 
ATOM   344 N N3    . A   A 1 18 ? 22.371  -0.030  11.434  1.00 66.21  ? 18  A   A N3    1 
ATOM   345 C C4    . A   A 1 18 ? 21.066  0.046   11.136  1.00 64.08  ? 18  A   A C4    1 
ATOM   346 P P     . G   A 1 19 ? 20.072  -1.539  4.757   1.00 63.09  ? 19  G   A P     1 
ATOM   347 O OP1   . G   A 1 19 ? 19.120  -2.209  5.678   1.00 63.80  ? 19  G   A OP1   1 
ATOM   348 O OP2   . G   A 1 19 ? 20.965  -2.368  3.907   1.00 65.49  ? 19  G   A OP2   1 
ATOM   349 O "O5'" . G   A 1 19 ? 19.220  -0.589  3.807   1.00 64.24  ? 19  G   A "O5'" 1 
ATOM   350 C "C5'" . G   A 1 19 ? 19.848  0.347   2.942   1.00 63.69  ? 19  G   A "C5'" 1 
ATOM   351 C "C4'" . G   A 1 19 ? 19.380  0.117   1.529   1.00 65.07  ? 19  G   A "C4'" 1 
ATOM   352 O "O4'" . G   A 1 19 ? 17.932  0.042   1.516   1.00 65.17  ? 19  G   A "O4'" 1 
ATOM   353 C "C3'" . G   A 1 19 ? 19.724  1.207   0.530   1.00 65.93  ? 19  G   A "C3'" 1 
ATOM   354 O "O3'" . G   A 1 19 ? 21.024  1.006   0.001   1.00 67.03  ? 19  G   A "O3'" 1 
ATOM   355 C "C2'" . G   A 1 19 ? 18.630  1.030   -0.513  1.00 65.37  ? 19  G   A "C2'" 1 
ATOM   356 O "O2'" . G   A 1 19 ? 18.865  -0.058  -1.381  1.00 64.79  ? 19  G   A "O2'" 1 
ATOM   357 C "C1'" . G   A 1 19 ? 17.428  0.718   0.378   1.00 64.86  ? 19  G   A "C1'" 1 
ATOM   358 N N9    . G   A 1 19 ? 16.771  1.928   0.851   1.00 64.49  ? 19  G   A N9    1 
ATOM   359 C C8    . G   A 1 19 ? 16.731  2.393   2.142   1.00 64.33  ? 19  G   A C8    1 
ATOM   360 N N7    . G   A 1 19 ? 16.090  3.523   2.259   1.00 64.25  ? 19  G   A N7    1 
ATOM   361 C C5    . G   A 1 19 ? 15.675  3.813   0.971   1.00 63.83  ? 19  G   A C5    1 
ATOM   362 C C6    . G   A 1 19 ? 14.923  4.901   0.478   1.00 64.96  ? 19  G   A C6    1 
ATOM   363 O O6    . G   A 1 19 ? 14.448  5.858   1.109   1.00 64.66  ? 19  G   A O6    1 
ATOM   364 N N1    . G   A 1 19 ? 14.729  4.804   -0.899  1.00 65.39  ? 19  G   A N1    1 
ATOM   365 C C2    . G   A 1 19 ? 15.190  3.779   -1.694  1.00 64.87  ? 19  G   A C2    1 
ATOM   366 N N2    . G   A 1 19 ? 14.897  3.862   -2.995  1.00 65.34  ? 19  G   A N2    1 
ATOM   367 N N3    . G   A 1 19 ? 15.883  2.752   -1.242  1.00 64.26  ? 19  G   A N3    1 
ATOM   368 C C4    . G   A 1 19 ? 16.088  2.834   0.090   1.00 64.72  ? 19  G   A C4    1 
ATOM   369 P P     . U   A 1 20 ? 21.865  2.265   -0.514  1.00 69.19  ? 20  U   A P     1 
ATOM   370 O OP1   . U   A 1 20 ? 23.125  1.718   -1.082  1.00 69.31  ? 20  U   A OP1   1 
ATOM   371 O OP2   . U   A 1 20 ? 21.922  3.318   0.531   1.00 67.23  ? 20  U   A OP2   1 
ATOM   372 O "O5'" . U   A 1 20 ? 20.977  2.848   -1.694  1.00 69.74  ? 20  U   A "O5'" 1 
ATOM   373 C "C5'" . U   A 1 20 ? 20.815  2.143   -2.913  1.00 66.91  ? 20  U   A "C5'" 1 
ATOM   374 C "C4'" . U   A 1 20 ? 20.084  3.011   -3.892  1.00 67.09  ? 20  U   A "C4'" 1 
ATOM   375 O "O4'" . U   A 1 20 ? 18.755  3.261   -3.377  1.00 66.63  ? 20  U   A "O4'" 1 
ATOM   376 C "C3'" . U   A 1 20 ? 20.667  4.407   -4.046  1.00 68.76  ? 20  U   A "C3'" 1 
ATOM   377 O "O3'" . U   A 1 20 ? 21.745  4.428   -4.963  1.00 70.27  ? 20  U   A "O3'" 1 
ATOM   378 C "C2'" . U   A 1 20 ? 19.472  5.193   -4.566  1.00 68.48  ? 20  U   A "C2'" 1 
ATOM   379 O "O2'" . U   A 1 20 ? 19.227  5.014   -5.946  1.00 70.25  ? 20  U   A "O2'" 1 
ATOM   380 C "C1'" . U   A 1 20 ? 18.340  4.565   -3.755  1.00 68.18  ? 20  U   A "C1'" 1 
ATOM   381 N N1    . U   A 1 20 ? 18.065  5.349   -2.546  1.00 67.97  ? 20  U   A N1    1 
ATOM   382 C C2    . U   A 1 20 ? 17.315  6.498   -2.708  1.00 67.88  ? 20  U   A C2    1 
ATOM   383 O O2    . U   A 1 20 ? 16.879  6.857   -3.790  1.00 68.61  ? 20  U   A O2    1 
ATOM   384 N N3    . U   A 1 20 ? 17.101  7.216   -1.566  1.00 67.31  ? 20  U   A N3    1 
ATOM   385 C C4    . U   A 1 20 ? 17.558  6.921   -0.304  1.00 69.14  ? 20  U   A C4    1 
ATOM   386 O O4    . U   A 1 20 ? 17.292  7.690   0.624   1.00 70.83  ? 20  U   A O4    1 
ATOM   387 C C5    . U   A 1 20 ? 18.327  5.710   -0.211  1.00 68.68  ? 20  U   A C5    1 
ATOM   388 C C6    . U   A 1 20 ? 18.542  4.980   -1.311  1.00 67.28  ? 20  U   A C6    1 
ATOM   389 P P     . C   A 1 21 ? 22.851  5.579   -4.851  1.00 73.02  ? 21  C   A P     1 
ATOM   390 O OP1   . C   A 1 21 ? 24.012  5.125   -5.658  1.00 73.95  ? 21  C   A OP1   1 
ATOM   391 O OP2   . C   A 1 21 ? 23.037  5.897   -3.420  1.00 71.97  ? 21  C   A OP2   1 
ATOM   392 O "O5'" . C   A 1 21 ? 22.192  6.839   -5.570  1.00 73.68  ? 21  C   A "O5'" 1 
ATOM   393 C "C5'" . C   A 1 21 ? 21.968  6.845   -6.976  1.00 76.04  ? 21  C   A "C5'" 1 
ATOM   394 C "C4'" . C   A 1 21 ? 21.096  8.017   -7.360  1.00 79.57  ? 21  C   A "C4'" 1 
ATOM   395 O "O4'" . C   A 1 21 ? 19.839  7.925   -6.635  1.00 80.36  ? 21  C   A "O4'" 1 
ATOM   396 C "C3'" . C   A 1 21 ? 21.616  9.399   -6.992  1.00 81.95  ? 21  C   A "C3'" 1 
ATOM   397 O "O3'" . C   A 1 21 ? 22.513  9.909   -7.968  1.00 85.39  ? 21  C   A "O3'" 1 
ATOM   398 C "C2'" . C   A 1 21 ? 20.335  10.217  -6.968  1.00 81.65  ? 21  C   A "C2'" 1 
ATOM   399 O "O2'" . C   A 1 21 ? 19.872  10.551  -8.264  1.00 82.92  ? 21  C   A "O2'" 1 
ATOM   400 C "C1'" . C   A 1 21 ? 19.377  9.230   -6.310  1.00 80.57  ? 21  C   A "C1'" 1 
ATOM   401 N N1    . C   A 1 21 ? 19.383  9.373   -4.846  1.00 79.59  ? 21  C   A N1    1 
ATOM   402 C C2    . C   A 1 21 ? 18.499  10.282  -4.258  1.00 79.04  ? 21  C   A C2    1 
ATOM   403 O O2    . C   A 1 21 ? 17.737  10.933  -4.989  1.00 79.44  ? 21  C   A O2    1 
ATOM   404 N N3    . C   A 1 21 ? 18.495  10.424  -2.906  1.00 77.41  ? 21  C   A N3    1 
ATOM   405 C C4    . C   A 1 21 ? 19.325  9.690   -2.156  1.00 76.31  ? 21  C   A C4    1 
ATOM   406 N N4    . C   A 1 21 ? 19.275  9.836   -0.830  1.00 73.50  ? 21  C   A N4    1 
ATOM   407 C C5    . C   A 1 21 ? 20.240  8.763   -2.733  1.00 77.83  ? 21  C   A C5    1 
ATOM   408 C C6    . C   A 1 21 ? 20.235  8.637   -4.070  1.00 79.29  ? 21  C   A C6    1 
ATOM   409 P P     . G   A 1 22 ? 23.603  11.018  -7.546  1.00 87.77  ? 22  G   A P     1 
ATOM   410 O OP1   . G   A 1 22 ? 24.433  11.252  -8.754  1.00 87.52  ? 22  G   A OP1   1 
ATOM   411 O OP2   . G   A 1 22 ? 24.248  10.573  -6.281  1.00 86.81  ? 22  G   A OP2   1 
ATOM   412 O "O5'" . G   A 1 22 ? 22.759  12.340  -7.252  1.00 85.35  ? 22  G   A "O5'" 1 
ATOM   413 C "C5'" . G   A 1 22 ? 22.117  13.028  -8.314  1.00 84.37  ? 22  G   A "C5'" 1 
ATOM   414 C "C4'" . G   A 1 22 ? 21.111  14.017  -7.781  1.00 84.35  ? 22  G   A "C4'" 1 
ATOM   415 O "O4'" . G   A 1 22 ? 20.237  13.347  -6.833  1.00 83.95  ? 22  G   A "O4'" 1 
ATOM   416 C "C3'" . G   A 1 22 ? 21.625  15.192  -6.968  1.00 84.61  ? 22  G   A "C3'" 1 
ATOM   417 O "O3'" . G   A 1 22 ? 22.154  16.231  -7.786  1.00 86.12  ? 22  G   A "O3'" 1 
ATOM   418 C "C2'" . G   A 1 22 ? 20.341  15.651  -6.285  1.00 83.88  ? 22  G   A "C2'" 1 
ATOM   419 O "O2'" . G   A 1 22 ? 19.481  16.370  -7.146  1.00 82.54  ? 22  G   A "O2'" 1 
ATOM   420 C "C1'" . G   A 1 22 ? 19.703  14.307  -5.927  1.00 82.51  ? 22  G   A "C1'" 1 
ATOM   421 N N9    . G   A 1 22 ? 20.055  13.923  -4.566  1.00 80.03  ? 22  G   A N9    1 
ATOM   422 C C8    . G   A 1 22 ? 20.868  12.890  -4.170  1.00 79.33  ? 22  G   A C8    1 
ATOM   423 N N7    . G   A 1 22 ? 21.032  12.836  -2.875  1.00 78.59  ? 22  G   A N7    1 
ATOM   424 C C5    . G   A 1 22 ? 20.274  13.892  -2.388  1.00 77.89  ? 22  G   A C5    1 
ATOM   425 C C6    . G   A 1 22 ? 20.074  14.351  -1.051  1.00 77.16  ? 22  G   A C6    1 
ATOM   426 O O6    . G   A 1 22 ? 20.546  13.898  0.004   1.00 75.99  ? 22  G   A O6    1 
ATOM   427 N N1    . G   A 1 22 ? 19.226  15.453  -1.011  1.00 75.47  ? 22  G   A N1    1 
ATOM   428 C C2    . G   A 1 22 ? 18.644  16.040  -2.105  1.00 76.36  ? 22  G   A C2    1 
ATOM   429 N N2    . G   A 1 22 ? 17.843  17.087  -1.856  1.00 75.78  ? 22  G   A N2    1 
ATOM   430 N N3    . G   A 1 22 ? 18.828  15.630  -3.352  1.00 77.27  ? 22  G   A N3    1 
ATOM   431 C C4    . G   A 1 22 ? 19.652  14.562  -3.417  1.00 78.20  ? 22  G   A C4    1 
ATOM   432 P P     . C   A 1 23 ? 23.376  17.134  -7.241  1.00 86.12  ? 23  C   A P     1 
ATOM   433 O OP1   . C   A 1 23 ? 23.935  17.850  -8.415  1.00 86.40  ? 23  C   A OP1   1 
ATOM   434 O OP2   . C   A 1 23 ? 24.261  16.274  -6.410  1.00 83.40  ? 23  C   A OP2   1 
ATOM   435 O "O5'" . C   A 1 23 ? 22.693  18.220  -6.289  1.00 85.81  ? 23  C   A "O5'" 1 
ATOM   436 C "C5'" . C   A 1 23 ? 21.819  19.229  -6.813  1.00 83.61  ? 23  C   A "C5'" 1 
ATOM   437 C "C4'" . C   A 1 23 ? 21.200  20.037  -5.684  1.00 82.42  ? 23  C   A "C4'" 1 
ATOM   438 O "O4'" . C   A 1 23 ? 20.418  19.155  -4.828  1.00 81.69  ? 23  C   A "O4'" 1 
ATOM   439 C "C3'" . C   A 1 23 ? 22.166  20.720  -4.724  1.00 82.69  ? 23  C   A "C3'" 1 
ATOM   440 O "O3'" . C   A 1 23 ? 22.812  21.914  -5.212  1.00 83.18  ? 23  C   A "O3'" 1 
ATOM   441 C "C2'" . C   A 1 23 ? 21.303  20.897  -3.479  1.00 81.48  ? 23  C   A "C2'" 1 
ATOM   442 O "O2'" . C   A 1 23 ? 20.394  21.980  -3.567  1.00 80.55  ? 23  C   A "O2'" 1 
ATOM   443 C "C1'" . C   A 1 23 ? 20.523  19.580  -3.476  1.00 80.65  ? 23  C   A "C1'" 1 
ATOM   444 N N1    . C   A 1 23 ? 21.200  18.517  -2.714  1.00 79.22  ? 23  C   A N1    1 
ATOM   445 C C2    . C   A 1 23 ? 21.126  18.530  -1.316  1.00 78.24  ? 23  C   A C2    1 
ATOM   446 O O2    . C   A 1 23 ? 20.473  19.422  -0.755  1.00 77.75  ? 23  C   A O2    1 
ATOM   447 N N3    . C   A 1 23 ? 21.763  17.568  -0.612  1.00 78.12  ? 23  C   A N3    1 
ATOM   448 C C4    . C   A 1 23 ? 22.438  16.613  -1.250  1.00 77.85  ? 23  C   A C4    1 
ATOM   449 N N4    . C   A 1 23 ? 23.037  15.676  -0.512  1.00 76.68  ? 23  C   A N4    1 
ATOM   450 C C5    . C   A 1 23 ? 22.525  16.572  -2.672  1.00 78.30  ? 23  C   A C5    1 
ATOM   451 C C6    . C   A 1 23 ? 21.897  17.534  -3.357  1.00 78.54  ? 23  C   A C6    1 
ATOM   452 P P     . G   B 1 3  ? 21.263  15.821  10.749  1.00 102.11 ? 26  G   B P     1 
ATOM   453 O OP1   . G   B 1 3  ? 20.166  14.795  10.507  1.00 100.82 ? 26  G   B OP1   1 
ATOM   454 O OP2   . G   B 1 3  ? 22.631  15.358  10.247  1.00 101.64 ? 26  G   B OP2   1 
ATOM   455 O "O5'" . G   B 1 3  ? 20.846  17.110  9.836   1.00 101.56 ? 26  G   B "O5'" 1 
ATOM   456 C "C5'" . G   B 1 3  ? 19.854  18.049  10.293  1.00 100.66 ? 26  G   B "C5'" 1 
ATOM   457 C "C4'" . G   B 1 3  ? 19.542  19.061  9.212   1.00 99.84  ? 26  G   B "C4'" 1 
ATOM   458 O "O4'" . G   B 1 3  ? 20.748  19.367  8.464   1.00 99.64  ? 26  G   B "O4'" 1 
ATOM   459 C "C3'" . G   B 1 3  ? 18.563  18.602  8.148   1.00 99.31  ? 26  G   B "C3'" 1 
ATOM   460 O "O3'" . G   B 1 3  ? 17.227  18.787  8.586   1.00 98.69  ? 26  G   B "O3'" 1 
ATOM   461 C "C2'" . G   B 1 3  ? 18.894  19.528  6.986   1.00 99.68  ? 26  G   B "C2'" 1 
ATOM   462 O "O2'" . G   B 1 3  ? 18.294  20.801  7.103   1.00 99.51  ? 26  G   B "O2'" 1 
ATOM   463 C "C1'" . G   B 1 3  ? 20.415  19.634  7.111   1.00 100.11 ? 26  G   B "C1'" 1 
ATOM   464 N N9    . G   B 1 3  ? 21.099  18.650  6.278   1.00 101.63 ? 26  G   B N9    1 
ATOM   465 C C8    . G   B 1 3  ? 21.886  17.604  6.704   1.00 101.96 ? 26  G   B C8    1 
ATOM   466 N N7    . G   B 1 3  ? 22.349  16.879  5.720   1.00 102.07 ? 26  G   B N7    1 
ATOM   467 C C5    . G   B 1 3  ? 21.841  17.485  4.577   1.00 101.86 ? 26  G   B C5    1 
ATOM   468 C C6    . G   B 1 3  ? 22.003  17.146  3.206   1.00 101.52 ? 26  G   B C6    1 
ATOM   469 O O6    . G   B 1 3  ? 22.645  16.210  2.713   1.00 101.10 ? 26  G   B O6    1 
ATOM   470 N N1    . G   B 1 3  ? 21.318  18.033  2.377   1.00 101.29 ? 26  G   B N1    1 
ATOM   471 C C2    . G   B 1 3  ? 20.574  19.107  2.808   1.00 101.55 ? 26  G   B C2    1 
ATOM   472 N N2    . G   B 1 3  ? 19.990  19.853  1.855   1.00 100.67 ? 26  G   B N2    1 
ATOM   473 N N3    . G   B 1 3  ? 20.413  19.430  4.082   1.00 101.72 ? 26  G   B N3    1 
ATOM   474 C C4    . G   B 1 3  ? 21.071  18.583  4.905   1.00 101.73 ? 26  G   B C4    1 
ATOM   475 P P     . C   B 1 4  ? 16.117  17.688  8.219   1.00 98.26  ? 27  C   B P     1 
ATOM   476 O OP1   . C   B 1 4  ? 14.971  17.907  9.130   1.00 98.25  ? 27  C   B OP1   1 
ATOM   477 O OP2   . C   B 1 4  ? 16.794  16.364  8.188   1.00 98.38  ? 27  C   B OP2   1 
ATOM   478 O "O5'" . C   B 1 4  ? 15.653  18.082  6.747   1.00 96.16  ? 27  C   B "O5'" 1 
ATOM   479 C "C5'" . C   B 1 4  ? 15.073  19.356  6.496   1.00 93.55  ? 27  C   B "C5'" 1 
ATOM   480 C "C4'" . C   B 1 4  ? 15.051  19.642  5.019   1.00 91.71  ? 27  C   B "C4'" 1 
ATOM   481 O "O4'" . C   B 1 4  ? 16.411  19.694  4.513   1.00 90.91  ? 27  C   B "O4'" 1 
ATOM   482 C "C3'" . C   B 1 4  ? 14.402  18.583  4.146   1.00 90.64  ? 27  C   B "C3'" 1 
ATOM   483 O "O3'" . C   B 1 4  ? 12.988  18.685  4.129   1.00 90.06  ? 27  C   B "O3'" 1 
ATOM   484 C "C2'" . C   B 1 4  ? 14.982  18.916  2.781   1.00 90.05  ? 27  C   B "C2'" 1 
ATOM   485 O "O2'" . C   B 1 4  ? 14.353  20.028  2.186   1.00 88.26  ? 27  C   B "O2'" 1 
ATOM   486 C "C1'" . C   B 1 4  ? 16.421  19.272  3.154   1.00 90.38  ? 27  C   B "C1'" 1 
ATOM   487 N N1    . C   B 1 4  ? 17.298  18.100  3.018   1.00 89.53  ? 27  C   B N1    1 
ATOM   488 C C2    . C   B 1 4  ? 17.695  17.720  1.739   1.00 88.38  ? 27  C   B C2    1 
ATOM   489 O O2    . C   B 1 4  ? 17.319  18.400  0.774   1.00 86.98  ? 27  C   B O2    1 
ATOM   490 N N3    . C   B 1 4  ? 18.475  16.624  1.583   1.00 87.82  ? 27  C   B N3    1 
ATOM   491 C C4    . C   B 1 4  ? 18.862  15.923  2.649   1.00 87.58  ? 27  C   B C4    1 
ATOM   492 N N4    . C   B 1 4  ? 19.622  14.851  2.447   1.00 85.92  ? 27  C   B N4    1 
ATOM   493 C C5    . C   B 1 4  ? 18.482  16.295  3.972   1.00 88.66  ? 27  C   B C5    1 
ATOM   494 C C6    . C   B 1 4  ? 17.707  17.383  4.109   1.00 89.97  ? 27  C   B C6    1 
ATOM   495 P P     . G   B 1 5  ? 12.117  17.418  3.663   1.00 90.58  ? 28  G   B P     1 
ATOM   496 O OP1   . G   B 1 5  ? 10.673  17.720  3.811   1.00 89.40  ? 28  G   B OP1   1 
ATOM   497 O OP2   . G   B 1 5  ? 12.702  16.242  4.360   1.00 90.77  ? 28  G   B OP2   1 
ATOM   498 O "O5'" . G   B 1 5  ? 12.409  17.280  2.104   1.00 87.77  ? 28  G   B "O5'" 1 
ATOM   499 C "C5'" . G   B 1 5  ? 11.757  18.133  1.176   1.00 84.61  ? 28  G   B "C5'" 1 
ATOM   500 C "C4'" . G   B 1 5  ? 12.107  17.742  -0.238  1.00 82.34  ? 28  G   B "C4'" 1 
ATOM   501 O "O4'" . G   B 1 5  ? 13.551  17.767  -0.404  1.00 80.46  ? 28  G   B "O4'" 1 
ATOM   502 C "C3'" . G   B 1 5  ? 11.749  16.330  -0.646  1.00 80.81  ? 28  G   B "C3'" 1 
ATOM   503 O "O3'" . G   B 1 5  ? 10.388  16.204  -0.991  1.00 81.52  ? 28  G   B "O3'" 1 
ATOM   504 C "C2'" . G   B 1 5  ? 12.645  16.128  -1.853  1.00 80.20  ? 28  G   B "C2'" 1 
ATOM   505 O "O2'" . G   B 1 5  ? 12.164  16.791  -3.002  1.00 78.95  ? 28  G   B "O2'" 1 
ATOM   506 C "C1'" . G   B 1 5  ? 13.933  16.786  -1.358  1.00 79.61  ? 28  G   B "C1'" 1 
ATOM   507 N N9    . G   B 1 5  ? 14.797  15.814  -0.698  1.00 77.65  ? 28  G   B N9    1 
ATOM   508 C C8    . G   B 1 5  ? 15.047  15.689  0.650   1.00 76.55  ? 28  G   B C8    1 
ATOM   509 N N7    . G   B 1 5  ? 15.846  14.695  0.934   1.00 75.84  ? 28  G   B N7    1 
ATOM   510 C C5    . G   B 1 5  ? 16.142  14.128  -0.301  1.00 74.86  ? 28  G   B C5    1 
ATOM   511 C C6    . G   B 1 5  ? 16.952  13.002  -0.633  1.00 73.21  ? 28  G   B C6    1 
ATOM   512 O O6    . G   B 1 5  ? 17.565  12.243  0.126   1.00 69.79  ? 28  G   B O6    1 
ATOM   513 N N1    . G   B 1 5  ? 16.995  12.791  -2.009  1.00 73.15  ? 28  G   B N1    1 
ATOM   514 C C2    . G   B 1 5  ? 16.333  13.549  -2.947  1.00 74.92  ? 28  G   B C2    1 
ATOM   515 N N2    . G   B 1 5  ? 16.504  13.188  -4.230  1.00 75.33  ? 28  G   B N2    1 
ATOM   516 N N3    . G   B 1 5  ? 15.559  14.586  -2.651  1.00 74.74  ? 28  G   B N3    1 
ATOM   517 C C4    . G   B 1 5  ? 15.514  14.817  -1.320  1.00 75.82  ? 28  G   B C4    1 
ATOM   518 P P     . U   B 1 6  ? 9.736   14.741  -1.063  1.00 84.24  ? 29  U   B P     1 
ATOM   519 O OP1   . U   B 1 6  ? 8.278   14.901  -1.285  1.00 83.98  ? 29  U   B OP1   1 
ATOM   520 O OP2   . U   B 1 6  ? 10.224  13.980  0.119   1.00 84.15  ? 29  U   B OP2   1 
ATOM   521 O "O5'" . U   B 1 6  ? 10.362  14.107  -2.384  1.00 82.00  ? 29  U   B "O5'" 1 
ATOM   522 C "C5'" . U   B 1 6  ? 10.086  14.680  -3.653  1.00 80.05  ? 29  U   B "C5'" 1 
ATOM   523 C "C4'" . U   B 1 6  ? 10.643  13.815  -4.746  1.00 78.86  ? 29  U   B "C4'" 1 
ATOM   524 O "O4'" . U   B 1 6  ? 12.089  13.788  -4.652  1.00 78.65  ? 29  U   B "O4'" 1 
ATOM   525 C "C3'" . U   B 1 6  ? 10.280  12.352  -4.652  1.00 78.35  ? 29  U   B "C3'" 1 
ATOM   526 O "O3'" . U   B 1 6  ? 8.975   12.099  -5.128  1.00 78.55  ? 29  U   B "O3'" 1 
ATOM   527 C "C2'" . U   B 1 6  ? 11.344  11.720  -5.529  1.00 78.76  ? 29  U   B "C2'" 1 
ATOM   528 O "O2'" . U   B 1 6  ? 11.082  11.878  -6.907  1.00 80.62  ? 29  U   B "O2'" 1 
ATOM   529 C "C1'" . U   B 1 6  ? 12.571  12.540  -5.135  1.00 78.64  ? 29  U   B "C1'" 1 
ATOM   530 N N1    . U   B 1 6  ? 13.333  11.885  -4.063  1.00 78.00  ? 29  U   B N1    1 
ATOM   531 C C2    . U   B 1 6  ? 14.250  10.904  -4.419  1.00 77.36  ? 29  U   B C2    1 
ATOM   532 O O2    . U   B 1 6  ? 14.492  10.605  -5.585  1.00 76.62  ? 29  U   B O2    1 
ATOM   533 N N3    . U   B 1 6  ? 14.875  10.290  -3.362  1.00 76.75  ? 29  U   B N3    1 
ATOM   534 C C4    . U   B 1 6  ? 14.690  10.556  -2.015  1.00 77.69  ? 29  U   B C4    1 
ATOM   535 O O4    . U   B 1 6  ? 15.246  9.845   -1.171  1.00 78.05  ? 29  U   B O4    1 
ATOM   536 C C5    . U   B 1 6  ? 13.758  11.607  -1.739  1.00 77.18  ? 29  U   B C5    1 
ATOM   537 C C6    . U   B 1 6  ? 13.128  12.218  -2.746  1.00 77.42  ? 29  U   B C6    1 
ATOM   538 P P     . C   B 1 7  ? 8.123   10.901  -4.477  1.00 79.52  ? 30  C   B P     1 
ATOM   539 O OP1   . C   B 1 7  ? 6.761   10.929  -5.078  1.00 78.37  ? 30  C   B OP1   1 
ATOM   540 O OP2   . C   B 1 7  ? 8.279   10.987  -2.999  1.00 77.41  ? 30  C   B OP2   1 
ATOM   541 O "O5'" . C   B 1 7  ? 8.878   9.589   -4.983  1.00 77.27  ? 30  C   B "O5'" 1 
ATOM   542 C "C5'" . C   B 1 7  ? 9.115   9.374   -6.372  1.00 73.90  ? 30  C   B "C5'" 1 
ATOM   543 C "C4'" . C   B 1 7  ? 10.111  8.257   -6.571  1.00 72.27  ? 30  C   B "C4'" 1 
ATOM   544 O "O4'" . C   B 1 7  ? 11.409  8.649   -6.047  1.00 71.42  ? 30  C   B "O4'" 1 
ATOM   545 C "C3'" . C   B 1 7  ? 9.818   6.955   -5.846  1.00 72.20  ? 30  C   B "C3'" 1 
ATOM   546 O "O3'" . C   B 1 7  ? 8.864   6.161   -6.540  1.00 72.96  ? 30  C   B "O3'" 1 
ATOM   547 C "C2'" . C   B 1 7  ? 11.190  6.294   -5.832  1.00 72.71  ? 30  C   B "C2'" 1 
ATOM   548 O "O2'" . C   B 1 7  ? 11.541  5.677   -7.049  1.00 72.19  ? 30  C   B "O2'" 1 
ATOM   549 C "C1'" . C   B 1 7  ? 12.098  7.497   -5.573  1.00 72.32  ? 30  C   B "C1'" 1 
ATOM   550 N N1    . C   B 1 7  ? 12.345  7.640   -4.126  1.00 71.75  ? 30  C   B N1    1 
ATOM   551 C C2    . C   B 1 7  ? 13.292  6.809   -3.527  1.00 70.46  ? 30  C   B C2    1 
ATOM   552 O O2    . C   B 1 7  ? 13.923  6.010   -4.244  1.00 69.85  ? 30  C   B O2    1 
ATOM   553 N N3    . C   B 1 7  ? 13.491  6.892   -2.187  1.00 69.69  ? 30  C   B N3    1 
ATOM   554 C C4    . C   B 1 7  ? 12.783  7.759   -1.457  1.00 69.76  ? 30  C   B C4    1 
ATOM   555 N N4    . C   B 1 7  ? 12.981  7.786   -0.136  1.00 68.99  ? 30  C   B N4    1 
ATOM   556 C C5    . C   B 1 7  ? 11.832  8.634   -2.047  1.00 70.87  ? 30  C   B C5    1 
ATOM   557 C C6    . C   B 1 7  ? 11.648  8.545   -3.373  1.00 72.33  ? 30  C   B C6    1 
ATOM   558 P P     . G   B 1 8  ? 8.052   5.010   -5.756  1.00 72.94  ? 31  G   B P     1 
ATOM   559 O OP1   . G   B 1 8  ? 7.177   4.324   -6.746  1.00 71.35  ? 31  G   B OP1   1 
ATOM   560 O OP2   . G   B 1 8  ? 7.450   5.613   -4.537  1.00 72.34  ? 31  G   B OP2   1 
ATOM   561 O "O5'" . G   B 1 8  ? 9.170   3.980   -5.272  1.00 70.65  ? 31  G   B "O5'" 1 
ATOM   562 C "C5'" . G   B 1 8  ? 9.829   3.126   -6.197  1.00 66.35  ? 31  G   B "C5'" 1 
ATOM   563 C "C4'" . G   B 1 8  ? 10.729  2.156   -5.467  1.00 64.69  ? 31  G   B "C4'" 1 
ATOM   564 O "O4'" . G   B 1 8  ? 11.726  2.904   -4.720  1.00 64.08  ? 31  G   B "O4'" 1 
ATOM   565 C "C3'" . G   B 1 8  ? 10.057  1.285   -4.422  1.00 63.85  ? 31  G   B "C3'" 1 
ATOM   566 O "O3'" . G   B 1 8  ? 9.477   0.132   -5.013  1.00 64.76  ? 31  G   B "O3'" 1 
ATOM   567 C "C2'" . G   B 1 8  ? 11.226  0.928   -3.509  1.00 62.89  ? 31  G   B "C2'" 1 
ATOM   568 O "O2'" . G   B 1 8  ? 12.036  -0.099  -4.027  1.00 60.86  ? 31  G   B "O2'" 1 
ATOM   569 C "C1'" . G   B 1 8  ? 12.003  2.245   -3.497  1.00 61.85  ? 31  G   B "C1'" 1 
ATOM   570 N N9    . G   B 1 8  ? 11.600  3.129   -2.405  1.00 60.68  ? 31  G   B N9    1 
ATOM   571 C C8    . G   B 1 8  ? 10.853  4.284   -2.496  1.00 57.47  ? 31  G   B C8    1 
ATOM   572 N N7    . G   B 1 8  ? 10.663  4.864   -1.341  1.00 56.16  ? 31  G   B N7    1 
ATOM   573 C C5    . G   B 1 8  ? 11.328  4.046   -0.431  1.00 57.32  ? 31  G   B C5    1 
ATOM   574 C C6    . G   B 1 8  ? 11.496  4.169   0.984   1.00 56.06  ? 31  G   B C6    1 
ATOM   575 O O6    . G   B 1 8  ? 11.085  5.064   1.740   1.00 52.47  ? 31  G   B O6    1 
ATOM   576 N N1    . G   B 1 8  ? 12.239  3.109   1.504   1.00 56.49  ? 31  G   B N1    1 
ATOM   577 C C2    . G   B 1 8  ? 12.765  2.071   0.770   1.00 56.56  ? 31  G   B C2    1 
ATOM   578 N N2    . G   B 1 8  ? 13.460  1.147   1.453   1.00 53.73  ? 31  G   B N2    1 
ATOM   579 N N3    . G   B 1 8  ? 12.622  1.949   -0.541  1.00 59.52  ? 31  G   B N3    1 
ATOM   580 C C4    . G   B 1 8  ? 11.901  2.965   -1.072  1.00 59.28  ? 31  G   B C4    1 
ATOM   581 P P     . C   B 1 9  ? 8.178   -0.537  -4.344  1.00 65.65  ? 32  C   B P     1 
ATOM   582 O OP1   . C   B 1 9  ? 7.642   -1.549  -5.285  1.00 66.99  ? 32  C   B OP1   1 
ATOM   583 O OP2   . C   B 1 9  ? 7.293   0.574   -3.877  1.00 64.54  ? 32  C   B OP2   1 
ATOM   584 O "O5'" . C   B 1 9  ? 8.766   -1.323  -3.089  1.00 63.29  ? 32  C   B "O5'" 1 
ATOM   585 C "C5'" . C   B 1 9  ? 9.784   -2.312  -3.249  1.00 61.26  ? 32  C   B "C5'" 1 
ATOM   586 C "C4'" . C   B 1 9  ? 10.279  -2.782  -1.897  1.00 60.20  ? 32  C   B "C4'" 1 
ATOM   587 O "O4'" . C   B 1 9  ? 11.036  -1.716  -1.253  1.00 59.68  ? 32  C   B "O4'" 1 
ATOM   588 C "C3'" . C   B 1 9  ? 9.200   -3.115  -0.881  1.00 59.48  ? 32  C   B "C3'" 1 
ATOM   589 O "O3'" . C   B 1 9  ? 8.658   -4.413  -1.050  1.00 57.23  ? 32  C   B "O3'" 1 
ATOM   590 C "C2'" . C   B 1 9  ? 9.954   -2.971  0.436   1.00 60.16  ? 32  C   B "C2'" 1 
ATOM   591 O "O2'" . C   B 1 9  ? 10.796  -4.065  0.729   1.00 61.75  ? 32  C   B "O2'" 1 
ATOM   592 C "C1'" . C   B 1 9  ? 10.809  -1.741  0.149   1.00 57.96  ? 32  C   B "C1'" 1 
ATOM   593 N N1    . C   B 1 9  ? 10.117  -0.499  0.541   1.00 58.32  ? 32  C   B N1    1 
ATOM   594 C C2    . C   B 1 9  ? 10.103  -0.143  1.891   1.00 56.37  ? 32  C   B C2    1 
ATOM   595 O O2    . C   B 1 9  ? 10.695  -0.866  2.699   1.00 57.18  ? 32  C   B O2    1 
ATOM   596 N N3    . C   B 1 9  ? 9.450   0.979   2.276   1.00 54.82  ? 32  C   B N3    1 
ATOM   597 C C4    . C   B 1 9  ? 8.838   1.740   1.363   1.00 56.82  ? 32  C   B C4    1 
ATOM   598 N N4    . C   B 1 9  ? 8.205   2.833   1.782   1.00 56.50  ? 32  C   B N4    1 
ATOM   599 C C5    . C   B 1 9  ? 8.849   1.411   -0.026  1.00 56.37  ? 32  C   B C5    1 
ATOM   600 C C6    . C   B 1 9  ? 9.493   0.291   -0.389  1.00 58.04  ? 32  C   B C6    1 
ATOM   601 P P     . G   B 1 10 ? 7.131   -4.691  -0.632  1.00 60.26  ? 33  G   B P     1 
ATOM   602 O OP1   . G   B 1 10 ? 6.750   -6.021  -1.157  1.00 59.96  ? 33  G   B OP1   1 
ATOM   603 O OP2   . G   B 1 10 ? 6.315   -3.502  -0.988  1.00 58.04  ? 33  G   B OP2   1 
ATOM   604 O "O5'" . G   B 1 10 ? 7.170   -4.797  0.954   1.00 59.03  ? 33  G   B "O5'" 1 
ATOM   605 C "C5'" . G   B 1 10 ? 7.803   -5.893  1.589   1.00 58.94  ? 33  G   B "C5'" 1 
ATOM   606 C "C4'" . G   B 1 10 ? 7.711   -5.745  3.086   1.00 59.44  ? 33  G   B "C4'" 1 
ATOM   607 O "O4'" . G   B 1 10 ? 8.410   -4.536  3.490   1.00 58.77  ? 33  G   B "O4'" 1 
ATOM   608 C "C3'" . G   B 1 10 ? 6.314   -5.544  3.640   1.00 59.52  ? 33  G   B "C3'" 1 
ATOM   609 O "O3'" . G   B 1 10 ? 5.611   -6.770  3.775   1.00 62.37  ? 33  G   B "O3'" 1 
ATOM   610 C "C2'" . G   B 1 10 ? 6.618   -4.904  4.982   1.00 59.15  ? 33  G   B "C2'" 1 
ATOM   611 O "O2'" . G   B 1 10 ? 7.099   -5.847  5.918   1.00 58.19  ? 33  G   B "O2'" 1 
ATOM   612 C "C1'" . G   B 1 10 ? 7.748   -3.949  4.596   1.00 58.27  ? 33  G   B "C1'" 1 
ATOM   613 N N9    . G   B 1 10 ? 7.274   -2.633  4.181   1.00 58.52  ? 33  G   B N9    1 
ATOM   614 C C8    . G   B 1 10 ? 7.199   -2.153  2.895   1.00 58.55  ? 33  G   B C8    1 
ATOM   615 N N7    . G   B 1 10 ? 6.758   -0.924  2.828   1.00 57.58  ? 33  G   B N7    1 
ATOM   616 C C5    . G   B 1 10 ? 6.525   -0.571  4.148   1.00 57.22  ? 33  G   B C5    1 
ATOM   617 C C6    . G   B 1 10 ? 6.064   0.647   4.696   1.00 55.66  ? 33  G   B C6    1 
ATOM   618 O O6    . G   B 1 10 ? 5.771   1.692   4.107   1.00 54.14  ? 33  G   B O6    1 
ATOM   619 N N1    . G   B 1 10 ? 5.967   0.580   6.086   1.00 57.09  ? 33  G   B N1    1 
ATOM   620 C C2    . G   B 1 10 ? 6.285   -0.520  6.854   1.00 59.17  ? 33  G   B C2    1 
ATOM   621 N N2    . G   B 1 10 ? 6.122   -0.386  8.186   1.00 57.44  ? 33  G   B N2    1 
ATOM   622 N N3    . G   B 1 10 ? 6.730   -1.668  6.350   1.00 58.83  ? 33  G   B N3    1 
ATOM   623 C C4    . G   B 1 10 ? 6.826   -1.620  5.000   1.00 58.30  ? 33  G   B C4    1 
ATOM   624 P P     . C   B 1 11 ? 4.012   -6.794  3.582   1.00 65.65  ? 34  C   B P     1 
ATOM   625 O OP1   . C   B 1 11 ? 3.556   -8.209  3.548   1.00 65.05  ? 34  C   B OP1   1 
ATOM   626 O OP2   . C   B 1 11 ? 3.692   -5.903  2.436   1.00 65.87  ? 34  C   B OP2   1 
ATOM   627 O "O5'" . C   B 1 11 ? 3.462   -6.101  4.913   1.00 64.24  ? 34  C   B "O5'" 1 
ATOM   628 C "C5'" . C   B 1 11 ? 3.762   -6.640  6.200   1.00 61.11  ? 34  C   B "C5'" 1 
ATOM   629 C "C4'" . C   B 1 11 ? 3.359   -5.674  7.294   1.00 61.72  ? 34  C   B "C4'" 1 
ATOM   630 O "O4'" . C   B 1 11 ? 4.185   -4.483  7.226   1.00 61.86  ? 34  C   B "O4'" 1 
ATOM   631 C "C3'" . C   B 1 11 ? 1.936   -5.146  7.241   1.00 61.89  ? 34  C   B "C3'" 1 
ATOM   632 O "O3'" . C   B 1 11 ? 1.029   -6.024  7.886   1.00 60.51  ? 34  C   B "O3'" 1 
ATOM   633 C "C2'" . C   B 1 11 ? 2.053   -3.859  8.039   1.00 62.57  ? 34  C   B "C2'" 1 
ATOM   634 O "O2'" . C   B 1 11 ? 2.064   -4.091  9.428   1.00 65.05  ? 34  C   B "O2'" 1 
ATOM   635 C "C1'" . C   B 1 11 ? 3.418   -3.349  7.586   1.00 61.78  ? 34  C   B "C1'" 1 
ATOM   636 N N1    . C   B 1 11 ? 3.305   -2.472  6.411   1.00 62.13  ? 34  C   B N1    1 
ATOM   637 C C2    . C   B 1 11 ? 2.970   -1.129  6.606   1.00 61.20  ? 34  C   B C2    1 
ATOM   638 O O2    . C   B 1 11 ? 2.794   -0.717  7.760   1.00 60.76  ? 34  C   B O2    1 
ATOM   639 N N3    . C   B 1 11 ? 2.855   -0.315  5.537   1.00 61.38  ? 34  C   B N3    1 
ATOM   640 C C4    . C   B 1 11 ? 3.076   -0.787  4.311   1.00 61.20  ? 34  C   B C4    1 
ATOM   641 N N4    . C   B 1 11 ? 2.968   0.063   3.288   1.00 61.99  ? 34  C   B N4    1 
ATOM   642 C C5    . C   B 1 11 ? 3.422   -2.150  4.080   1.00 62.30  ? 34  C   B C5    1 
ATOM   643 C C6    . C   B 1 11 ? 3.522   -2.951  5.149   1.00 62.24  ? 34  C   B C6    1 
ATOM   644 P P     . C   B 1 12 ? -0.459  -6.189  7.312   1.00 61.08  ? 35  C   B P     1 
ATOM   645 O OP1   . C   B 1 12 ? -1.021  -7.409  7.950   1.00 61.63  ? 35  C   B OP1   1 
ATOM   646 O OP2   . C   B 1 12 ? -0.403  -6.073  5.834   1.00 57.02  ? 35  C   B OP2   1 
ATOM   647 O "O5'" . C   B 1 12 ? -1.267  -4.931  7.850   1.00 58.13  ? 35  C   B "O5'" 1 
ATOM   648 C "C5'" . C   B 1 12 ? -1.592  -4.819  9.217   1.00 55.38  ? 35  C   B "C5'" 1 
ATOM   649 C "C4'" . C   B 1 12 ? -1.995  -3.407  9.539   1.00 56.59  ? 35  C   B "C4'" 1 
ATOM   650 O "O4'" . C   B 1 12 ? -0.903  -2.505  9.208   1.00 56.53  ? 35  C   B "O4'" 1 
ATOM   651 C "C3'" . C   B 1 12 ? -3.152  -2.841  8.739   1.00 56.87  ? 35  C   B "C3'" 1 
ATOM   652 O "O3'" . C   B 1 12 ? -4.387  -3.307  9.248   1.00 59.49  ? 35  C   B "O3'" 1 
ATOM   653 C "C2'" . C   B 1 12 ? -2.943  -1.347  8.951   1.00 55.49  ? 35  C   B "C2'" 1 
ATOM   654 O "O2'" . C   B 1 12 ? -3.262  -0.902  10.255  1.00 52.23  ? 35  C   B "O2'" 1 
ATOM   655 C "C1'" . C   B 1 12 ? -1.429  -1.256  8.781   1.00 54.06  ? 35  C   B "C1'" 1 
ATOM   656 N N1    . C   B 1 12 ? -1.060  -1.061  7.370   1.00 52.72  ? 35  C   B N1    1 
ATOM   657 C C2    . C   B 1 12 ? -1.177  0.220   6.821   1.00 50.23  ? 35  C   B C2    1 
ATOM   658 O O2    . C   B 1 12 ? -1.560  1.150   7.548   1.00 49.99  ? 35  C   B O2    1 
ATOM   659 N N3    . C   B 1 12 ? -0.863  0.412   5.523   1.00 48.18  ? 35  C   B N3    1 
ATOM   660 C C4    . C   B 1 12 ? -0.417  -0.604  4.785   1.00 50.00  ? 35  C   B C4    1 
ATOM   661 N N4    . C   B 1 12 ? -0.093  -0.355  3.508   1.00 48.81  ? 35  C   B N4    1 
ATOM   662 C C5    . C   B 1 12 ? -0.276  -1.921  5.320   1.00 50.24  ? 35  C   B C5    1 
ATOM   663 C C6    . C   B 1 12 ? -0.613  -2.103  6.605   1.00 50.21  ? 35  C   B C6    1 
ATOM   664 P P     . G   B 1 13 ? -5.642  -3.478  8.263   1.00 61.19  ? 36  G   B P     1 
ATOM   665 O OP1   . G   B 1 13 ? -6.700  -4.122  9.082   1.00 61.88  ? 36  G   B OP1   1 
ATOM   666 O OP2   . G   B 1 13 ? -5.188  -4.121  7.007   1.00 59.94  ? 36  G   B OP2   1 
ATOM   667 O "O5'" . G   B 1 13 ? -6.094  -1.986  7.955   1.00 57.78  ? 36  G   B "O5'" 1 
ATOM   668 C "C5'" . G   B 1 13 ? -6.356  -1.091  9.021   1.00 58.30  ? 36  G   B "C5'" 1 
ATOM   669 C "C4'" . G   B 1 13 ? -6.541  0.306   8.498   1.00 59.05  ? 36  G   B "C4'" 1 
ATOM   670 O "O4'" . G   B 1 13 ? -5.279  0.821   7.997   1.00 58.82  ? 36  G   B "O4'" 1 
ATOM   671 C "C3'" . G   B 1 13 ? -7.487  0.456   7.318   1.00 59.22  ? 36  G   B "C3'" 1 
ATOM   672 O "O3'" . G   B 1 13 ? -8.846  0.466   7.744   1.00 58.49  ? 36  G   B "O3'" 1 
ATOM   673 C "C2'" . G   B 1 13 ? -7.057  1.809   6.771   1.00 60.84  ? 36  G   B "C2'" 1 
ATOM   674 O "O2'" . G   B 1 13 ? -7.545  2.878   7.550   1.00 62.66  ? 36  G   B "O2'" 1 
ATOM   675 C "C1'" . G   B 1 13 ? -5.538  1.735   6.941   1.00 60.27  ? 36  G   B "C1'" 1 
ATOM   676 N N9    . G   B 1 13 ? -4.876  1.257   5.730   1.00 60.93  ? 36  G   B N9    1 
ATOM   677 C C8    . G   B 1 13 ? -4.362  0.002   5.498   1.00 59.87  ? 36  G   B C8    1 
ATOM   678 N N7    . G   B 1 13 ? -3.827  -0.121  4.315   1.00 58.42  ? 36  G   B N7    1 
ATOM   679 C C5    . G   B 1 13 ? -3.997  1.127   3.726   1.00 58.28  ? 36  G   B C5    1 
ATOM   680 C C6    . G   B 1 13 ? -3.610  1.598   2.444   1.00 58.20  ? 36  G   B C6    1 
ATOM   681 O O6    . G   B 1 13 ? -3.005  0.992   1.552   1.00 58.72  ? 36  G   B O6    1 
ATOM   682 N N1    . G   B 1 13 ? -3.988  2.922   2.249   1.00 57.36  ? 36  G   B N1    1 
ATOM   683 C C2    . G   B 1 13 ? -4.641  3.700   3.174   1.00 57.70  ? 36  G   B C2    1 
ATOM   684 N N2    . G   B 1 13 ? -4.915  4.954   2.796   1.00 56.83  ? 36  G   B N2    1 
ATOM   685 N N3    . G   B 1 13 ? -4.998  3.279   4.379   1.00 57.59  ? 36  G   B N3    1 
ATOM   686 C C4    . G   B 1 13 ? -4.646  1.988   4.584   1.00 59.07  ? 36  G   B C4    1 
ATOM   687 P P     . G   B 1 14 ? -10.021 0.086   6.705   1.00 60.34  ? 37  G   B P     1 
ATOM   688 O OP1   . G   B 1 14 ? -11.249 -0.016  7.519   1.00 62.48  ? 37  G   B OP1   1 
ATOM   689 O OP2   . G   B 1 14 ? -9.638  -1.049  5.831   1.00 58.90  ? 37  G   B OP2   1 
ATOM   690 O "O5'" . G   B 1 14 ? -10.160 1.382   5.789   1.00 61.15  ? 37  G   B "O5'" 1 
ATOM   691 C "C5'" . G   B 1 14 ? -10.525 2.645   6.346   1.00 58.82  ? 37  G   B "C5'" 1 
ATOM   692 C "C4'" . G   B 1 14 ? -10.453 3.724   5.286   1.00 59.52  ? 37  G   B "C4'" 1 
ATOM   693 O "O4'" . G   B 1 14 ? -9.071  3.937   4.871   1.00 57.77  ? 37  G   B "O4'" 1 
ATOM   694 C "C3'" . G   B 1 14 ? -11.179 3.393   3.991   1.00 58.95  ? 37  G   B "C3'" 1 
ATOM   695 O "O3'" . G   B 1 14 ? -12.569 3.671   4.111   1.00 59.74  ? 37  G   B "O3'" 1 
ATOM   696 C "C2'" . G   B 1 14 ? -10.479 4.313   2.998   1.00 57.83  ? 37  G   B "C2'" 1 
ATOM   697 O "O2'" . G   B 1 14 ? -10.938 5.644   3.087   1.00 57.44  ? 37  G   B "O2'" 1 
ATOM   698 C "C1'" . G   B 1 14 ? -9.027  4.233   3.482   1.00 57.28  ? 37  G   B "C1'" 1 
ATOM   699 N N9    . G   B 1 14 ? -8.245  3.194   2.803   1.00 57.13  ? 37  G   B N9    1 
ATOM   700 C C8    . G   B 1 14 ? -8.022  1.902   3.232   1.00 55.70  ? 37  G   B C8    1 
ATOM   701 N N7    . G   B 1 14 ? -7.296  1.200   2.397   1.00 54.59  ? 37  G   B N7    1 
ATOM   702 C C5    . G   B 1 14 ? -7.014  2.077   1.357   1.00 54.20  ? 37  G   B C5    1 
ATOM   703 C C6    . G   B 1 14 ? -6.253  1.886   0.164   1.00 54.96  ? 37  G   B C6    1 
ATOM   704 O O6    . G   B 1 14 ? -5.666  0.872   -0.228  1.00 54.60  ? 37  G   B O6    1 
ATOM   705 N N1    . G   B 1 14 ? -6.213  3.038   -0.609  1.00 55.66  ? 37  G   B N1    1 
ATOM   706 C C2    . G   B 1 14 ? -6.831  4.223   -0.291  1.00 56.87  ? 37  G   B C2    1 
ATOM   707 N N2    . G   B 1 14 ? -6.691  5.206   -1.185  1.00 56.61  ? 37  G   B N2    1 
ATOM   708 N N3    . G   B 1 14 ? -7.539  4.423   0.817   1.00 54.91  ? 37  G   B N3    1 
ATOM   709 C C4    . G   B 1 14 ? -7.590  3.314   1.590   1.00 55.06  ? 37  G   B C4    1 
ATOM   710 P P     . C   B 1 15 ? -13.630 2.883   3.189   1.00 62.07  ? 38  C   B P     1 
ATOM   711 O OP1   . C   B 1 15 ? -14.980 3.362   3.589   1.00 64.24  ? 38  C   B OP1   1 
ATOM   712 O OP2   . C   B 1 15 ? -13.338 1.425   3.190   1.00 59.84  ? 38  C   B OP2   1 
ATOM   713 O "O5'" . C   B 1 15 ? -13.333 3.428   1.723   1.00 58.52  ? 38  C   B "O5'" 1 
ATOM   714 C "C5'" . C   B 1 15 ? -13.459 4.807   1.432   1.00 55.84  ? 38  C   B "C5'" 1 
ATOM   715 C "C4'" . C   B 1 15 ? -12.847 5.122   0.086   1.00 55.05  ? 38  C   B "C4'" 1 
ATOM   716 O "O4'" . C   B 1 15 ? -11.407 4.937   0.145   1.00 52.87  ? 38  C   B "O4'" 1 
ATOM   717 C "C3'" . C   B 1 15 ? -13.271 4.240   -1.071  1.00 54.06  ? 38  C   B "C3'" 1 
ATOM   718 O "O3'" . C   B 1 15 ? -14.526 4.631   -1.610  1.00 55.12  ? 38  C   B "O3'" 1 
ATOM   719 C "C2'" . C   B 1 15 ? -12.138 4.483   -2.050  1.00 52.83  ? 38  C   B "C2'" 1 
ATOM   720 O "O2'" . C   B 1 15 ? -12.236 5.754   -2.643  1.00 54.12  ? 38  C   B "O2'" 1 
ATOM   721 C "C1'" . C   B 1 15 ? -10.939 4.481   -1.108  1.00 52.21  ? 38  C   B "C1'" 1 
ATOM   722 N N1    . C   B 1 15 ? -10.376 3.132   -0.935  1.00 51.12  ? 38  C   B N1    1 
ATOM   723 C C2    . C   B 1 15 ? -9.410  2.702   -1.833  1.00 48.65  ? 38  C   B C2    1 
ATOM   724 O O2    . C   B 1 15 ? -9.037  3.480   -2.709  1.00 48.80  ? 38  C   B O2    1 
ATOM   725 N N3    . C   B 1 15 ? -8.900  1.457   -1.721  1.00 49.81  ? 38  C   B N3    1 
ATOM   726 C C4    . C   B 1 15 ? -9.313  0.654   -0.740  1.00 52.11  ? 38  C   B C4    1 
ATOM   727 N N4    . C   B 1 15 ? -8.782  -0.573  -0.668  1.00 49.23  ? 38  C   B N4    1 
ATOM   728 C C5    . C   B 1 15 ? -10.291 1.073   0.211   1.00 52.34  ? 38  C   B C5    1 
ATOM   729 C C6    . C   B 1 15 ? -10.793 2.310   0.076   1.00 51.06  ? 38  C   B C6    1 
ATOM   730 P P     . G   B 1 16 ? -15.406 3.556   -2.416  1.00 57.07  ? 39  G   B P     1 
ATOM   731 O OP1   . G   B 1 16 ? -16.710 4.148   -2.795  1.00 56.97  ? 39  G   B OP1   1 
ATOM   732 O OP2   . G   B 1 16 ? -15.375 2.284   -1.651  1.00 54.81  ? 39  G   B OP2   1 
ATOM   733 O "O5'" . G   B 1 16 ? -14.577 3.322   -3.755  1.00 59.19  ? 39  G   B "O5'" 1 
ATOM   734 C "C5'" . G   B 1 16 ? -14.529 4.319   -4.769  1.00 59.76  ? 39  G   B "C5'" 1 
ATOM   735 C "C4'" . G   B 1 16 ? -13.822 3.782   -5.989  1.00 61.96  ? 39  G   B "C4'" 1 
ATOM   736 O "O4'" . G   B 1 16 ? -12.433 3.513   -5.659  1.00 60.56  ? 39  G   B "O4'" 1 
ATOM   737 C "C3'" . G   B 1 16 ? -14.343 2.452   -6.515  1.00 64.06  ? 39  G   B "C3'" 1 
ATOM   738 O "O3'" . G   B 1 16 ? -15.465 2.623   -7.378  1.00 69.62  ? 39  G   B "O3'" 1 
ATOM   739 C "C2'" . G   B 1 16 ? -13.140 1.927   -7.280  1.00 62.42  ? 39  G   B "C2'" 1 
ATOM   740 O "O2'" . G   B 1 16 ? -13.010 2.563   -8.535  1.00 60.76  ? 39  G   B "O2'" 1 
ATOM   741 C "C1'" . G   B 1 16 ? -11.997 2.356   -6.358  1.00 62.20  ? 39  G   B "C1'" 1 
ATOM   742 N N9    . G   B 1 16 ? -11.623 1.336   -5.380  1.00 60.82  ? 39  G   B N9    1 
ATOM   743 C C8    . G   B 1 16 ? -12.057 1.226   -4.078  1.00 59.54  ? 39  G   B C8    1 
ATOM   744 N N7    . G   B 1 16 ? -11.522 0.220   -3.441  1.00 56.66  ? 39  G   B N7    1 
ATOM   745 C C5    . G   B 1 16 ? -10.694 -0.377  -4.379  1.00 58.27  ? 39  G   B C5    1 
ATOM   746 C C6    . G   B 1 16 ? -9.852  -1.524  -4.271  1.00 59.81  ? 39  G   B C6    1 
ATOM   747 O O6    . G   B 1 16 ? -9.680  -2.272  -3.290  1.00 59.73  ? 39  G   B O6    1 
ATOM   748 N N1    . G   B 1 16 ? -9.179  -1.772  -5.467  1.00 57.33  ? 39  G   B N1    1 
ATOM   749 C C2    . G   B 1 16 ? -9.307  -1.029  -6.613  1.00 56.71  ? 39  G   B C2    1 
ATOM   750 N N2    . G   B 1 16 ? -8.567  -1.429  -7.657  1.00 58.28  ? 39  G   B N2    1 
ATOM   751 N N3    . G   B 1 16 ? -10.095 0.026   -6.730  1.00 56.68  ? 39  G   B N3    1 
ATOM   752 C C4    . G   B 1 16 ? -10.749 0.295   -5.581  1.00 58.47  ? 39  G   B C4    1 
ATOM   753 P P     . A   B 1 17 ? -16.581 1.460   -7.471  1.00 74.68  ? 40  A   B P     1 
ATOM   754 O OP1   . A   B 1 17 ? -17.341 1.645   -8.742  1.00 73.57  ? 40  A   B OP1   1 
ATOM   755 O OP2   . A   B 1 17 ? -17.308 1.418   -6.170  1.00 71.05  ? 40  A   B OP2   1 
ATOM   756 O "O5'" . A   B 1 17 ? -15.729 0.110   -7.564  1.00 76.23  ? 40  A   B "O5'" 1 
ATOM   757 C "C5'" . A   B 1 17 ? -15.724 -0.706  -8.743  1.00 76.86  ? 40  A   B "C5'" 1 
ATOM   758 C "C4'" . A   B 1 17 ? -16.498 -1.973  -8.483  1.00 77.39  ? 40  A   B "C4'" 1 
ATOM   759 O "O4'" . A   B 1 17 ? -17.913 -1.725  -8.723  1.00 79.66  ? 40  A   B "O4'" 1 
ATOM   760 C "C3'" . A   B 1 17 ? -16.243 -3.141  -9.408  1.00 77.11  ? 40  A   B "C3'" 1 
ATOM   761 O "O3'" . A   B 1 17 ? -15.065 -3.830  -9.044  1.00 77.06  ? 40  A   B "O3'" 1 
ATOM   762 C "C2'" . A   B 1 17 ? -17.452 -4.006  -9.106  1.00 77.99  ? 40  A   B "C2'" 1 
ATOM   763 O "O2'" . A   B 1 17 ? -17.293 -4.624  -7.848  1.00 77.23  ? 40  A   B "O2'" 1 
ATOM   764 C "C1'" . A   B 1 17 ? -18.561 -2.951  -9.032  1.00 80.94  ? 40  A   B "C1'" 1 
ATOM   765 N N9    . A   B 1 17 ? -19.289 -2.816  -10.302 1.00 83.96  ? 40  A   B N9    1 
ATOM   766 C C8    . A   B 1 17 ? -19.780 -3.849  -11.078 1.00 84.16  ? 40  A   B C8    1 
ATOM   767 N N7    . A   B 1 17 ? -20.383 -3.451  -12.174 1.00 84.20  ? 40  A   B N7    1 
ATOM   768 C C5    . A   B 1 17 ? -20.288 -2.065  -12.123 1.00 85.40  ? 40  A   B C5    1 
ATOM   769 C C6    . A   B 1 17 ? -20.725 -1.044  -13.009 1.00 85.91  ? 40  A   B C6    1 
ATOM   770 N N6    . A   B 1 17 ? -21.362 -1.276  -14.163 1.00 83.79  ? 40  A   B N6    1 
ATOM   771 N N1    . A   B 1 17 ? -20.472 0.238   -12.660 1.00 86.02  ? 40  A   B N1    1 
ATOM   772 C C2    . A   B 1 17 ? -19.820 0.473   -11.509 1.00 86.64  ? 40  A   B C2    1 
ATOM   773 N N3    . A   B 1 17 ? -19.353 -0.396  -10.602 1.00 85.68  ? 40  A   B N3    1 
ATOM   774 C C4    . A   B 1 17 ? -19.623 -1.658  -10.970 1.00 84.49  ? 40  A   B C4    1 
ATOM   775 P P     . A   B 1 18 ? -14.058 -4.338  -10.193 1.00 78.47  ? 41  A   B P     1 
ATOM   776 O OP1   . A   B 1 18 ? -13.258 -5.440  -9.599  1.00 78.66  ? 41  A   B OP1   1 
ATOM   777 O OP2   . A   B 1 18 ? -13.366 -3.134  -10.738 1.00 79.21  ? 41  A   B OP2   1 
ATOM   778 O "O5'" . A   B 1 18 ? -14.996 -4.948  -11.342 1.00 77.10  ? 41  A   B "O5'" 1 
ATOM   779 C "C5'" . A   B 1 18 ? -15.589 -6.253  -11.224 1.00 74.07  ? 41  A   B "C5'" 1 
ATOM   780 C "C4'" . A   B 1 18 ? -16.515 -6.534  -12.400 1.00 72.89  ? 41  A   B "C4'" 1 
ATOM   781 O "O4'" . A   B 1 18 ? -17.626 -5.585  -12.407 1.00 70.74  ? 41  A   B "O4'" 1 
ATOM   782 C "C3'" . A   B 1 18 ? -15.903 -6.398  -13.791 1.00 73.88  ? 41  A   B "C3'" 1 
ATOM   783 O "O3'" . A   B 1 18 ? -15.214 -7.590  -14.212 1.00 75.78  ? 41  A   B "O3'" 1 
ATOM   784 C "C2'" . A   B 1 18 ? -17.147 -6.190  -14.653 1.00 72.23  ? 41  A   B "C2'" 1 
ATOM   785 O "O2'" . A   B 1 18 ? -17.824 -7.408  -14.905 1.00 73.27  ? 41  A   B "O2'" 1 
ATOM   786 C "C1'" . A   B 1 18 ? -18.008 -5.298  -13.750 1.00 69.41  ? 41  A   B "C1'" 1 
ATOM   787 N N9    . A   B 1 18 ? -17.797 -3.868  -14.011 1.00 66.33  ? 41  A   B N9    1 
ATOM   788 C C8    . A   B 1 18 ? -17.072 -2.976  -13.252 1.00 65.58  ? 41  A   B C8    1 
ATOM   789 N N7    . A   B 1 18 ? -17.011 -1.769  -13.760 1.00 62.54  ? 41  A   B N7    1 
ATOM   790 C C5    . A   B 1 18 ? -17.749 -1.861  -14.931 1.00 61.50  ? 41  A   B C5    1 
ATOM   791 C C6    . A   B 1 18 ? -18.041 -0.922  -15.941 1.00 59.40  ? 41  A   B C6    1 
ATOM   792 N N6    . A   B 1 18 ? -17.589 0.331   -15.937 1.00 55.44  ? 41  A   B N6    1 
ATOM   793 N N1    . A   B 1 18 ? -18.810 -1.329  -16.974 1.00 57.96  ? 41  A   B N1    1 
ATOM   794 C C2    . A   B 1 18 ? -19.241 -2.598  -16.989 1.00 59.77  ? 41  A   B C2    1 
ATOM   795 N N3    . A   B 1 18 ? -19.022 -3.578  -16.109 1.00 62.29  ? 41  A   B N3    1 
ATOM   796 C C4    . A   B 1 18 ? -18.258 -3.142  -15.091 1.00 63.62  ? 41  A   B C4    1 
ATOM   797 P P     . G   B 1 19 ? -13.646 -7.796  -13.865 1.00 73.57  ? 42  G   B P     1 
ATOM   798 O OP1   . G   B 1 19 ? -12.935 -6.488  -13.928 1.00 73.80  ? 42  G   B OP1   1 
ATOM   799 O OP2   . G   B 1 19 ? -13.130 -8.934  -14.667 1.00 74.86  ? 42  G   B OP2   1 
ATOM   800 O "O5'" . G   B 1 19 ? -13.703 -8.253  -12.340 1.00 74.09  ? 42  G   B "O5'" 1 
ATOM   801 C "C5'" . G   B 1 19 ? -14.057 -9.579  -11.976 1.00 68.85  ? 42  G   B "C5'" 1 
ATOM   802 C "C4'" . G   B 1 19 ? -12.804 -10.389 -11.823 1.00 67.06  ? 42  G   B "C4'" 1 
ATOM   803 O "O4'" . G   B 1 19 ? -11.760 -9.527  -11.306 1.00 65.44  ? 42  G   B "O4'" 1 
ATOM   804 C "C3'" . G   B 1 19 ? -12.882 -11.547 -10.855 1.00 66.58  ? 42  G   B "C3'" 1 
ATOM   805 O "O3'" . G   B 1 19 ? -13.332 -12.703 -11.530 1.00 67.52  ? 42  G   B "O3'" 1 
ATOM   806 C "C2'" . G   B 1 19 ? -11.431 -11.669 -10.430 1.00 65.68  ? 42  G   B "C2'" 1 
ATOM   807 O "O2'" . G   B 1 19 ? -10.654 -12.218 -11.469 1.00 67.00  ? 42  G   B "O2'" 1 
ATOM   808 C "C1'" . G   B 1 19 ? -11.058 -10.196 -10.285 1.00 64.67  ? 42  G   B "C1'" 1 
ATOM   809 N N9    . G   B 1 19 ? -11.510 -9.636  -9.019  1.00 62.89  ? 42  G   B N9    1 
ATOM   810 C C8    . G   B 1 19 ? -12.423 -8.626  -8.843  1.00 61.96  ? 42  G   B C8    1 
ATOM   811 N N7    . G   B 1 19 ? -12.662 -8.365  -7.587  1.00 62.80  ? 42  G   B N7    1 
ATOM   812 C C5    . G   B 1 19 ? -11.853 -9.256  -6.892  1.00 62.10  ? 42  G   B C5    1 
ATOM   813 C C6    . G   B 1 19 ? -11.690 -9.459  -5.496  1.00 60.08  ? 42  G   B C6    1 
ATOM   814 O O6    . G   B 1 19 ? -12.255 -8.875  -4.558  1.00 59.10  ? 42  G   B O6    1 
ATOM   815 N N1    . G   B 1 19 ? -10.759 -10.461 -5.233  1.00 59.07  ? 42  G   B N1    1 
ATOM   816 C C2    . G   B 1 19 ? -10.071 -11.176 -6.187  1.00 59.77  ? 42  G   B C2    1 
ATOM   817 N N2    . G   B 1 19 ? -9.193  -12.091 -5.742  1.00 59.25  ? 42  G   B N2    1 
ATOM   818 N N3    . G   B 1 19 ? -10.225 -11.004 -7.484  1.00 61.12  ? 42  G   B N3    1 
ATOM   819 C C4    . G   B 1 19 ? -11.124 -10.036 -7.765  1.00 62.42  ? 42  G   B C4    1 
ATOM   820 P P     . U   B 1 20 ? -14.201 -13.788 -10.740 1.00 68.48  ? 43  U   B P     1 
ATOM   821 O OP1   . U   B 1 20 ? -14.579 -14.844 -11.709 1.00 69.61  ? 43  U   B OP1   1 
ATOM   822 O OP2   . U   B 1 20 ? -15.261 -13.071 -9.982  1.00 68.96  ? 43  U   B OP2   1 
ATOM   823 O "O5'" . U   B 1 20 ? -13.174 -14.391 -9.685  1.00 67.24  ? 43  U   B "O5'" 1 
ATOM   824 C "C5'" . U   B 1 20 ? -12.016 -15.091 -10.104 1.00 65.57  ? 43  U   B "C5'" 1 
ATOM   825 C "C4'" . U   B 1 20 ? -11.266 -15.599 -8.902  1.00 67.05  ? 43  U   B "C4'" 1 
ATOM   826 O "O4'" . U   B 1 20 ? -10.806 -14.464 -8.126  1.00 67.21  ? 43  U   B "O4'" 1 
ATOM   827 C "C3'" . U   B 1 20 ? -12.089 -16.409 -7.905  1.00 67.67  ? 43  U   B "C3'" 1 
ATOM   828 O "O3'" . U   B 1 20 ? -12.184 -17.778 -8.265  1.00 69.75  ? 43  U   B "O3'" 1 
ATOM   829 C "C2'" . U   B 1 20 ? -11.282 -16.248 -6.628  1.00 67.87  ? 43  U   B "C2'" 1 
ATOM   830 O "O2'" . U   B 1 20 ? -10.147 -17.097 -6.562  1.00 65.32  ? 43  U   B "O2'" 1 
ATOM   831 C "C1'" . U   B 1 20 ? -10.868 -14.780 -6.739  1.00 67.91  ? 43  U   B "C1'" 1 
ATOM   832 N N1    . U   B 1 20 ? -11.859 -13.900 -6.101  1.00 66.81  ? 43  U   B N1    1 
ATOM   833 C C2    . U   B 1 20 ? -11.906 -13.898 -4.719  1.00 66.14  ? 43  U   B C2    1 
ATOM   834 O O2    . U   B 1 20 ? -11.161 -14.570 -4.035  1.00 67.69  ? 43  U   B O2    1 
ATOM   835 N N3    . U   B 1 20 ? -12.858 -13.076 -4.171  1.00 66.21  ? 43  U   B N3    1 
ATOM   836 C C4    . U   B 1 20 ? -13.748 -12.269 -4.850  1.00 65.95  ? 43  U   B C4    1 
ATOM   837 O O4    . U   B 1 20 ? -14.557 -11.594 -4.209  1.00 66.97  ? 43  U   B O4    1 
ATOM   838 C C5    . U   B 1 20 ? -13.635 -12.317 -6.274  1.00 65.09  ? 43  U   B C5    1 
ATOM   839 C C6    . U   B 1 20 ? -12.716 -13.113 -6.839  1.00 66.51  ? 43  U   B C6    1 
ATOM   840 P P     . C   B 1 21 ? -13.547 -18.582 -7.980  1.00 72.23  ? 44  C   B P     1 
ATOM   841 O OP1   . C   B 1 21 ? -13.494 -19.771 -8.867  1.00 73.79  ? 44  C   B OP1   1 
ATOM   842 O OP2   . C   B 1 21 ? -14.697 -17.645 -8.088  1.00 70.64  ? 44  C   B OP2   1 
ATOM   843 O "O5'" . C   B 1 21 ? -13.437 -19.047 -6.454  1.00 70.35  ? 44  C   B "O5'" 1 
ATOM   844 C "C5'" . C   B 1 21 ? -12.453 -19.984 -6.034  1.00 69.92  ? 44  C   B "C5'" 1 
ATOM   845 C "C4'" . C   B 1 21 ? -12.280 -19.937 -4.528  1.00 72.64  ? 44  C   B "C4'" 1 
ATOM   846 O "O4'" . C   B 1 21 ? -11.917 -18.585 -4.137  1.00 71.72  ? 44  C   B "O4'" 1 
ATOM   847 C "C3'" . C   B 1 21 ? -13.500 -20.243 -3.664  1.00 74.47  ? 44  C   B "C3'" 1 
ATOM   848 O "O3'" . C   B 1 21 ? -13.702 -21.638 -3.459  1.00 78.37  ? 44  C   B "O3'" 1 
ATOM   849 C "C2'" . C   B 1 21 ? -13.117 -19.574 -2.354  1.00 73.46  ? 44  C   B "C2'" 1 
ATOM   850 O "O2'" . C   B 1 21 ? -12.176 -20.322 -1.609  1.00 72.09  ? 44  C   B "O2'" 1 
ATOM   851 C "C1'" . C   B 1 21 ? -12.478 -18.287 -2.869  1.00 71.02  ? 44  C   B "C1'" 1 
ATOM   852 N N1    . C   B 1 21 ? -13.499 -17.250 -3.055  1.00 69.57  ? 44  C   B N1    1 
ATOM   853 C C2    . C   B 1 21 ? -13.989 -16.580 -1.929  1.00 68.86  ? 44  C   B C2    1 
ATOM   854 O O2    . C   B 1 21 ? -13.538 -16.878 -0.806  1.00 67.10  ? 44  C   B O2    1 
ATOM   855 N N3    . C   B 1 21 ? -14.939 -15.622 -2.094  1.00 68.24  ? 44  C   B N3    1 
ATOM   856 C C4    . C   B 1 21 ? -15.381 -15.321 -3.320  1.00 67.34  ? 44  C   B C4    1 
ATOM   857 N N4    . C   B 1 21 ? -16.294 -14.356 -3.437  1.00 66.38  ? 44  C   B N4    1 
ATOM   858 C C5    . C   B 1 21 ? -14.901 -15.994 -4.479  1.00 67.24  ? 44  C   B C5    1 
ATOM   859 C C6    . C   B 1 21 ? -13.969 -16.943 -4.302  1.00 68.81  ? 44  C   B C6    1 
ATOM   860 P P     . G   B 1 22 ? -15.195 -22.199 -3.227  1.00 81.05  ? 45  G   B P     1 
ATOM   861 O OP1   . G   B 1 22 ? -15.129 -23.677 -3.334  1.00 81.29  ? 45  G   B OP1   1 
ATOM   862 O OP2   . G   B 1 22 ? -16.111 -21.442 -4.117  1.00 79.89  ? 45  G   B OP2   1 
ATOM   863 O "O5'" . G   B 1 22 ? -15.540 -21.815 -1.715  1.00 80.36  ? 45  G   B "O5'" 1 
ATOM   864 C "C5'" . G   B 1 22 ? -14.841 -22.424 -0.639  1.00 79.68  ? 45  G   B "C5'" 1 
ATOM   865 C "C4'" . G   B 1 22 ? -15.139 -21.718 0.663   1.00 80.83  ? 45  G   B "C4'" 1 
ATOM   866 O "O4'" . G   B 1 22 ? -14.736 -20.322 0.564   1.00 80.33  ? 45  G   B "O4'" 1 
ATOM   867 C "C3'" . G   B 1 22 ? -16.592 -21.635 1.107   1.00 81.51  ? 45  G   B "C3'" 1 
ATOM   868 O "O3'" . G   B 1 22 ? -17.050 -22.853 1.705   1.00 84.18  ? 45  G   B "O3'" 1 
ATOM   869 C "C2'" . G   B 1 22 ? -16.501 -20.492 2.113   1.00 80.97  ? 45  G   B "C2'" 1 
ATOM   870 O "O2'" . G   B 1 22 ? -15.823 -20.868 3.296   1.00 79.93  ? 45  G   B "O2'" 1 
ATOM   871 C "C1'" . G   B 1 22 ? -15.602 -19.516 1.353   1.00 79.05  ? 45  G   B "C1'" 1 
ATOM   872 N N9    . G   B 1 22 ? -16.378 -18.645 0.467   1.00 77.52  ? 45  G   B N9    1 
ATOM   873 C C8    . G   B 1 22 ? -16.468 -18.714 -0.905  1.00 77.16  ? 45  G   B C8    1 
ATOM   874 N N7    . G   B 1 22 ? -17.274 -17.819 -1.413  1.00 75.09  ? 45  G   B N7    1 
ATOM   875 C C5    . G   B 1 22 ? -17.737 -17.108 -0.315  1.00 74.97  ? 45  G   B C5    1 
ATOM   876 C C6    . G   B 1 22 ? -18.654 -16.019 -0.237  1.00 74.22  ? 45  G   B C6    1 
ATOM   877 O O6    . G   B 1 22 ? -19.256 -15.437 -1.161  1.00 71.39  ? 45  G   B O6    1 
ATOM   878 N N1    . G   B 1 22 ? -18.850 -15.617 1.079   1.00 74.97  ? 45  G   B N1    1 
ATOM   879 C C2    . G   B 1 22 ? -18.250 -16.187 2.182   1.00 75.59  ? 45  G   B C2    1 
ATOM   880 N N2    . G   B 1 22 ? -18.579 -15.669 3.382   1.00 75.02  ? 45  G   B N2    1 
ATOM   881 N N3    . G   B 1 22 ? -17.393 -17.191 2.119   1.00 74.59  ? 45  G   B N3    1 
ATOM   882 C C4    . G   B 1 22 ? -17.188 -17.601 0.854   1.00 75.27  ? 45  G   B C4    1 
ATOM   883 P P     . C   B 1 23 ? -18.593 -23.312 1.527   1.00 85.78  ? 46  C   B P     1 
ATOM   884 O OP1   . C   B 1 23 ? -18.726 -24.708 2.003   1.00 86.33  ? 46  C   B OP1   1 
ATOM   885 O OP2   . C   B 1 23 ? -19.059 -22.962 0.160   1.00 85.41  ? 46  C   B OP2   1 
ATOM   886 O "O5'" . C   B 1 23 ? -19.380 -22.397 2.562   1.00 86.19  ? 46  C   B "O5'" 1 
ATOM   887 C "C5'" . C   B 1 23 ? -19.021 -22.392 3.941   1.00 85.51  ? 46  C   B "C5'" 1 
ATOM   888 C "C4'" . C   B 1 23 ? -19.734 -21.275 4.660   1.00 85.33  ? 46  C   B "C4'" 1 
ATOM   889 O "O4'" . C   B 1 23 ? -19.372 -20.009 4.049   1.00 85.72  ? 46  C   B "O4'" 1 
ATOM   890 C "C3'" . C   B 1 23 ? -21.250 -21.294 4.565   1.00 84.79  ? 46  C   B "C3'" 1 
ATOM   891 O "O3'" . C   B 1 23 ? -21.835 -22.218 5.475   1.00 84.39  ? 46  C   B "O3'" 1 
ATOM   892 C "C2'" . C   B 1 23 ? -21.602 -19.844 4.866   1.00 85.54  ? 46  C   B "C2'" 1 
ATOM   893 O "O2'" . C   B 1 23 ? -21.576 -19.564 6.254   1.00 85.50  ? 46  C   B "O2'" 1 
ATOM   894 C "C1'" . C   B 1 23 ? -20.459 -19.102 4.159   1.00 84.71  ? 46  C   B "C1'" 1 
ATOM   895 N N1    . C   B 1 23 ? -20.810 -18.613 2.810   1.00 82.83  ? 46  C   B N1    1 
ATOM   896 C C2    . C   B 1 23 ? -21.626 -17.484 2.704   1.00 82.40  ? 46  C   B C2    1 
ATOM   897 O O2    . C   B 1 23 ? -21.993 -16.914 3.744   1.00 83.97  ? 46  C   B O2    1 
ATOM   898 N N3    . C   B 1 23 ? -21.992 -17.041 1.478   1.00 80.58  ? 46  C   B N3    1 
ATOM   899 C C4    . C   B 1 23 ? -21.562 -17.673 0.385   1.00 79.43  ? 46  C   B C4    1 
ATOM   900 N N4    . C   B 1 23 ? -21.962 -17.208 -0.799  1.00 77.97  ? 46  C   B N4    1 
ATOM   901 C C5    . C   B 1 23 ? -20.707 -18.813 0.462   1.00 79.36  ? 46  C   B C5    1 
ATOM   902 C C6    . C   B 1 23 ? -20.360 -19.246 1.684   1.00 81.04  ? 46  C   B C6    1 
HETATM 903 C C11   . 6HS C 2 .  ? -12.768 -4.292  -4.405  1.00 53.74  ? 101 6HS A C11   1 
HETATM 904 C C12   . 6HS C 2 .  ? -16.287 -8.359  -4.019  1.00 57.61  ? 101 6HS A C12   1 
HETATM 905 C C13   . 6HS C 2 .  ? -15.093 -9.205  -0.844  1.00 68.45  ? 101 6HS A C13   1 
HETATM 906 C C21   . 6HS C 2 .  ? -13.215 -2.826  -4.011  1.00 53.05  ? 101 6HS A C21   1 
HETATM 907 C C22   . 6HS C 2 .  ? -15.781 -8.191  -5.511  1.00 56.32  ? 101 6HS A C22   1 
HETATM 908 C C23   . 6HS C 2 .  ? -16.348 -9.675  -0.042  1.00 68.91  ? 101 6HS A C23   1 
HETATM 909 C C31   . 6HS C 2 .  ? -13.701 -2.036  -5.292  1.00 53.33  ? 101 6HS A C31   1 
HETATM 910 C C32   . 6HS C 2 .  ? -15.377 -6.686  -5.735  1.00 57.71  ? 101 6HS A C32   1 
HETATM 911 C C33   . 6HS C 2 .  ? -16.850 -8.444  0.805   1.00 70.30  ? 101 6HS A C33   1 
HETATM 912 C C41   . 6HS C 2 .  ? -12.832 -2.378  -6.576  1.00 53.40  ? 101 6HS A C41   1 
HETATM 913 C C42   . 6HS C 2 .  ? -14.232 -6.276  -4.708  1.00 56.72  ? 101 6HS A C42   1 
HETATM 914 C C43   . 6HS C 2 .  ? -15.659 -8.026  1.837   1.00 72.73  ? 101 6HS A C43   1 
HETATM 915 C C51   . 6HS C 2 .  ? -11.932 -3.396  -6.563  1.00 53.39  ? 101 6HS A C51   1 
HETATM 916 C C52   . 6HS C 2 .  ? -14.757 -6.461  -3.236  1.00 59.03  ? 101 6HS A C52   1 
HETATM 917 C C53   . 6HS C 2 .  ? -14.379 -7.622  1.035   1.00 71.99  ? 101 6HS A C53   1 
HETATM 918 C C61   . 6HS C 2 .  ? -11.071 -3.762  -7.774  1.00 53.41  ? 101 6HS A C61   1 
HETATM 919 C C62   . 6HS C 2 .  ? -15.134 -7.974  -3.024  1.00 59.27  ? 101 6HS A C62   1 
HETATM 920 C C83   . 6HS C 2 .  ? -15.984 -6.823  2.755   1.00 73.50  ? 101 6HS A C83   1 
HETATM 921 C C93   . 6HS C 2 .  ? -19.363 -8.310  1.094   1.00 68.30  ? 101 6HS A C93   1 
HETATM 922 N N12   . 6HS C 2 .  ? -16.651 -9.728  -3.818  1.00 56.08  ? 101 6HS A N12   1 
HETATM 923 N N21   . 6HS C 2 .  ? -14.285 -2.911  -3.023  1.00 54.85  ? 101 6HS A N21   1 
HETATM 924 N N32   . 6HS C 2 .  ? -14.901 -6.525  -7.120  1.00 57.73  ? 101 6HS A N32   1 
HETATM 925 N N33   . 6HS C 2 .  ? -18.071 -8.831  1.586   1.00 69.58  ? 101 6HS A N33   1 
HETATM 926 O O61   . 6HS C 2 .  ? -11.118 -5.199  -7.941  1.00 56.61  ? 101 6HS A O61   1 
HETATM 927 O O11   . 6HS C 2 .  ? -13.923 -4.943  -4.926  1.00 56.38  ? 101 6HS A O11   1 
HETATM 928 O O23   . 6HS C 2 .  ? -17.334 -10.090 -0.963  1.00 69.55  ? 101 6HS A O23   1 
HETATM 929 O O43   . 6HS C 2 .  ? -15.291 -9.092  2.695   1.00 75.03  ? 101 6HS A O43   1 
HETATM 930 O O51   . 6HS C 2 .  ? -11.713 -4.214  -5.408  1.00 52.45  ? 101 6HS A O51   1 
HETATM 931 O O52   . 6HS C 2 .  ? -13.710 -6.097  -2.311  1.00 60.32  ? 101 6HS A O52   1 
HETATM 932 O O53   . 6HS C 2 .  ? -14.002 -8.743  0.104   1.00 68.96  ? 101 6HS A O53   1 
HETATM 933 O O62   . 6HS C 2 .  ? -15.577 -8.128  -1.712  1.00 62.87  ? 101 6HS A O62   1 
HETATM 934 C C11   . 6HS D 2 .  ? 12.090  5.121   4.988   1.00 49.29  ? 101 6HS B C11   1 
HETATM 935 C C12   . 6HS D 2 .  ? 16.469  8.094   4.039   1.00 55.84  ? 101 6HS B C12   1 
HETATM 936 C C13   . 6HS D 2 .  ? 14.476  10.369  2.192   1.00 63.45  ? 101 6HS B C13   1 
HETATM 937 C C21   . 6HS D 2 .  ? 11.109  5.321   6.215   1.00 48.82  ? 101 6HS B C21   1 
HETATM 938 C C22   . 6HS D 2 .  ? 16.782  6.533   4.054   1.00 52.74  ? 101 6HS B C22   1 
HETATM 939 C C23   . 6HS D 2 .  ? 15.017  11.825  2.328   1.00 63.97  ? 101 6HS B C23   1 
HETATM 940 C C31   . 6HS D 2 .  ? 11.456  4.318   7.371   1.00 48.12  ? 101 6HS B C31   1 
HETATM 941 C C32   . 6HS D 2 .  ? 15.757  5.825   5.024   1.00 53.42  ? 101 6HS B C32   1 
HETATM 942 C C33   . 6HS D 2 .  ? 14.090  12.642  3.328   1.00 64.67  ? 101 6HS B C33   1 
HETATM 943 C C41   . 6HS D 2 .  ? 11.910  2.899   6.832   1.00 48.55  ? 101 6HS B C41   1 
HETATM 944 C C42   . 6HS D 2 .  ? 14.280  6.095   4.512   1.00 53.05  ? 101 6HS B C42   1 
HETATM 945 C C43   . 6HS D 2 .  ? 12.572  12.668  2.713   1.00 64.84  ? 101 6HS B C43   1 
HETATM 946 C C51   . 6HS D 2 .  ? 12.158  2.699   5.510   1.00 48.61  ? 101 6HS B C51   1 
HETATM 947 C C52   . 6HS D 2 .  ? 13.990  7.653   4.474   1.00 54.07  ? 101 6HS B C52   1 
HETATM 948 C C53   . 6HS D 2 .  ? 12.046  11.189  2.586   1.00 63.62  ? 101 6HS B C53   1 
HETATM 949 C C61   . 6HS D 2 .  ? 12.600  1.362   4.934   1.00 45.76  ? 101 6HS B C61   1 
HETATM 950 C C62   . 6HS D 2 .  ? 15.005  8.332   3.506   1.00 56.69  ? 101 6HS B C62   1 
HETATM 951 C C83   . 6HS D 2 .  ? 11.526  13.424  3.566   1.00 65.02  ? 101 6HS B C83   1 
HETATM 952 C C93   . 6HS D 2 .  ? 15.596  14.304  4.521   1.00 65.08  ? 101 6HS B C93   1 
HETATM 953 N N12   . 6HS D 2 .  ? 17.394  8.733   3.163   1.00 55.74  ? 101 6HS B N12   1 
HETATM 954 N N21   . 6HS D 2 .  ? 11.190  6.712   6.680   1.00 49.51  ? 101 6HS B N21   1 
HETATM 955 N N32   . 6HS D 2 .  ? 16.030  4.375   5.034   1.00 53.55  ? 101 6HS B N32   1 
HETATM 956 N N33   . 6HS D 2 .  ? 14.596  14.052  3.460   1.00 64.35  ? 101 6HS B N33   1 
HETATM 957 O O61   . 6HS D 2 .  ? 13.741  1.621   4.092   1.00 44.57  ? 101 6HS B O61   1 
HETATM 958 O O11   . 6HS D 2 .  ? 13.400  5.472   5.395   1.00 49.53  ? 101 6HS B O11   1 
HETATM 959 O O23   . 6HS D 2 .  ? 16.365  11.743  2.769   1.00 62.85  ? 101 6HS B O23   1 
HETATM 960 O O43   . 6HS D 2 .  ? 12.511  13.274  1.441   1.00 61.72  ? 101 6HS B O43   1 
HETATM 961 O O51   . 6HS D 2 .  ? 12.027  3.731   4.540   1.00 48.74  ? 101 6HS B O51   1 
HETATM 962 O O52   . 6HS D 2 .  ? 12.665  7.893   3.980   1.00 55.93  ? 101 6HS B O52   1 
HETATM 963 O O53   . 6HS D 2 .  ? 13.014  10.348  1.769   1.00 63.27  ? 101 6HS B O53   1 
HETATM 964 O O62   . 6HS D 2 .  ? 14.712  9.704   3.472   1.00 60.74  ? 101 6HS B O62   1 
HETATM 965 O O     . HOH E 3 .  ? 1.158   5.143   -0.076  1.00 34.75  ? 201 HOH A O     1 
HETATM 966 O O     . HOH E 3 .  ? 10.211  6.530   9.582   1.00 40.50  ? 202 HOH A O     1 
HETATM 967 O O     . HOH E 3 .  ? -3.357  2.962   -11.931 1.00 50.99  ? 203 HOH A O     1 
HETATM 968 O O     . HOH E 3 .  ? 1.600   -2.513  -11.872 1.00 64.33  ? 204 HOH A O     1 
HETATM 969 O O     . HOH F 3 .  ? -12.847 -17.923 3.828   1.00 47.37  ? 201 HOH B O     1 
HETATM 970 O O     . HOH F 3 .  ? 13.749  4.541   -7.471  1.00 65.13  ? 202 HOH B O     1 
HETATM 971 O O     . HOH F 3 .  ? 0.325   -2.340  1.606   1.00 40.69  ? 203 HOH B O     1 
HETATM 972 O O     . HOH F 3 .  ? -12.959 -3.467  5.976   1.00 56.15  ? 204 HOH B O     1 
HETATM 973 O O     . HOH F 3 .  ? 2.695   -1.183  -3.843  1.00 53.87  ? 205 HOH B O     1 
HETATM 974 O O     . HOH F 3 .  ? 4.914   2.450   1.564   1.00 42.45  ? 206 HOH B O     1 
HETATM 975 O O     . HOH F 3 .  ? 13.852  9.689   -8.639  1.00 50.19  ? 207 HOH B O     1 
# 
